data_8KBD
#
_entry.id   8KBD
#
_cell.length_a   138.719
_cell.length_b   145.072
_cell.length_c   149.989
_cell.angle_alpha   90.00
_cell.angle_beta   90.00
_cell.angle_gamma   90.00
#
_symmetry.space_group_name_H-M   'P 21 21 21'
#
loop_
_entity.id
_entity.type
_entity.pdbx_description
1 polymer 'Thoeris anti-defense 1'
2 polymer cAAG
3 non-polymer 'ZINC ION'
#
loop_
_entity_poly.entity_id
_entity_poly.type
_entity_poly.pdbx_seq_one_letter_code
_entity_poly.pdbx_strand_id
1 'polypeptide(L)'
;SSGLVPRGSHMEIKNGLCTQKYTKVYAEDKEKWKFNAPHHFIVGKADCEDEYIEPIEYVNFQEGPIKEYGINGVNNEDLI
LMVITRLQAFQDSPYKCRENAMAITKLQECLMWLGKRTLDREVKGIEGTSEI
;
A,B,G,H,I,J,K,L,C,D,E,F
2 'polyribonucleotide' AAG N,O,P,Q
#
loop_
_chem_comp.id
_chem_comp.type
_chem_comp.name
_chem_comp.formula
A RNA linking ADENOSINE-5'-MONOPHOSPHATE 'C10 H14 N5 O7 P'
G RNA linking GUANOSINE-5'-MONOPHOSPHATE 'C10 H14 N5 O8 P'
ZN non-polymer 'ZINC ION' 'Zn 2'
#
# COMPACT_ATOMS: atom_id res chain seq x y z
N GLY A 3 15.70 16.76 48.08
CA GLY A 3 15.36 15.64 47.22
C GLY A 3 16.51 14.76 46.73
N LEU A 4 17.62 14.76 47.46
CA LEU A 4 18.69 13.80 47.20
C LEU A 4 18.54 12.61 48.14
N VAL A 5 19.23 11.54 47.79
CA VAL A 5 19.40 10.39 48.68
C VAL A 5 20.79 9.83 48.47
N PRO A 6 21.31 9.13 49.47
CA PRO A 6 22.67 8.56 49.35
C PRO A 6 22.67 7.42 48.35
N ARG A 7 23.68 7.40 47.47
CA ARG A 7 23.75 6.26 46.57
C ARG A 7 23.99 4.99 47.38
N GLY A 8 25.07 4.99 48.16
CA GLY A 8 25.34 3.86 49.02
C GLY A 8 25.68 2.63 48.22
N SER A 9 24.96 1.54 48.51
CA SER A 9 25.20 0.21 47.94
C SER A 9 24.71 0.11 46.51
N HIS A 10 23.79 1.01 46.10
CA HIS A 10 23.16 0.94 44.79
C HIS A 10 24.20 0.90 43.69
N MET A 11 23.99 0.03 42.70
CA MET A 11 24.87 -0.05 41.54
C MET A 11 24.22 0.71 40.38
N GLU A 12 25.05 1.44 39.63
CA GLU A 12 24.60 2.18 38.47
C GLU A 12 24.60 1.24 37.27
N ILE A 13 23.52 1.25 36.51
CA ILE A 13 23.42 0.39 35.33
C ILE A 13 24.00 1.15 34.15
N LYS A 14 25.26 0.89 33.85
CA LYS A 14 25.91 1.48 32.68
C LYS A 14 25.79 0.49 31.53
N ASN A 15 25.31 0.96 30.38
CA ASN A 15 25.05 0.10 29.22
C ASN A 15 25.43 0.83 27.95
N GLY A 16 26.40 0.28 27.22
CA GLY A 16 26.86 0.90 25.98
C GLY A 16 25.75 1.39 25.07
N LEU A 17 24.60 0.72 25.08
CA LEU A 17 23.46 1.14 24.27
C LEU A 17 22.61 2.20 24.93
N CYS A 18 22.98 2.67 26.12
CA CYS A 18 22.20 3.66 26.87
C CYS A 18 23.05 4.87 27.18
N THR A 19 22.85 5.93 26.39
CA THR A 19 23.70 7.12 26.39
C THR A 19 23.83 7.83 27.74
N GLN A 20 22.83 7.68 28.62
CA GLN A 20 22.78 8.42 29.89
C GLN A 20 22.91 9.92 29.66
N LYS A 21 22.20 10.45 28.66
CA LYS A 21 22.27 11.88 28.44
C LYS A 21 21.49 12.62 29.54
N TYR A 22 20.27 12.20 29.80
CA TYR A 22 19.41 12.86 30.77
C TYR A 22 19.17 12.06 32.05
N THR A 23 19.22 10.73 31.99
CA THR A 23 18.79 9.92 33.11
C THR A 23 19.75 8.76 33.33
N LYS A 24 19.86 8.35 34.60
CA LYS A 24 20.68 7.23 35.02
C LYS A 24 19.81 6.21 35.74
N VAL A 25 19.96 4.94 35.35
CA VAL A 25 19.26 3.84 36.00
C VAL A 25 20.20 3.19 36.99
N TYR A 26 19.73 2.99 38.22
CA TYR A 26 20.41 2.22 39.23
C TYR A 26 19.57 1.04 39.69
N ALA A 27 20.25 0.01 40.16
CA ALA A 27 19.58 -1.11 40.81
C ALA A 27 20.20 -1.32 42.19
N GLU A 28 19.66 -2.34 42.86
CA GLU A 28 20.16 -2.77 44.16
C GLU A 28 21.56 -3.38 44.05
N ASP A 29 22.31 -3.26 45.14
CA ASP A 29 23.65 -3.85 45.20
C ASP A 29 23.62 -5.34 44.81
N LYS A 30 24.59 -5.75 43.99
CA LYS A 30 24.67 -7.15 43.57
C LYS A 30 24.58 -8.11 44.75
N GLU A 31 25.16 -7.71 45.90
CA GLU A 31 25.09 -8.53 47.10
C GLU A 31 23.66 -8.69 47.62
N LYS A 32 22.74 -7.80 47.23
CA LYS A 32 21.38 -7.85 47.73
C LYS A 32 20.41 -8.45 46.72
N TRP A 33 20.88 -9.05 45.64
CA TRP A 33 19.98 -9.56 44.62
C TRP A 33 19.35 -10.87 45.07
N LYS A 34 18.03 -10.86 45.23
CA LYS A 34 17.34 -12.10 45.59
C LYS A 34 17.03 -12.91 44.34
N PHE A 35 17.24 -14.21 44.40
CA PHE A 35 16.79 -15.16 43.38
C PHE A 35 17.40 -14.85 42.02
N ASN A 36 18.71 -14.57 42.01
CA ASN A 36 19.52 -14.38 40.81
C ASN A 36 19.31 -13.10 40.02
N ALA A 37 18.59 -12.09 40.50
CA ALA A 37 18.22 -10.98 39.63
C ALA A 37 18.03 -9.72 40.45
N PRO A 38 18.18 -8.55 39.84
CA PRO A 38 17.84 -7.32 40.57
C PRO A 38 16.35 -7.09 40.54
N HIS A 39 15.83 -6.47 41.61
CA HIS A 39 14.40 -6.25 41.71
C HIS A 39 13.99 -4.84 42.05
N HIS A 40 14.90 -3.98 42.51
CA HIS A 40 14.50 -2.65 42.95
C HIS A 40 15.36 -1.60 42.23
N PHE A 41 14.77 -0.93 41.24
CA PHE A 41 15.46 0.00 40.39
C PHE A 41 15.03 1.43 40.73
N ILE A 42 15.97 2.35 40.52
CA ILE A 42 15.73 3.79 40.58
C ILE A 42 16.11 4.41 39.24
N VAL A 43 15.24 5.22 38.69
CA VAL A 43 15.65 6.19 37.66
C VAL A 43 15.91 7.50 38.36
N GLY A 44 17.14 8.01 38.23
CA GLY A 44 17.50 9.30 38.77
C GLY A 44 17.98 10.25 37.67
N LYS A 45 18.09 11.53 38.04
CA LYS A 45 18.60 12.52 37.11
C LYS A 45 20.09 12.29 36.89
N ALA A 46 20.51 12.37 35.63
CA ALA A 46 21.88 11.98 35.28
C ALA A 46 22.88 13.01 35.77
N ASP A 47 22.50 14.28 35.81
CA ASP A 47 23.36 15.39 36.17
C ASP A 47 23.51 15.47 37.69
N CYS A 48 24.17 14.45 38.25
CA CYS A 48 24.26 14.27 39.68
C CYS A 48 25.56 13.53 40.00
N GLU A 49 26.10 13.78 41.19
CA GLU A 49 27.38 13.16 41.56
C GLU A 49 27.19 11.78 42.16
N ASP A 50 28.24 10.97 42.02
CA ASP A 50 28.18 9.55 42.36
C ASP A 50 27.69 9.31 43.77
N GLU A 51 27.97 10.23 44.71
CA GLU A 51 27.52 10.03 46.07
C GLU A 51 26.00 10.08 46.20
N TYR A 52 25.28 10.70 45.27
CA TYR A 52 23.84 10.77 45.42
C TYR A 52 23.13 10.23 44.20
N ILE A 53 21.87 9.89 44.42
CA ILE A 53 20.88 9.63 43.39
C ILE A 53 19.79 10.69 43.57
N GLU A 54 19.38 11.31 42.46
CA GLU A 54 18.25 12.24 42.47
C GLU A 54 17.02 11.54 41.89
N PRO A 55 16.24 10.86 42.71
CA PRO A 55 15.22 9.94 42.18
C PRO A 55 14.19 10.67 41.32
N ILE A 56 13.96 10.14 40.12
CA ILE A 56 12.85 10.56 39.28
C ILE A 56 11.76 9.52 39.39
N GLU A 57 12.14 8.28 39.64
CA GLU A 57 11.13 7.24 39.67
C GLU A 57 11.69 6.00 40.32
N TYR A 58 10.80 5.23 40.95
CA TYR A 58 11.13 3.92 41.51
C TYR A 58 10.31 2.84 40.83
N VAL A 59 10.98 1.74 40.47
CA VAL A 59 10.31 0.60 39.84
C VAL A 59 10.73 -0.66 40.57
N ASN A 60 9.77 -1.41 41.10
CA ASN A 60 10.04 -2.58 41.91
C ASN A 60 9.36 -3.79 41.31
N PHE A 61 10.13 -4.85 41.10
CA PHE A 61 9.69 -6.05 40.38
C PHE A 61 9.22 -7.12 41.34
N GLN A 62 8.38 -8.02 40.83
CA GLN A 62 7.93 -9.16 41.61
C GLN A 62 9.13 -9.90 42.19
N GLU A 63 9.26 -9.87 43.51
CA GLU A 63 10.30 -10.56 44.28
C GLU A 63 9.65 -11.76 44.99
N GLY A 64 10.31 -12.90 44.96
CA GLY A 64 9.75 -14.08 45.58
C GLY A 64 8.55 -14.70 44.88
N PRO A 65 8.14 -15.88 45.34
CA PRO A 65 6.92 -16.50 44.82
C PRO A 65 5.66 -15.82 45.35
N ILE A 66 4.66 -15.72 44.47
CA ILE A 66 3.59 -14.76 44.68
C ILE A 66 2.72 -15.22 45.84
N LYS A 67 2.41 -16.53 45.90
CA LYS A 67 1.64 -17.12 47.00
C LYS A 67 2.45 -17.25 48.27
N GLU A 68 3.62 -16.66 48.33
CA GLU A 68 4.40 -16.69 49.56
C GLU A 68 4.57 -15.31 50.17
N TYR A 69 4.89 -14.31 49.34
CA TYR A 69 5.12 -12.93 49.78
C TYR A 69 4.14 -11.94 49.19
N GLY A 70 3.19 -12.40 48.38
CA GLY A 70 2.21 -11.50 47.79
C GLY A 70 2.65 -10.91 46.46
N ILE A 71 1.74 -10.13 45.89
CA ILE A 71 2.06 -9.33 44.71
C ILE A 71 2.75 -8.05 45.21
N ASN A 72 4.07 -7.96 44.98
CA ASN A 72 4.91 -6.86 45.51
C ASN A 72 5.72 -6.19 44.41
N GLY A 73 5.24 -6.23 43.18
CA GLY A 73 5.86 -5.48 42.11
C GLY A 73 5.48 -6.02 40.75
N VAL A 74 6.13 -5.44 39.74
CA VAL A 74 5.71 -5.52 38.36
C VAL A 74 6.47 -6.61 37.63
N ASN A 75 5.96 -7.00 36.46
CA ASN A 75 6.60 -7.99 35.60
C ASN A 75 7.30 -7.27 34.44
N ASN A 76 8.26 -7.98 33.82
CA ASN A 76 8.89 -7.44 32.62
C ASN A 76 7.83 -7.10 31.57
N GLU A 77 6.97 -8.07 31.26
CA GLU A 77 5.88 -7.86 30.32
C GLU A 77 5.18 -6.52 30.55
N ASP A 78 4.98 -6.11 31.80
CA ASP A 78 4.19 -4.91 32.03
C ASP A 78 4.91 -3.67 31.53
N LEU A 79 6.22 -3.56 31.81
CA LEU A 79 7.00 -2.40 31.36
C LEU A 79 7.08 -2.38 29.85
N ILE A 80 7.34 -3.55 29.26
CA ILE A 80 7.35 -3.62 27.80
C ILE A 80 6.01 -3.20 27.25
N LEU A 81 4.91 -3.54 27.94
CA LEU A 81 3.59 -3.16 27.43
C LEU A 81 3.44 -1.66 27.43
N MET A 82 3.89 -1.01 28.51
CA MET A 82 3.83 0.46 28.54
C MET A 82 4.57 1.05 27.35
N VAL A 83 5.79 0.55 27.11
CA VAL A 83 6.60 1.17 26.07
C VAL A 83 5.99 0.92 24.71
N ILE A 84 5.39 -0.26 24.50
CA ILE A 84 4.70 -0.52 23.25
C ILE A 84 3.53 0.45 23.06
N THR A 85 2.77 0.69 24.14
CA THR A 85 1.66 1.62 24.08
C THR A 85 2.10 3.02 23.71
N ARG A 86 3.14 3.50 24.37
CA ARG A 86 3.63 4.82 24.03
C ARG A 86 4.13 4.87 22.60
N LEU A 87 4.96 3.92 22.16
CA LEU A 87 5.45 4.02 20.79
C LEU A 87 4.30 3.97 19.79
N GLN A 88 3.35 3.05 19.97
CA GLN A 88 2.20 3.01 19.08
C GLN A 88 1.47 4.35 19.07
N ALA A 89 1.34 4.98 20.24
CA ALA A 89 0.73 6.30 20.29
C ALA A 89 1.54 7.31 19.48
N PHE A 90 2.87 7.21 19.54
CA PHE A 90 3.72 8.12 18.76
C PHE A 90 3.56 7.86 17.27
N GLN A 91 3.30 6.61 16.88
CA GLN A 91 3.08 6.32 15.47
C GLN A 91 1.83 7.01 14.95
N ASP A 92 0.91 7.31 15.84
CA ASP A 92 -0.34 8.00 15.54
C ASP A 92 -0.19 9.47 15.93
N SER A 93 0.79 10.08 15.30
CA SER A 93 1.16 11.47 15.56
C SER A 93 2.11 11.95 14.46
N PRO A 94 2.47 13.23 14.44
CA PRO A 94 3.44 13.70 13.43
C PRO A 94 4.83 13.11 13.61
N TYR A 95 5.10 12.49 14.76
CA TYR A 95 6.43 11.94 15.03
C TYR A 95 6.54 10.50 14.55
N LYS A 96 5.51 10.01 13.85
CA LYS A 96 5.56 8.70 13.21
C LYS A 96 6.86 8.58 12.42
N CYS A 97 7.48 7.40 12.47
CA CYS A 97 8.68 7.14 11.69
C CYS A 97 8.97 5.66 11.68
N ARG A 98 9.96 5.26 10.87
CA ARG A 98 10.27 3.86 10.65
C ARG A 98 11.06 3.28 11.80
N GLU A 99 11.86 4.10 12.49
CA GLU A 99 12.56 3.60 13.66
C GLU A 99 11.57 3.14 14.72
N ASN A 100 10.55 3.96 14.98
CA ASN A 100 9.50 3.58 15.91
C ASN A 100 8.86 2.27 15.50
N ALA A 101 8.49 2.15 14.22
CA ALA A 101 7.84 0.94 13.74
C ALA A 101 8.72 -0.28 13.99
N MET A 102 10.03 -0.16 13.68
CA MET A 102 10.95 -1.26 13.89
C MET A 102 11.03 -1.63 15.36
N ALA A 103 11.18 -0.64 16.21
CA ALA A 103 11.21 -0.93 17.65
C ALA A 103 9.93 -1.62 18.10
N ILE A 104 8.76 -1.16 17.63
CA ILE A 104 7.52 -1.79 18.09
C ILE A 104 7.53 -3.25 17.71
N THR A 105 7.89 -3.55 16.46
CA THR A 105 8.01 -4.94 16.02
C THR A 105 8.93 -5.72 16.94
N LYS A 106 10.07 -5.13 17.29
CA LYS A 106 11.01 -5.84 18.14
C LYS A 106 10.38 -6.15 19.50
N LEU A 107 9.76 -5.15 20.13
CA LEU A 107 9.16 -5.35 21.45
C LEU A 107 8.08 -6.43 21.41
N GLN A 108 7.27 -6.44 20.35
CA GLN A 108 6.24 -7.47 20.28
C GLN A 108 6.90 -8.83 20.17
N GLU A 109 7.99 -8.94 19.40
CA GLU A 109 8.64 -10.24 19.29
C GLU A 109 9.31 -10.62 20.61
N CYS A 110 9.75 -9.62 21.37
CA CYS A 110 10.25 -9.90 22.70
C CYS A 110 9.16 -10.54 23.56
N LEU A 111 7.97 -9.93 23.57
CA LEU A 111 6.90 -10.52 24.36
C LEU A 111 6.63 -11.94 23.91
N MET A 112 6.56 -12.16 22.60
CA MET A 112 6.33 -13.50 22.07
C MET A 112 7.34 -14.50 22.60
N TRP A 113 8.57 -14.13 22.77
CA TRP A 113 9.54 -15.10 23.17
C TRP A 113 9.50 -15.40 24.61
N LEU A 114 9.26 -14.39 25.40
CA LEU A 114 9.16 -14.58 26.80
C LEU A 114 7.99 -15.45 27.13
N GLY A 115 6.90 -15.24 26.45
CA GLY A 115 5.72 -16.04 26.64
C GLY A 115 5.81 -17.46 26.26
N LYS A 116 6.66 -17.78 25.30
CA LYS A 116 6.80 -19.14 24.85
C LYS A 116 7.23 -19.89 26.01
N ARG A 117 8.10 -19.31 26.80
CA ARG A 117 8.63 -20.04 27.90
C ARG A 117 7.55 -20.44 28.82
N THR A 118 6.66 -19.50 29.12
CA THR A 118 5.59 -19.78 30.03
C THR A 118 4.73 -20.86 29.47
N LEU A 119 4.41 -20.79 28.19
CA LEU A 119 3.55 -21.74 27.57
C LEU A 119 4.15 -23.11 27.51
N ASP A 120 5.42 -23.19 27.22
CA ASP A 120 6.07 -24.47 27.14
C ASP A 120 6.03 -25.12 28.49
N ARG A 121 6.31 -24.34 29.52
CA ARG A 121 6.26 -24.86 30.86
C ARG A 121 4.88 -25.26 31.26
N GLU A 122 3.89 -24.52 30.85
CA GLU A 122 2.52 -24.85 31.15
C GLU A 122 2.13 -26.17 30.58
N VAL A 123 2.66 -26.53 29.43
CA VAL A 123 2.40 -27.84 28.90
C VAL A 123 2.95 -28.85 29.87
N LYS A 124 4.10 -28.56 30.44
CA LYS A 124 4.67 -29.45 31.43
C LYS A 124 4.13 -29.18 32.81
N GLY A 125 3.01 -28.47 32.90
CA GLY A 125 2.35 -28.31 34.19
C GLY A 125 2.89 -27.27 35.15
N ILE A 126 4.02 -26.65 34.84
CA ILE A 126 4.80 -25.96 35.86
C ILE A 126 4.95 -24.46 35.54
N GLU A 127 3.96 -23.65 35.89
CA GLU A 127 4.17 -22.20 35.80
C GLU A 127 3.48 -21.50 36.96
N GLY A 128 3.99 -20.30 37.29
CA GLY A 128 3.86 -19.71 38.60
C GLY A 128 4.91 -20.20 39.58
N THR A 129 5.65 -21.27 39.23
CA THR A 129 6.53 -22.07 40.07
C THR A 129 8.00 -21.93 39.65
N SER A 130 8.88 -22.61 40.40
CA SER A 130 10.35 -22.53 40.22
C SER A 130 10.92 -23.57 39.26
N GLU A 131 10.15 -24.57 38.86
CA GLU A 131 10.68 -25.72 38.13
C GLU A 131 11.22 -25.35 36.74
N SER B 1 -8.72 -1.82 50.82
CA SER B 1 -9.67 -0.75 51.00
C SER B 1 -8.92 0.54 51.03
N SER B 2 -7.75 0.52 51.65
CA SER B 2 -6.93 1.69 51.69
C SER B 2 -5.92 1.57 50.58
N GLY B 3 -5.99 0.46 49.84
CA GLY B 3 -5.10 0.28 48.73
C GLY B 3 -5.84 0.41 47.42
N LEU B 4 -7.03 0.98 47.44
CA LEU B 4 -7.83 1.10 46.25
C LEU B 4 -8.08 2.53 45.84
N VAL B 5 -8.02 2.81 44.54
CA VAL B 5 -8.33 4.12 44.03
C VAL B 5 -9.31 3.83 42.91
N PRO B 6 -10.18 4.76 42.58
CA PRO B 6 -11.15 4.42 41.57
C PRO B 6 -10.61 4.42 40.16
N ARG B 7 -11.18 3.63 39.27
CA ARG B 7 -10.62 3.57 37.95
C ARG B 7 -10.75 4.90 37.36
N GLY B 8 -11.95 5.41 37.40
CA GLY B 8 -12.19 6.69 36.80
C GLY B 8 -11.81 6.83 35.35
N SER B 9 -11.10 7.89 35.07
CA SER B 9 -10.65 8.11 33.73
C SER B 9 -9.35 7.41 33.51
N HIS B 10 -9.36 6.09 33.63
CA HIS B 10 -8.18 5.37 33.43
C HIS B 10 -8.58 4.31 32.52
N MET B 11 -7.66 3.85 31.69
CA MET B 11 -8.00 2.89 30.69
C MET B 11 -7.18 1.68 30.93
N GLU B 12 -7.67 0.53 30.49
CA GLU B 12 -6.97 -0.68 30.73
C GLU B 12 -6.29 -0.94 29.47
N ILE B 13 -5.01 -1.19 29.56
CA ILE B 13 -4.27 -1.44 28.38
C ILE B 13 -4.39 -2.91 28.33
N LYS B 14 -4.99 -3.41 27.28
CA LYS B 14 -5.14 -4.82 27.11
C LYS B 14 -4.35 -5.14 25.92
N ASN B 15 -3.52 -6.15 26.00
CA ASN B 15 -2.82 -6.57 24.83
C ASN B 15 -2.97 -8.01 24.79
N GLY B 16 -3.20 -8.51 23.62
CA GLY B 16 -3.34 -9.96 23.44
C GLY B 16 -2.09 -10.77 23.70
N LEU B 17 -0.92 -10.13 23.81
CA LEU B 17 0.29 -10.85 24.10
C LEU B 17 0.59 -10.94 25.59
N CYS B 18 -0.20 -10.28 26.43
CA CYS B 18 0.10 -10.13 27.84
C CYS B 18 -0.91 -10.89 28.70
N THR B 19 -0.39 -11.70 29.63
CA THR B 19 -1.18 -12.73 30.30
C THR B 19 -2.26 -12.15 31.23
N GLN B 20 -2.06 -10.94 31.79
CA GLN B 20 -2.96 -10.35 32.80
C GLN B 20 -3.36 -11.33 33.91
N LYS B 21 -2.53 -12.33 34.18
CA LYS B 21 -2.90 -13.32 35.18
C LYS B 21 -2.95 -12.70 36.56
N TYR B 22 -1.88 -12.01 36.97
CA TYR B 22 -1.89 -11.43 38.29
C TYR B 22 -2.04 -9.91 38.26
N THR B 23 -1.63 -9.25 37.18
CA THR B 23 -1.63 -7.80 37.10
C THR B 23 -2.35 -7.30 35.86
N LYS B 24 -2.81 -6.05 35.96
CA LYS B 24 -3.36 -5.28 34.86
C LYS B 24 -2.67 -3.92 34.80
N VAL B 25 -2.42 -3.42 33.58
CA VAL B 25 -1.75 -2.15 33.38
C VAL B 25 -2.79 -1.13 32.91
N TYR B 26 -2.83 0.03 33.57
CA TYR B 26 -3.74 1.12 33.26
C TYR B 26 -2.93 2.36 32.89
N ALA B 27 -3.59 3.27 32.21
CA ALA B 27 -2.99 4.52 31.84
C ALA B 27 -4.08 5.52 31.89
N GLU B 28 -3.76 6.78 31.67
CA GLU B 28 -4.75 7.82 31.64
C GLU B 28 -5.56 7.77 30.36
N ASP B 29 -6.75 8.34 30.38
CA ASP B 29 -7.61 8.27 29.23
C ASP B 29 -7.07 9.06 28.11
N LYS B 30 -7.45 8.72 26.90
CA LYS B 30 -6.86 9.34 25.73
C LYS B 30 -7.02 10.81 25.67
N GLU B 31 -8.14 11.30 26.13
CA GLU B 31 -8.39 12.71 26.06
C GLU B 31 -7.38 13.45 26.83
N LYS B 32 -6.97 12.88 27.94
CA LYS B 32 -6.05 13.56 28.81
C LYS B 32 -4.62 13.45 28.36
N TRP B 33 -4.35 12.64 27.36
CA TRP B 33 -3.01 12.46 26.93
C TRP B 33 -2.51 13.75 26.46
N LYS B 34 -1.28 14.03 26.79
CA LYS B 34 -0.70 15.24 26.37
C LYS B 34 0.50 14.85 25.64
N PHE B 35 0.95 15.68 24.72
CA PHE B 35 2.15 15.44 23.95
C PHE B 35 2.07 14.20 23.16
N ASN B 36 0.87 13.82 22.75
CA ASN B 36 0.63 12.66 21.88
C ASN B 36 0.75 11.26 22.43
N ALA B 37 0.82 11.10 23.75
CA ALA B 37 1.04 9.79 24.32
C ALA B 37 0.65 9.62 25.73
N PRO B 38 0.52 8.38 26.15
CA PRO B 38 0.26 8.18 27.54
C PRO B 38 1.49 8.32 28.38
N HIS B 39 1.42 9.13 29.42
CA HIS B 39 2.56 9.33 30.26
C HIS B 39 2.39 8.91 31.66
N HIS B 40 1.18 8.54 32.06
CA HIS B 40 0.91 8.17 33.43
C HIS B 40 0.30 6.82 33.53
N PHE B 41 1.08 5.83 33.93
CA PHE B 41 0.69 4.43 33.99
C PHE B 41 0.64 3.94 35.43
N ILE B 42 -0.21 2.95 35.63
CA ILE B 42 -0.44 2.30 36.91
C ILE B 42 -0.47 0.79 36.65
N VAL B 43 0.33 0.02 37.38
CA VAL B 43 0.16 -1.42 37.41
C VAL B 43 -0.58 -1.76 38.69
N GLY B 44 -1.67 -2.53 38.56
CA GLY B 44 -2.46 -2.93 39.71
C GLY B 44 -2.78 -4.41 39.61
N LYS B 45 -3.47 -4.92 40.63
CA LYS B 45 -3.76 -6.34 40.65
C LYS B 45 -5.01 -6.65 39.84
N ALA B 46 -5.07 -7.86 39.27
CA ALA B 46 -6.11 -8.22 38.33
C ALA B 46 -7.44 -8.46 39.03
N ASP B 47 -7.41 -9.09 40.20
CA ASP B 47 -8.61 -9.48 40.95
C ASP B 47 -9.04 -8.37 41.92
N CYS B 48 -9.38 -7.23 41.34
CA CYS B 48 -10.25 -6.25 41.98
C CYS B 48 -11.36 -5.94 40.99
N GLU B 49 -12.44 -5.35 41.48
CA GLU B 49 -13.56 -5.01 40.61
C GLU B 49 -13.16 -3.91 39.63
N ASP B 50 -13.85 -3.86 38.47
CA ASP B 50 -13.46 -2.91 37.41
C ASP B 50 -13.67 -1.45 37.81
N GLU B 51 -14.42 -1.17 38.88
CA GLU B 51 -14.68 0.20 39.35
C GLU B 51 -13.46 0.82 40.01
N TYR B 52 -12.50 -0.01 40.40
CA TYR B 52 -11.36 0.43 41.16
C TYR B 52 -10.09 -0.14 40.53
N ILE B 53 -8.99 0.45 40.93
CA ILE B 53 -7.67 -0.04 40.59
C ILE B 53 -6.95 -0.26 41.92
N GLU B 54 -6.28 -1.40 42.04
CA GLU B 54 -5.50 -1.70 43.25
C GLU B 54 -4.02 -1.51 42.95
N PRO B 55 -3.49 -0.29 43.08
CA PRO B 55 -2.18 0.00 42.48
C PRO B 55 -1.04 -0.75 43.17
N ILE B 56 -0.31 -1.53 42.38
CA ILE B 56 1.00 -2.08 42.77
C ILE B 56 2.12 -1.06 42.56
N GLU B 57 2.09 -0.33 41.44
CA GLU B 57 3.22 0.50 41.02
C GLU B 57 2.77 1.64 40.11
N TYR B 58 3.43 2.78 40.22
CA TYR B 58 3.14 3.90 39.37
C TYR B 58 4.37 4.26 38.59
N VAL B 59 4.31 4.18 37.27
CA VAL B 59 5.41 4.57 36.43
C VAL B 59 4.96 5.74 35.64
N ASN B 60 5.65 6.85 35.77
CA ASN B 60 5.27 8.05 35.10
C ASN B 60 6.37 8.46 34.16
N PHE B 61 6.01 8.66 32.90
CA PHE B 61 6.98 8.98 31.88
C PHE B 61 7.24 10.44 31.69
N GLN B 62 8.26 10.76 30.91
CA GLN B 62 8.63 12.13 30.71
C GLN B 62 7.59 12.79 29.91
N GLU B 63 6.99 13.83 30.48
CA GLU B 63 5.90 14.51 29.80
C GLU B 63 6.36 15.82 29.34
N GLY B 64 6.48 15.94 28.07
CA GLY B 64 6.89 17.19 27.52
C GLY B 64 8.31 17.15 27.14
N PRO B 65 8.67 17.92 26.08
CA PRO B 65 10.09 17.90 25.82
C PRO B 65 10.92 18.54 26.90
N ILE B 66 12.10 18.00 27.14
CA ILE B 66 12.94 18.47 28.21
C ILE B 66 13.40 19.89 28.04
N LYS B 67 13.80 20.24 26.85
CA LYS B 67 14.38 21.56 26.63
C LYS B 67 13.48 22.61 27.20
N GLU B 68 12.20 22.45 27.03
CA GLU B 68 11.24 23.34 27.65
C GLU B 68 10.80 22.97 29.04
N TYR B 69 10.55 21.68 29.28
CA TYR B 69 9.96 21.29 30.56
C TYR B 69 10.77 20.53 31.59
N GLY B 70 11.99 20.15 31.26
CA GLY B 70 12.84 19.48 32.22
C GLY B 70 12.54 18.02 32.42
N ILE B 71 13.03 17.46 33.51
CA ILE B 71 12.89 16.03 33.73
C ILE B 71 11.72 15.59 34.54
N ASN B 72 10.57 15.46 33.91
CA ASN B 72 9.39 14.97 34.57
C ASN B 72 9.42 13.52 34.97
N GLY B 73 9.96 12.64 34.13
CA GLY B 73 9.92 11.20 34.41
C GLY B 73 10.77 10.27 33.60
N VAL B 74 10.46 8.97 33.60
CA VAL B 74 11.28 8.01 32.92
C VAL B 74 11.16 8.01 31.44
N ASN B 75 12.16 7.45 30.78
CA ASN B 75 12.12 7.38 29.34
C ASN B 75 12.02 5.93 28.91
N ASN B 76 11.43 5.68 27.75
CA ASN B 76 11.25 4.29 27.35
C ASN B 76 12.54 3.49 27.53
N GLU B 77 13.67 4.09 27.14
CA GLU B 77 14.94 3.40 27.19
C GLU B 77 15.29 2.96 28.62
N ASP B 78 14.86 3.71 29.64
CA ASP B 78 15.17 3.34 31.01
C ASP B 78 14.47 2.03 31.39
N LEU B 79 13.19 1.92 31.06
CA LEU B 79 12.50 0.70 31.40
C LEU B 79 13.06 -0.48 30.61
N ILE B 80 13.45 -0.22 29.37
CA ILE B 80 14.00 -1.31 28.57
C ILE B 80 15.36 -1.73 29.13
N LEU B 81 16.12 -0.77 29.67
CA LEU B 81 17.38 -1.13 30.29
C LEU B 81 17.18 -2.00 31.52
N MET B 82 16.16 -1.66 32.34
CA MET B 82 15.78 -2.52 33.47
C MET B 82 15.52 -3.94 33.02
N VAL B 83 14.65 -4.10 32.03
CA VAL B 83 14.25 -5.45 31.63
C VAL B 83 15.43 -6.22 31.04
N ILE B 84 16.25 -5.56 30.22
CA ILE B 84 17.44 -6.23 29.70
C ILE B 84 18.32 -6.68 30.84
N THR B 85 18.55 -5.79 31.82
CA THR B 85 19.43 -6.12 32.93
C THR B 85 18.96 -7.39 33.65
N ARG B 86 17.65 -7.48 33.93
CA ARG B 86 17.14 -8.65 34.62
C ARG B 86 17.26 -9.89 33.74
N LEU B 87 16.90 -9.77 32.47
CA LEU B 87 16.98 -10.94 31.62
C LEU B 87 18.41 -11.44 31.52
N GLN B 88 19.39 -10.53 31.53
CA GLN B 88 20.77 -10.98 31.43
C GLN B 88 21.21 -11.66 32.71
N ALA B 89 20.71 -11.18 33.86
CA ALA B 89 20.95 -11.87 35.12
C ALA B 89 20.34 -13.27 35.12
N PHE B 90 19.10 -13.41 34.65
CA PHE B 90 18.52 -14.74 34.54
C PHE B 90 19.36 -15.61 33.64
N GLN B 91 19.90 -15.04 32.57
CA GLN B 91 20.78 -15.81 31.70
C GLN B 91 22.00 -16.32 32.49
N ASP B 92 22.49 -15.51 33.42
CA ASP B 92 23.66 -15.84 34.24
C ASP B 92 23.20 -16.47 35.57
N SER B 93 22.49 -17.58 35.43
CA SER B 93 21.90 -18.27 36.57
C SER B 93 21.65 -19.70 36.13
N PRO B 94 21.28 -20.59 37.05
CA PRO B 94 20.87 -21.93 36.62
C PRO B 94 19.73 -21.93 35.60
N TYR B 95 19.01 -20.82 35.41
CA TYR B 95 17.79 -20.83 34.62
C TYR B 95 18.00 -20.23 33.24
N LYS B 96 19.24 -20.13 32.82
CA LYS B 96 19.59 -19.73 31.47
C LYS B 96 18.73 -20.54 30.51
N CYS B 97 18.18 -19.87 29.51
CA CYS B 97 17.46 -20.59 28.47
C CYS B 97 17.49 -19.80 27.19
N ARG B 98 16.97 -20.44 26.13
CA ARG B 98 17.04 -19.88 24.80
C ARG B 98 16.04 -18.73 24.63
N GLU B 99 14.88 -18.85 25.25
CA GLU B 99 13.84 -17.84 25.08
C GLU B 99 14.28 -16.51 25.67
N ASN B 100 14.89 -16.54 26.87
CA ASN B 100 15.47 -15.32 27.45
C ASN B 100 16.56 -14.74 26.55
N ALA B 101 17.44 -15.57 25.99
CA ALA B 101 18.47 -15.02 25.12
C ALA B 101 17.84 -14.31 23.92
N MET B 102 16.82 -14.93 23.31
CA MET B 102 16.08 -14.31 22.23
C MET B 102 15.47 -12.98 22.64
N ALA B 103 14.83 -12.95 23.81
CA ALA B 103 14.19 -11.71 24.23
C ALA B 103 15.23 -10.65 24.51
N ILE B 104 16.40 -11.04 25.00
CA ILE B 104 17.44 -10.06 25.21
C ILE B 104 17.88 -9.49 23.86
N THR B 105 18.03 -10.36 22.86
CA THR B 105 18.43 -9.90 21.53
C THR B 105 17.42 -8.91 20.97
N LYS B 106 16.12 -9.27 21.03
CA LYS B 106 15.06 -8.39 20.52
C LYS B 106 15.07 -7.07 21.25
N LEU B 107 15.21 -7.08 22.58
CA LEU B 107 15.21 -5.81 23.32
C LEU B 107 16.40 -4.96 22.95
N GLN B 108 17.56 -5.59 22.74
CA GLN B 108 18.73 -4.80 22.36
C GLN B 108 18.54 -4.19 20.98
N GLU B 109 17.99 -4.96 20.04
CA GLU B 109 17.73 -4.42 18.71
C GLU B 109 16.78 -3.25 18.80
N CYS B 110 15.79 -3.35 19.69
CA CYS B 110 14.87 -2.25 19.95
C CYS B 110 15.61 -0.99 20.41
N LEU B 111 16.51 -1.15 21.39
CA LEU B 111 17.30 0.00 21.83
C LEU B 111 18.08 0.59 20.67
N MET B 112 18.60 -0.27 19.78
CA MET B 112 19.36 0.22 18.63
C MET B 112 18.52 1.04 17.67
N TRP B 113 17.32 0.58 17.34
CA TRP B 113 16.45 1.36 16.45
C TRP B 113 16.05 2.69 17.09
N LEU B 114 15.64 2.67 18.35
CA LEU B 114 15.40 3.93 19.06
C LEU B 114 16.65 4.81 19.02
N GLY B 115 17.82 4.18 19.10
CA GLY B 115 19.06 4.92 19.03
C GLY B 115 19.29 5.56 17.67
N LYS B 116 19.06 4.81 16.59
CA LYS B 116 19.19 5.40 15.27
C LYS B 116 18.31 6.62 15.15
N ARG B 117 17.10 6.55 15.69
CA ARG B 117 16.26 7.74 15.62
C ARG B 117 16.87 8.89 16.40
N THR B 118 17.38 8.60 17.60
CA THR B 118 17.93 9.67 18.41
C THR B 118 19.19 10.27 17.75
N LEU B 119 20.06 9.42 17.21
CA LEU B 119 21.29 9.87 16.55
C LEU B 119 20.92 10.81 15.42
N ASP B 120 19.91 10.44 14.63
CA ASP B 120 19.51 11.27 13.51
C ASP B 120 18.96 12.61 13.97
N ARG B 121 18.08 12.62 14.99
CA ARG B 121 17.64 13.84 15.67
C ARG B 121 18.76 14.60 16.38
N GLU B 122 19.95 14.01 16.55
CA GLU B 122 21.10 14.78 17.03
C GLU B 122 21.83 15.46 15.88
N VAL B 123 22.05 14.76 14.78
CA VAL B 123 22.69 15.37 13.63
C VAL B 123 21.95 16.65 13.32
N LYS B 124 20.64 16.56 13.27
CA LYS B 124 19.79 17.71 12.99
C LYS B 124 19.79 18.81 14.02
N GLY B 125 19.95 18.47 15.30
CA GLY B 125 19.87 19.47 16.32
C GLY B 125 18.51 19.60 16.94
N ILE B 126 17.64 18.67 16.61
CA ILE B 126 16.29 18.70 17.14
C ILE B 126 16.03 17.81 18.34
N GLU B 127 17.04 17.19 18.92
CA GLU B 127 16.74 16.30 20.03
C GLU B 127 16.35 17.02 21.26
N GLY B 128 15.38 16.48 21.95
CA GLY B 128 14.89 17.09 23.15
C GLY B 128 13.84 18.07 22.79
N THR B 129 13.55 18.19 21.50
CA THR B 129 12.62 19.21 21.07
C THR B 129 11.36 18.67 20.49
N SER B 130 10.39 19.55 20.30
CA SER B 130 9.12 19.16 19.75
C SER B 130 9.17 19.19 18.24
N GLU B 131 10.29 19.57 17.69
CA GLU B 131 10.38 19.57 16.28
C GLU B 131 10.44 18.19 15.72
N ILE B 132 9.82 18.02 14.56
CA ILE B 132 9.80 16.74 13.94
C ILE B 132 10.95 16.65 13.01
N SER C 2 -3.44 -45.05 -14.15
CA SER C 2 -2.26 -45.69 -13.56
C SER C 2 -1.84 -45.03 -12.26
N GLY C 3 -0.68 -44.38 -12.30
CA GLY C 3 -0.19 -43.52 -11.23
C GLY C 3 -0.21 -42.05 -11.57
N LEU C 4 -0.80 -41.66 -12.69
CA LEU C 4 -0.89 -40.28 -13.15
C LEU C 4 -2.35 -39.86 -13.19
N VAL C 5 -2.61 -38.58 -12.92
CA VAL C 5 -3.94 -37.99 -13.13
C VAL C 5 -3.77 -36.71 -13.93
N PRO C 6 -4.83 -36.28 -14.64
CA PRO C 6 -4.71 -35.15 -15.59
C PRO C 6 -4.63 -33.83 -14.88
N ARG C 7 -3.62 -33.01 -15.25
CA ARG C 7 -3.44 -31.72 -14.59
C ARG C 7 -4.76 -30.96 -14.51
N GLY C 8 -5.30 -30.59 -15.66
CA GLY C 8 -6.62 -29.98 -15.67
C GLY C 8 -6.58 -28.61 -15.02
N SER C 9 -7.54 -28.38 -14.13
CA SER C 9 -7.74 -27.06 -13.52
C SER C 9 -6.55 -26.63 -12.68
N HIS C 10 -5.68 -27.56 -12.27
CA HIS C 10 -4.69 -27.26 -11.24
C HIS C 10 -3.58 -26.34 -11.76
N MET C 11 -3.12 -25.47 -10.87
CA MET C 11 -2.06 -24.50 -11.16
C MET C 11 -0.81 -24.92 -10.42
N GLU C 12 0.30 -25.01 -11.15
CA GLU C 12 1.58 -25.18 -10.49
C GLU C 12 1.90 -23.96 -9.67
N ILE C 13 2.22 -24.18 -8.40
CA ILE C 13 2.78 -23.16 -7.50
C ILE C 13 4.29 -23.15 -7.66
N LYS C 14 4.85 -22.01 -8.05
CA LYS C 14 6.30 -21.91 -8.22
C LYS C 14 6.81 -20.82 -7.28
N ASN C 15 7.88 -21.13 -6.54
CA ASN C 15 8.57 -20.12 -5.74
C ASN C 15 10.06 -20.24 -6.02
N GLY C 16 10.72 -19.10 -6.30
CA GLY C 16 12.14 -19.10 -6.56
C GLY C 16 12.97 -19.73 -5.44
N LEU C 17 12.50 -19.63 -4.20
CA LEU C 17 13.22 -20.04 -2.99
C LEU C 17 13.12 -21.54 -2.74
N CYS C 18 12.25 -22.24 -3.46
CA CYS C 18 12.11 -23.68 -3.39
C CYS C 18 12.90 -24.32 -4.51
N THR C 19 13.62 -25.40 -4.20
CA THR C 19 14.47 -26.00 -5.23
C THR C 19 13.64 -26.60 -6.37
N GLN C 20 12.52 -27.25 -6.05
CA GLN C 20 11.64 -27.86 -7.06
C GLN C 20 12.37 -28.94 -7.86
N LYS C 21 13.31 -29.64 -7.22
CA LYS C 21 14.09 -30.60 -7.99
C LYS C 21 13.33 -31.92 -8.21
N TYR C 22 12.89 -32.59 -7.15
CA TYR C 22 12.20 -33.87 -7.32
C TYR C 22 10.70 -33.79 -7.15
N THR C 23 10.16 -32.66 -6.67
CA THR C 23 8.73 -32.49 -6.45
C THR C 23 8.24 -31.23 -7.16
N LYS C 24 6.92 -31.12 -7.26
CA LYS C 24 6.22 -29.95 -7.77
C LYS C 24 5.00 -29.76 -6.88
N VAL C 25 4.69 -28.50 -6.56
CA VAL C 25 3.48 -28.18 -5.78
C VAL C 25 2.42 -27.65 -6.72
N TYR C 26 1.19 -28.15 -6.56
CA TYR C 26 0.05 -27.72 -7.34
C TYR C 26 -1.06 -27.33 -6.39
N ALA C 27 -1.91 -26.39 -6.82
CA ALA C 27 -3.15 -26.03 -6.13
C ALA C 27 -4.32 -26.10 -7.12
N GLU C 28 -5.54 -26.04 -6.58
CA GLU C 28 -6.71 -25.87 -7.43
C GLU C 28 -6.64 -24.53 -8.15
N ASP C 29 -7.42 -24.42 -9.24
CA ASP C 29 -7.29 -23.25 -10.09
C ASP C 29 -7.84 -22.02 -9.36
N LYS C 30 -7.20 -20.86 -9.59
CA LYS C 30 -7.52 -19.70 -8.79
C LYS C 30 -8.97 -19.30 -8.95
N GLU C 31 -9.54 -19.56 -10.13
CA GLU C 31 -10.94 -19.34 -10.36
C GLU C 31 -11.80 -20.23 -9.47
N LYS C 32 -11.26 -21.38 -9.03
CA LYS C 32 -12.03 -22.29 -8.20
C LYS C 32 -11.78 -22.15 -6.70
N TRP C 33 -10.94 -21.19 -6.27
CA TRP C 33 -10.67 -21.03 -4.83
C TRP C 33 -11.94 -20.56 -4.12
N LYS C 34 -12.31 -21.23 -3.03
CA LYS C 34 -13.31 -20.74 -2.10
C LYS C 34 -12.64 -20.08 -0.91
N PHE C 35 -13.35 -19.16 -0.26
CA PHE C 35 -12.93 -18.43 0.95
C PHE C 35 -11.62 -17.68 0.81
N ASN C 36 -11.25 -17.30 -0.41
CA ASN C 36 -10.11 -16.42 -0.76
C ASN C 36 -8.77 -17.12 -0.85
N ALA C 37 -8.69 -18.44 -0.67
CA ALA C 37 -7.38 -19.09 -0.69
C ALA C 37 -7.49 -20.42 -1.40
N PRO C 38 -6.36 -21.00 -1.80
CA PRO C 38 -6.37 -22.44 -2.14
C PRO C 38 -6.58 -23.29 -0.88
N HIS C 39 -7.20 -24.46 -1.04
CA HIS C 39 -7.31 -25.36 0.09
C HIS C 39 -7.03 -26.80 -0.25
N HIS C 40 -6.77 -27.09 -1.52
CA HIS C 40 -6.57 -28.45 -2.02
C HIS C 40 -5.31 -28.46 -2.85
N PHE C 41 -4.22 -28.90 -2.23
CA PHE C 41 -2.89 -28.93 -2.79
C PHE C 41 -2.51 -30.36 -3.11
N ILE C 42 -1.66 -30.50 -4.13
CA ILE C 42 -1.06 -31.77 -4.50
C ILE C 42 0.44 -31.56 -4.57
N VAL C 43 1.18 -32.50 -4.01
CA VAL C 43 2.61 -32.57 -4.24
C VAL C 43 2.83 -33.74 -5.18
N GLY C 44 3.42 -33.48 -6.35
CA GLY C 44 3.55 -34.48 -7.38
C GLY C 44 4.97 -34.57 -7.89
N LYS C 45 5.27 -35.63 -8.65
CA LYS C 45 6.64 -35.85 -9.09
C LYS C 45 7.02 -34.83 -10.14
N ALA C 46 8.16 -34.18 -9.94
CA ALA C 46 8.60 -33.14 -10.86
C ALA C 46 8.89 -33.70 -12.24
N ASP C 47 9.33 -34.96 -12.29
CA ASP C 47 9.75 -35.61 -13.53
C ASP C 47 8.60 -36.39 -14.13
N CYS C 48 7.43 -35.77 -14.08
CA CYS C 48 6.27 -36.16 -14.85
C CYS C 48 6.17 -35.15 -16.00
N GLU C 49 5.04 -35.10 -16.69
CA GLU C 49 4.96 -34.27 -17.88
C GLU C 49 3.81 -33.28 -17.74
N ASP C 50 4.09 -32.02 -18.14
CA ASP C 50 3.28 -30.87 -17.73
C ASP C 50 1.79 -31.07 -17.93
N GLU C 51 1.41 -31.84 -18.94
CA GLU C 51 0.04 -32.27 -19.16
C GLU C 51 -0.51 -33.23 -18.08
N TYR C 52 0.34 -33.93 -17.35
CA TYR C 52 -0.14 -34.76 -16.25
C TYR C 52 0.42 -34.29 -14.92
N ILE C 53 -0.15 -34.84 -13.85
CA ILE C 53 0.35 -34.70 -12.49
C ILE C 53 0.52 -36.11 -11.95
N GLU C 54 1.76 -36.47 -11.56
CA GLU C 54 1.99 -37.78 -10.97
C GLU C 54 1.98 -37.61 -9.45
N PRO C 55 0.89 -37.92 -8.76
CA PRO C 55 0.69 -37.43 -7.39
C PRO C 55 1.47 -38.21 -6.33
N ILE C 56 2.18 -37.48 -5.47
CA ILE C 56 2.89 -38.03 -4.30
C ILE C 56 2.04 -37.90 -3.03
N GLU C 57 1.45 -36.73 -2.79
CA GLU C 57 0.69 -36.45 -1.56
C GLU C 57 -0.40 -35.44 -1.84
N TYR C 58 -1.47 -35.55 -1.08
CA TYR C 58 -2.56 -34.59 -1.13
C TYR C 58 -2.64 -33.89 0.22
N VAL C 59 -2.81 -32.57 0.21
CA VAL C 59 -2.90 -31.82 1.44
C VAL C 59 -4.08 -30.89 1.30
N ASN C 60 -5.08 -31.02 2.19
CA ASN C 60 -6.32 -30.27 2.15
C ASN C 60 -6.43 -29.40 3.38
N PHE C 61 -6.65 -28.12 3.17
CA PHE C 61 -6.76 -27.24 4.30
C PHE C 61 -8.21 -27.06 4.70
N GLN C 62 -8.40 -26.49 5.88
CA GLN C 62 -9.71 -26.11 6.37
C GLN C 62 -10.36 -25.08 5.46
N GLU C 63 -11.54 -25.40 4.88
CA GLU C 63 -12.31 -24.48 4.02
C GLU C 63 -13.45 -23.97 4.86
N GLY C 64 -13.43 -22.68 5.19
CA GLY C 64 -14.47 -22.11 6.01
C GLY C 64 -14.13 -22.10 7.48
N PRO C 65 -14.50 -21.02 8.16
CA PRO C 65 -14.25 -20.94 9.61
C PRO C 65 -14.81 -22.16 10.32
N ILE C 66 -14.09 -22.64 11.34
CA ILE C 66 -14.47 -23.89 11.98
C ILE C 66 -15.76 -23.70 12.77
N LYS C 67 -15.90 -22.53 13.42
CA LYS C 67 -17.11 -22.21 14.16
C LYS C 67 -18.33 -22.02 13.26
N GLU C 68 -18.15 -22.01 11.94
CA GLU C 68 -19.27 -22.06 11.01
C GLU C 68 -19.35 -23.35 10.20
N TYR C 69 -18.23 -23.92 9.76
CA TYR C 69 -18.27 -25.10 8.91
C TYR C 69 -17.78 -26.40 9.55
N GLY C 70 -17.26 -26.37 10.78
CA GLY C 70 -16.68 -27.57 11.36
C GLY C 70 -15.28 -27.88 10.81
N ILE C 71 -14.64 -28.90 11.40
CA ILE C 71 -13.29 -29.28 11.01
C ILE C 71 -13.34 -30.11 9.74
N ASN C 72 -12.59 -29.71 8.71
CA ASN C 72 -12.59 -30.49 7.49
C ASN C 72 -11.24 -30.54 6.78
N GLY C 73 -10.16 -30.08 7.42
CA GLY C 73 -8.83 -30.06 6.83
C GLY C 73 -7.81 -29.54 7.83
N VAL C 74 -6.58 -29.42 7.37
CA VAL C 74 -5.51 -28.98 8.25
C VAL C 74 -5.41 -27.46 8.25
N ASN C 75 -4.79 -26.93 9.30
CA ASN C 75 -4.38 -25.54 9.44
C ASN C 75 -2.90 -25.41 9.09
N ASN C 76 -2.52 -24.21 8.63
CA ASN C 76 -1.11 -23.89 8.43
C ASN C 76 -0.31 -24.33 9.65
N GLU C 77 -0.77 -23.94 10.83
CA GLU C 77 -0.08 -24.21 12.08
C GLU C 77 0.29 -25.67 12.21
N ASP C 78 -0.58 -26.57 11.74
CA ASP C 78 -0.29 -28.00 11.79
C ASP C 78 0.93 -28.36 10.93
N LEU C 79 0.97 -27.85 9.70
CA LEU C 79 2.08 -28.17 8.81
C LEU C 79 3.38 -27.56 9.32
N ILE C 80 3.33 -26.32 9.77
CA ILE C 80 4.54 -25.70 10.28
C ILE C 80 5.06 -26.49 11.47
N LEU C 81 4.17 -26.99 12.32
CA LEU C 81 4.62 -27.78 13.46
C LEU C 81 5.30 -29.07 13.00
N MET C 82 4.79 -29.68 11.93
CA MET C 82 5.50 -30.84 11.39
C MET C 82 6.93 -30.47 11.02
N VAL C 83 7.09 -29.36 10.30
CA VAL C 83 8.44 -28.96 9.86
C VAL C 83 9.34 -28.62 11.04
N ILE C 84 8.81 -27.88 12.00
CA ILE C 84 9.61 -27.56 13.19
C ILE C 84 10.04 -28.84 13.88
N THR C 85 9.12 -29.79 14.03
CA THR C 85 9.43 -31.06 14.67
C THR C 85 10.57 -31.77 13.97
N ARG C 86 10.47 -31.93 12.64
CA ARG C 86 11.50 -32.63 11.89
C ARG C 86 12.84 -31.90 11.96
N LEU C 87 12.82 -30.57 11.86
CA LEU C 87 14.07 -29.82 11.97
C LEU C 87 14.71 -29.99 13.34
N GLN C 88 13.91 -29.97 14.38
CA GLN C 88 14.49 -30.17 15.71
C GLN C 88 15.09 -31.55 15.82
N ALA C 89 14.45 -32.56 15.23
CA ALA C 89 15.05 -33.88 15.16
C ALA C 89 16.41 -33.83 14.48
N PHE C 90 16.48 -33.15 13.31
CA PHE C 90 17.76 -32.98 12.61
C PHE C 90 18.78 -32.21 13.41
N GLN C 91 18.36 -31.40 14.37
CA GLN C 91 19.31 -30.73 15.24
C GLN C 91 19.85 -31.70 16.29
N ASP C 92 18.99 -32.61 16.74
CA ASP C 92 19.37 -33.61 17.73
C ASP C 92 19.87 -34.88 17.04
N SER C 93 20.89 -34.71 16.23
CA SER C 93 21.43 -35.78 15.39
C SER C 93 22.85 -35.42 15.00
N PRO C 94 23.59 -36.29 14.29
CA PRO C 94 24.92 -35.90 13.79
C PRO C 94 24.92 -34.71 12.84
N TYR C 95 23.76 -34.31 12.31
CA TYR C 95 23.72 -33.29 11.28
C TYR C 95 23.26 -31.95 11.79
N LYS C 96 23.17 -31.78 13.11
CA LYS C 96 23.00 -30.47 13.73
C LYS C 96 23.79 -29.40 12.98
N CYS C 97 23.12 -28.35 12.55
CA CYS C 97 23.79 -27.23 11.89
C CYS C 97 23.09 -25.93 12.20
N ARG C 98 23.79 -24.83 11.88
CA ARG C 98 23.32 -23.47 12.15
C ARG C 98 22.14 -23.09 11.25
N GLU C 99 22.13 -23.56 10.01
CA GLU C 99 21.05 -23.17 9.12
C GLU C 99 19.72 -23.76 9.58
N ASN C 100 19.74 -25.03 10.00
CA ASN C 100 18.57 -25.63 10.65
C ASN C 100 18.16 -24.83 11.88
N ALA C 101 19.14 -24.33 12.63
CA ALA C 101 18.80 -23.54 13.81
C ALA C 101 18.05 -22.28 13.41
N MET C 102 18.58 -21.59 12.41
CA MET C 102 17.98 -20.34 11.97
C MET C 102 16.58 -20.57 11.39
N ALA C 103 16.39 -21.67 10.66
CA ALA C 103 15.06 -22.00 10.16
C ALA C 103 14.09 -22.30 11.30
N ILE C 104 14.51 -23.09 12.30
CA ILE C 104 13.63 -23.30 13.46
C ILE C 104 13.26 -21.97 14.10
N THR C 105 14.23 -21.06 14.29
CA THR C 105 13.88 -19.80 14.89
C THR C 105 12.88 -19.03 14.03
N LYS C 106 13.07 -19.04 12.70
CA LYS C 106 12.12 -18.34 11.85
C LYS C 106 10.74 -18.98 11.94
N LEU C 107 10.66 -20.32 11.91
CA LEU C 107 9.36 -20.97 11.96
C LEU C 107 8.65 -20.71 13.30
N GLN C 108 9.39 -20.73 14.40
CA GLN C 108 8.72 -20.43 15.65
C GLN C 108 8.25 -18.98 15.70
N GLU C 109 8.98 -18.05 15.07
CA GLU C 109 8.50 -16.67 15.06
C GLU C 109 7.28 -16.53 14.15
N CYS C 110 7.22 -17.35 13.10
CA CYS C 110 6.05 -17.39 12.23
C CYS C 110 4.82 -17.84 13.02
N LEU C 111 4.98 -18.93 13.79
CA LEU C 111 3.91 -19.38 14.68
C LEU C 111 3.50 -18.28 15.66
N MET C 112 4.47 -17.58 16.26
CA MET C 112 4.10 -16.58 17.25
C MET C 112 3.31 -15.44 16.62
N TRP C 113 3.65 -15.04 15.40
CA TRP C 113 2.87 -14.00 14.75
C TRP C 113 1.45 -14.48 14.45
N LEU C 114 1.31 -15.64 13.86
CA LEU C 114 0.00 -16.11 13.52
C LEU C 114 -0.79 -16.24 14.77
N GLY C 115 -0.12 -16.54 15.85
CA GLY C 115 -0.76 -16.66 17.13
C GLY C 115 -1.31 -15.43 17.73
N LYS C 116 -0.63 -14.32 17.54
CA LYS C 116 -1.08 -13.08 18.06
C LYS C 116 -2.38 -12.77 17.44
N ARG C 117 -2.51 -13.04 16.18
CA ARG C 117 -3.72 -12.75 15.53
C ARG C 117 -4.78 -13.55 16.16
N THR C 118 -4.55 -14.81 16.40
CA THR C 118 -5.58 -15.67 16.94
C THR C 118 -5.92 -15.20 18.28
N LEU C 119 -4.94 -14.85 19.07
CA LEU C 119 -5.19 -14.37 20.40
C LEU C 119 -5.94 -13.07 20.47
N ASP C 120 -5.61 -12.14 19.62
CA ASP C 120 -6.31 -10.89 19.59
C ASP C 120 -7.71 -11.11 19.17
N ARG C 121 -7.91 -11.99 18.23
CA ARG C 121 -9.23 -12.32 17.79
C ARG C 121 -10.04 -12.95 18.87
N GLU C 122 -9.43 -13.73 19.73
CA GLU C 122 -10.15 -14.29 20.86
C GLU C 122 -10.61 -13.22 21.80
N VAL C 123 -9.82 -12.19 22.03
CA VAL C 123 -10.26 -11.11 22.85
C VAL C 123 -11.42 -10.45 22.18
N LYS C 124 -11.32 -10.24 20.89
CA LYS C 124 -12.37 -9.54 20.18
C LYS C 124 -13.57 -10.40 19.93
N GLY C 125 -13.45 -11.67 20.19
CA GLY C 125 -14.57 -12.57 20.05
C GLY C 125 -14.77 -13.10 18.69
N ILE C 126 -13.86 -12.82 17.80
CA ILE C 126 -14.03 -13.25 16.44
C ILE C 126 -13.27 -14.47 16.01
N GLU C 127 -12.71 -15.23 16.92
CA GLU C 127 -11.92 -16.33 16.46
C GLU C 127 -12.79 -17.37 15.94
N GLY C 128 -12.40 -17.93 14.84
CA GLY C 128 -13.15 -19.02 14.29
C GLY C 128 -14.30 -18.51 13.52
N THR C 129 -14.37 -17.21 13.35
CA THR C 129 -15.48 -16.62 12.68
C THR C 129 -15.00 -16.04 11.42
N SER C 130 -15.91 -15.47 10.68
CA SER C 130 -15.57 -14.87 9.43
C SER C 130 -15.45 -13.39 9.57
N GLU C 131 -15.41 -12.89 10.77
CA GLU C 131 -15.33 -11.50 10.94
C GLU C 131 -13.93 -10.96 10.86
N ILE C 132 -13.80 -9.67 10.62
CA ILE C 132 -12.49 -9.01 10.47
C ILE C 132 -11.94 -8.54 11.83
N SER D 1 -15.22 -47.67 10.17
CA SER D 1 -15.87 -46.57 9.47
C SER D 1 -16.41 -45.51 10.44
N SER D 2 -15.98 -45.56 11.70
CA SER D 2 -16.20 -44.44 12.62
C SER D 2 -15.27 -43.26 12.32
N GLY D 3 -14.46 -43.36 11.29
CA GLY D 3 -13.47 -42.33 11.01
C GLY D 3 -12.45 -42.20 12.11
N LEU D 4 -12.19 -43.30 12.80
CA LEU D 4 -11.49 -43.29 14.07
C LEU D 4 -10.57 -44.50 14.05
N VAL D 5 -9.30 -44.32 14.41
CA VAL D 5 -8.32 -45.40 14.40
C VAL D 5 -7.64 -45.44 15.76
N PRO D 6 -7.00 -46.57 16.11
CA PRO D 6 -6.35 -46.68 17.43
C PRO D 6 -5.06 -45.89 17.44
N ARG D 7 -4.80 -45.23 18.57
CA ARG D 7 -3.59 -44.42 18.70
C ARG D 7 -2.34 -45.25 18.49
N GLY D 8 -2.21 -46.36 19.21
CA GLY D 8 -1.07 -47.21 18.93
C GLY D 8 0.23 -46.57 19.35
N SER D 9 1.31 -46.97 18.67
CA SER D 9 2.63 -46.48 19.02
C SER D 9 2.79 -44.99 18.71
N HIS D 10 1.90 -44.43 17.88
CA HIS D 10 1.93 -43.02 17.51
C HIS D 10 2.13 -42.12 18.73
N MET D 11 2.96 -41.11 18.55
CA MET D 11 3.23 -40.13 19.59
C MET D 11 2.52 -38.83 19.26
N GLU D 12 2.19 -38.06 20.29
CA GLU D 12 1.51 -36.78 20.12
C GLU D 12 2.53 -35.64 20.17
N ILE D 13 2.46 -34.73 19.21
CA ILE D 13 3.41 -33.61 19.11
C ILE D 13 2.80 -32.43 19.87
N LYS D 14 3.13 -32.32 21.17
CA LYS D 14 2.62 -31.24 22.02
C LYS D 14 3.67 -30.13 22.11
N ASN D 15 3.44 -29.01 21.43
CA ASN D 15 4.38 -27.89 21.46
C ASN D 15 3.67 -26.65 21.99
N GLY D 16 4.31 -25.96 22.94
CA GLY D 16 3.70 -24.80 23.58
C GLY D 16 3.15 -23.75 22.62
N LEU D 17 3.75 -23.61 21.44
CA LEU D 17 3.27 -22.63 20.47
C LEU D 17 2.08 -23.11 19.68
N CYS D 18 1.52 -24.26 20.02
CA CYS D 18 0.34 -24.79 19.36
C CYS D 18 -0.76 -24.98 20.39
N THR D 19 -1.93 -24.41 20.08
CA THR D 19 -3.03 -24.37 21.02
C THR D 19 -3.66 -25.76 21.20
N GLN D 20 -3.82 -26.49 20.09
CA GLN D 20 -4.60 -27.73 20.03
C GLN D 20 -6.07 -27.48 20.29
N LYS D 21 -6.53 -26.27 19.96
CA LYS D 21 -7.93 -25.98 20.17
C LYS D 21 -8.79 -26.82 19.22
N TYR D 22 -8.33 -27.02 18.00
CA TYR D 22 -9.13 -27.75 17.04
C TYR D 22 -8.49 -29.04 16.53
N THR D 23 -7.17 -29.10 16.42
CA THR D 23 -6.49 -30.26 15.88
C THR D 23 -5.34 -30.71 16.77
N LYS D 24 -5.03 -32.00 16.68
CA LYS D 24 -3.84 -32.60 17.26
C LYS D 24 -2.99 -33.18 16.14
N VAL D 25 -1.67 -33.18 16.35
CA VAL D 25 -0.70 -33.62 15.35
C VAL D 25 0.08 -34.79 15.92
N TYR D 26 0.11 -35.89 15.20
CA TYR D 26 0.76 -37.07 15.69
C TYR D 26 1.85 -37.53 14.78
N ALA D 27 2.68 -38.43 15.24
CA ALA D 27 3.77 -38.94 14.46
C ALA D 27 4.12 -40.33 14.85
N GLU D 28 4.99 -40.95 14.10
CA GLU D 28 5.39 -42.29 14.37
C GLU D 28 6.23 -42.40 15.62
N ASP D 29 6.33 -43.58 16.18
CA ASP D 29 7.03 -43.76 17.41
C ASP D 29 8.44 -43.44 17.21
N LYS D 30 9.10 -42.99 18.25
CA LYS D 30 10.47 -42.56 18.13
C LYS D 30 11.30 -43.72 17.73
N GLU D 31 10.90 -44.88 18.14
CA GLU D 31 11.60 -46.07 17.80
C GLU D 31 11.57 -46.40 16.33
N LYS D 32 10.48 -46.12 15.66
CA LYS D 32 10.35 -46.39 14.25
C LYS D 32 10.82 -45.23 13.42
N TRP D 33 11.34 -44.20 14.04
CA TRP D 33 11.89 -43.10 13.31
C TRP D 33 13.04 -43.56 12.54
N LYS D 34 13.12 -43.14 11.30
CA LYS D 34 14.17 -43.57 10.44
C LYS D 34 14.96 -42.40 10.04
N PHE D 35 16.25 -42.55 9.94
CA PHE D 35 17.12 -41.49 9.54
C PHE D 35 17.06 -40.27 10.36
N ASN D 36 17.01 -40.42 11.66
CA ASN D 36 17.06 -39.30 12.58
C ASN D 36 15.86 -38.40 12.59
N ALA D 37 14.73 -38.85 12.07
CA ALA D 37 13.61 -37.97 11.93
C ALA D 37 12.25 -38.58 11.80
N PRO D 38 11.24 -37.77 12.02
CA PRO D 38 9.90 -38.25 11.82
C PRO D 38 9.43 -38.03 10.40
N HIS D 39 8.93 -39.05 9.75
CA HIS D 39 8.55 -38.89 8.40
C HIS D 39 7.13 -39.16 8.10
N HIS D 40 6.38 -39.68 9.05
CA HIS D 40 5.00 -39.95 8.85
C HIS D 40 4.15 -39.33 9.89
N PHE D 41 3.29 -38.40 9.50
CA PHE D 41 2.50 -37.64 10.45
C PHE D 41 1.04 -37.70 10.18
N ILE D 42 0.22 -37.46 11.19
CA ILE D 42 -1.24 -37.44 11.08
C ILE D 42 -1.73 -36.13 11.70
N VAL D 43 -2.78 -35.54 11.15
CA VAL D 43 -3.44 -34.41 11.77
C VAL D 43 -4.80 -34.95 12.11
N GLY D 44 -5.21 -34.83 13.34
CA GLY D 44 -6.45 -35.39 13.78
C GLY D 44 -7.21 -34.52 14.72
N LYS D 45 -8.50 -34.77 14.86
CA LYS D 45 -9.33 -33.95 15.69
C LYS D 45 -8.98 -34.04 17.14
N ALA D 46 -8.96 -32.92 17.82
CA ALA D 46 -8.60 -32.89 19.21
C ALA D 46 -9.48 -33.52 20.25
N ASP D 47 -10.79 -33.41 20.11
CA ASP D 47 -11.74 -33.90 21.10
C ASP D 47 -11.65 -35.37 21.30
N CYS D 48 -11.18 -36.06 20.29
CA CYS D 48 -11.10 -37.49 20.35
C CYS D 48 -10.32 -38.00 21.54
N GLU D 49 -10.78 -39.10 22.12
CA GLU D 49 -10.14 -39.68 23.31
C GLU D 49 -8.76 -40.14 23.03
N ASP D 50 -7.88 -40.12 24.03
CA ASP D 50 -6.47 -40.41 23.78
C ASP D 50 -6.20 -41.75 23.19
N GLU D 51 -7.05 -42.70 23.47
CA GLU D 51 -6.84 -44.03 22.96
C GLU D 51 -6.91 -44.07 21.48
N TYR D 52 -7.55 -43.08 20.87
CA TYR D 52 -7.73 -43.09 19.43
C TYR D 52 -7.33 -41.81 18.75
N ILE D 53 -7.17 -41.86 17.45
CA ILE D 53 -6.84 -40.68 16.69
C ILE D 53 -7.95 -40.59 15.68
N GLU D 54 -8.53 -39.42 15.45
CA GLU D 54 -9.53 -39.28 14.42
C GLU D 54 -8.90 -38.54 13.31
N PRO D 55 -8.54 -39.25 12.27
CA PRO D 55 -7.80 -38.56 11.23
C PRO D 55 -8.49 -37.57 10.38
N ILE D 56 -7.80 -36.48 10.07
CA ILE D 56 -8.34 -35.49 9.17
C ILE D 56 -7.43 -35.57 8.00
N GLU D 57 -6.13 -35.66 8.24
CA GLU D 57 -5.21 -35.65 7.12
C GLU D 57 -3.94 -36.42 7.49
N TYR D 58 -3.26 -36.91 6.47
CA TYR D 58 -1.99 -37.61 6.60
C TYR D 58 -0.93 -36.92 5.76
N VAL D 59 0.25 -36.72 6.35
CA VAL D 59 1.38 -36.12 5.65
C VAL D 59 2.58 -37.03 5.80
N ASN D 60 3.31 -37.23 4.69
CA ASN D 60 4.40 -38.20 4.62
C ASN D 60 5.59 -37.58 3.91
N PHE D 61 6.76 -37.66 4.54
CA PHE D 61 7.98 -37.00 4.08
C PHE D 61 8.89 -38.01 3.39
N GLN D 62 9.64 -37.54 2.40
CA GLN D 62 10.66 -38.34 1.74
C GLN D 62 11.44 -39.12 2.77
N GLU D 63 11.42 -40.44 2.67
CA GLU D 63 12.04 -41.32 3.67
C GLU D 63 13.15 -42.14 3.04
N GLY D 64 14.37 -41.70 3.23
CA GLY D 64 15.50 -42.37 2.64
C GLY D 64 15.91 -41.69 1.36
N PRO D 65 17.02 -42.15 0.77
CA PRO D 65 17.57 -41.43 -0.39
C PRO D 65 16.71 -41.71 -1.62
N ILE D 66 16.37 -40.65 -2.35
CA ILE D 66 15.53 -40.82 -3.53
C ILE D 66 16.16 -41.82 -4.47
N LYS D 67 17.48 -42.02 -4.34
CA LYS D 67 18.21 -42.88 -5.28
C LYS D 67 17.75 -44.33 -5.18
N GLU D 68 17.74 -44.91 -3.96
CA GLU D 68 17.41 -46.33 -3.86
C GLU D 68 15.96 -46.63 -3.43
N TYR D 69 15.24 -45.69 -2.80
CA TYR D 69 13.83 -45.95 -2.50
C TYR D 69 12.86 -45.10 -3.31
N GLY D 70 13.35 -44.21 -4.14
CA GLY D 70 12.46 -43.47 -4.99
C GLY D 70 11.86 -42.26 -4.29
N ILE D 71 10.81 -41.77 -4.90
CA ILE D 71 10.12 -40.57 -4.44
C ILE D 71 8.90 -41.04 -3.67
N ASN D 72 8.90 -40.81 -2.35
CA ASN D 72 7.87 -41.40 -1.49
C ASN D 72 7.49 -40.46 -0.35
N GLY D 73 7.55 -39.17 -0.60
CA GLY D 73 7.14 -38.20 0.41
C GLY D 73 7.45 -36.79 -0.03
N VAL D 74 7.04 -35.85 0.82
CA VAL D 74 7.16 -34.43 0.55
C VAL D 74 8.42 -33.90 1.22
N ASN D 75 8.84 -32.72 0.83
CA ASN D 75 9.87 -31.99 1.54
C ASN D 75 9.21 -31.02 2.50
N ASN D 76 9.97 -30.62 3.51
CA ASN D 76 9.60 -29.44 4.28
C ASN D 76 9.34 -28.26 3.37
N GLU D 77 10.27 -27.99 2.44
CA GLU D 77 10.11 -26.86 1.52
C GLU D 77 8.71 -26.84 0.92
N ASP D 78 8.12 -28.01 0.68
CA ASP D 78 6.83 -28.02 0.00
C ASP D 78 5.72 -27.52 0.93
N LEU D 79 5.67 -28.02 2.17
CA LEU D 79 4.64 -27.54 3.10
C LEU D 79 4.80 -26.05 3.36
N ILE D 80 6.04 -25.57 3.49
CA ILE D 80 6.19 -24.14 3.69
C ILE D 80 5.71 -23.35 2.47
N LEU D 81 5.99 -23.85 1.25
CA LEU D 81 5.45 -23.21 0.05
C LEU D 81 3.92 -23.14 0.09
N MET D 82 3.25 -24.24 0.45
CA MET D 82 1.79 -24.21 0.59
C MET D 82 1.35 -23.10 1.54
N VAL D 83 1.94 -23.07 2.74
CA VAL D 83 1.53 -22.08 3.74
C VAL D 83 1.79 -20.66 3.24
N ILE D 84 2.89 -20.44 2.52
CA ILE D 84 3.18 -19.08 2.08
C ILE D 84 2.16 -18.67 1.06
N THR D 85 1.83 -19.60 0.15
CA THR D 85 0.82 -19.32 -0.87
C THR D 85 -0.49 -18.92 -0.23
N ARG D 86 -0.96 -19.73 0.73
CA ARG D 86 -2.18 -19.40 1.42
C ARG D 86 -2.10 -18.02 2.08
N LEU D 87 -1.04 -17.74 2.84
CA LEU D 87 -1.05 -16.49 3.57
C LEU D 87 -1.01 -15.28 2.65
N GLN D 88 -0.35 -15.42 1.50
CA GLN D 88 -0.30 -14.35 0.51
C GLN D 88 -1.65 -14.16 -0.17
N ALA D 89 -2.34 -15.26 -0.44
CA ALA D 89 -3.72 -15.16 -0.88
C ALA D 89 -4.57 -14.43 0.16
N PHE D 90 -4.33 -14.68 1.45
CA PHE D 90 -5.19 -14.03 2.44
C PHE D 90 -4.91 -12.55 2.52
N GLN D 91 -3.72 -12.14 2.12
CA GLN D 91 -3.34 -10.74 2.19
C GLN D 91 -3.97 -9.97 1.06
N ASP D 92 -4.47 -10.70 0.07
CA ASP D 92 -5.25 -10.17 -1.03
C ASP D 92 -6.75 -10.42 -0.78
N SER D 93 -7.29 -9.95 0.37
CA SER D 93 -8.67 -10.19 0.79
C SER D 93 -8.98 -9.30 1.98
N PRO D 94 -10.27 -9.11 2.37
CA PRO D 94 -10.55 -8.25 3.53
C PRO D 94 -9.76 -8.64 4.76
N TYR D 95 -9.14 -9.82 4.73
CA TYR D 95 -8.47 -10.39 5.88
C TYR D 95 -6.99 -10.06 5.92
N LYS D 96 -6.52 -9.16 5.04
CA LYS D 96 -5.17 -8.62 5.14
C LYS D 96 -4.92 -8.10 6.55
N CYS D 97 -3.71 -8.36 7.05
CA CYS D 97 -3.26 -7.86 8.34
C CYS D 97 -1.74 -7.92 8.42
N ARG D 98 -1.21 -7.21 9.42
CA ARG D 98 0.23 -7.14 9.59
C ARG D 98 0.83 -8.45 10.12
N GLU D 99 0.10 -9.18 10.97
CA GLU D 99 0.61 -10.45 11.44
C GLU D 99 0.86 -11.42 10.29
N ASN D 100 -0.07 -11.50 9.35
CA ASN D 100 0.17 -12.32 8.17
C ASN D 100 1.42 -11.86 7.45
N ALA D 101 1.61 -10.54 7.31
CA ALA D 101 2.80 -10.03 6.64
C ALA D 101 4.07 -10.55 7.30
N MET D 102 4.13 -10.43 8.63
CA MET D 102 5.27 -10.95 9.36
C MET D 102 5.42 -12.42 9.07
N ALA D 103 4.39 -13.20 9.33
CA ALA D 103 4.46 -14.65 9.13
C ALA D 103 5.07 -14.99 7.78
N ILE D 104 4.74 -14.21 6.75
CA ILE D 104 5.27 -14.50 5.42
C ILE D 104 6.75 -14.18 5.37
N THR D 105 7.15 -13.04 5.92
CA THR D 105 8.57 -12.72 5.96
C THR D 105 9.35 -13.81 6.70
N LYS D 106 8.83 -14.27 7.84
CA LYS D 106 9.48 -15.36 8.56
C LYS D 106 9.61 -16.60 7.68
N LEU D 107 8.51 -17.04 7.04
CA LEU D 107 8.57 -18.28 6.26
C LEU D 107 9.51 -18.16 5.05
N GLN D 108 9.51 -17.01 4.38
CA GLN D 108 10.49 -16.78 3.33
C GLN D 108 11.92 -16.89 3.87
N GLU D 109 12.20 -16.27 5.02
CA GLU D 109 13.56 -16.35 5.55
C GLU D 109 13.92 -17.78 5.95
N CYS D 110 12.93 -18.53 6.42
CA CYS D 110 13.14 -19.91 6.74
C CYS D 110 13.54 -20.70 5.50
N LEU D 111 12.81 -20.49 4.39
CA LEU D 111 13.18 -21.13 3.13
C LEU D 111 14.58 -20.73 2.70
N MET D 112 14.93 -19.46 2.90
CA MET D 112 16.24 -19.00 2.49
C MET D 112 17.35 -19.72 3.27
N TRP D 113 17.18 -19.90 4.58
CA TRP D 113 18.21 -20.58 5.38
C TRP D 113 18.34 -22.04 4.97
N LEU D 114 17.21 -22.73 4.73
CA LEU D 114 17.30 -24.11 4.27
C LEU D 114 17.98 -24.18 2.89
N GLY D 115 17.65 -23.23 2.03
CA GLY D 115 18.36 -23.11 0.77
C GLY D 115 19.85 -22.96 0.98
N LYS D 116 20.25 -22.17 1.97
CA LYS D 116 21.67 -21.95 2.20
C LYS D 116 22.39 -23.23 2.61
N ARG D 117 21.78 -24.06 3.47
CA ARG D 117 22.41 -25.37 3.74
C ARG D 117 22.68 -26.09 2.42
N THR D 118 21.68 -26.10 1.52
CA THR D 118 21.88 -26.87 0.28
C THR D 118 22.93 -26.21 -0.64
N LEU D 119 22.91 -24.88 -0.78
CA LEU D 119 23.88 -24.20 -1.64
C LEU D 119 25.31 -24.39 -1.13
N ASP D 120 25.44 -24.53 0.19
CA ASP D 120 26.73 -24.81 0.78
C ASP D 120 27.20 -26.23 0.45
N ARG D 121 26.34 -27.23 0.65
CA ARG D 121 26.70 -28.60 0.24
C ARG D 121 26.85 -28.75 -1.28
N GLU D 122 26.45 -27.74 -2.07
CA GLU D 122 26.80 -27.74 -3.49
C GLU D 122 28.19 -27.15 -3.75
N VAL D 123 28.49 -25.98 -3.18
CA VAL D 123 29.83 -25.42 -3.37
C VAL D 123 30.89 -26.34 -2.73
N LYS D 124 30.51 -27.15 -1.73
CA LYS D 124 31.30 -28.25 -1.16
C LYS D 124 31.21 -29.55 -1.96
N GLY D 125 30.39 -29.60 -3.02
CA GLY D 125 30.27 -30.78 -3.87
C GLY D 125 29.88 -32.07 -3.18
N ILE D 126 29.21 -32.00 -2.03
CA ILE D 126 28.72 -33.20 -1.34
C ILE D 126 27.20 -33.16 -1.23
N GLU D 127 26.54 -32.55 -2.22
CA GLU D 127 25.10 -32.32 -2.13
C GLU D 127 24.35 -33.60 -2.46
N GLY D 128 23.23 -33.83 -1.77
CA GLY D 128 22.42 -35.02 -1.95
C GLY D 128 22.84 -36.24 -1.15
N THR D 129 24.05 -36.24 -0.59
CA THR D 129 24.61 -37.42 0.08
C THR D 129 24.01 -37.65 1.48
N GLY E 3 45.37 -7.37 -18.26
CA GLY E 3 45.86 -7.41 -16.90
C GLY E 3 46.32 -8.80 -16.58
N LEU E 4 45.38 -9.66 -16.22
CA LEU E 4 45.71 -11.06 -15.98
C LEU E 4 46.88 -11.37 -15.06
N VAL E 5 46.92 -10.79 -13.88
CA VAL E 5 47.96 -11.09 -12.91
C VAL E 5 47.84 -12.50 -12.33
N PRO E 6 48.94 -13.08 -11.87
CA PRO E 6 48.86 -14.46 -11.38
C PRO E 6 48.17 -14.74 -10.05
N ARG E 7 47.69 -15.95 -9.83
CA ARG E 7 46.92 -16.28 -8.63
C ARG E 7 47.52 -17.14 -7.56
N GLY E 8 48.79 -17.42 -7.59
CA GLY E 8 49.23 -18.43 -6.66
C GLY E 8 49.02 -18.30 -5.18
N SER E 9 49.34 -17.18 -4.55
CA SER E 9 49.06 -17.03 -3.13
C SER E 9 47.62 -16.91 -2.86
N HIS E 10 46.91 -16.24 -3.74
CA HIS E 10 45.54 -15.92 -3.49
C HIS E 10 44.57 -17.02 -3.37
N MET E 11 43.54 -16.75 -2.58
CA MET E 11 42.52 -17.74 -2.37
C MET E 11 41.23 -17.19 -2.84
N GLU E 12 40.43 -18.03 -3.42
CA GLU E 12 39.18 -17.60 -3.97
C GLU E 12 38.18 -17.73 -2.91
N ILE E 13 37.46 -16.66 -2.67
CA ILE E 13 36.49 -16.65 -1.65
C ILE E 13 35.22 -17.07 -2.32
N LYS E 14 34.85 -18.31 -2.09
CA LYS E 14 33.67 -18.83 -2.67
C LYS E 14 32.59 -18.83 -1.64
N ASN E 15 31.39 -18.46 -2.05
CA ASN E 15 30.24 -18.39 -1.15
C ASN E 15 29.00 -18.86 -1.90
N GLY E 16 28.33 -19.90 -1.35
CA GLY E 16 27.10 -20.40 -1.93
C GLY E 16 26.05 -19.32 -2.15
N LEU E 17 25.98 -18.32 -1.26
CA LEU E 17 25.05 -17.21 -1.46
C LEU E 17 25.53 -16.19 -2.46
N CYS E 18 26.78 -16.28 -2.90
CA CYS E 18 27.32 -15.35 -3.88
C CYS E 18 27.18 -15.94 -5.28
N THR E 19 26.64 -15.13 -6.19
CA THR E 19 26.36 -15.60 -7.55
C THR E 19 27.60 -16.23 -8.20
N GLN E 20 28.76 -15.54 -8.15
CA GLN E 20 29.98 -15.93 -8.85
C GLN E 20 29.74 -16.09 -10.36
N LYS E 21 28.69 -15.46 -10.88
CA LYS E 21 28.36 -15.67 -12.28
C LYS E 21 29.33 -14.89 -13.16
N TYR E 22 29.59 -13.63 -12.81
CA TYR E 22 30.42 -12.76 -13.63
C TYR E 22 31.71 -12.31 -12.97
N THR E 23 31.81 -12.34 -11.62
CA THR E 23 33.04 -12.02 -10.94
C THR E 23 33.40 -13.14 -9.97
N LYS E 24 34.65 -13.11 -9.51
CA LYS E 24 35.11 -13.81 -8.32
C LYS E 24 35.79 -12.81 -7.39
N VAL E 25 35.82 -13.17 -6.11
CA VAL E 25 36.53 -12.42 -5.08
C VAL E 25 37.70 -13.28 -4.63
N TYR E 26 38.85 -12.65 -4.49
CA TYR E 26 40.04 -13.36 -4.12
C TYR E 26 40.64 -12.65 -2.95
N ALA E 27 41.49 -13.33 -2.21
CA ALA E 27 42.10 -12.74 -1.04
C ALA E 27 43.42 -13.33 -0.74
N GLU E 28 44.09 -12.75 0.23
CA GLU E 28 45.39 -13.22 0.60
C GLU E 28 45.36 -14.59 1.18
N ASP E 29 46.49 -15.26 1.14
CA ASP E 29 46.56 -16.60 1.65
C ASP E 29 46.31 -16.56 3.09
N LYS E 30 45.76 -17.62 3.63
CA LYS E 30 45.47 -17.69 5.03
C LYS E 30 46.73 -17.54 5.79
N GLU E 31 47.78 -18.11 5.26
CA GLU E 31 49.06 -18.05 5.91
C GLU E 31 49.57 -16.66 5.99
N LYS E 32 49.18 -15.83 5.05
CA LYS E 32 49.61 -14.45 5.03
C LYS E 32 48.68 -13.53 5.76
N TRP E 33 47.64 -14.07 6.36
CA TRP E 33 46.69 -13.23 7.02
C TRP E 33 47.29 -12.62 8.18
N LYS E 34 47.10 -11.32 8.30
CA LYS E 34 47.71 -10.59 9.35
C LYS E 34 46.63 -10.18 10.25
N PHE E 35 46.89 -10.21 11.53
CA PHE E 35 45.94 -9.77 12.51
C PHE E 35 44.66 -10.52 12.54
N ASN E 36 44.72 -11.81 12.31
CA ASN E 36 43.58 -12.72 12.43
C ASN E 36 42.58 -12.71 11.31
N ALA E 37 42.82 -11.94 10.27
CA ALA E 37 41.83 -11.78 9.23
C ALA E 37 42.40 -11.38 7.90
N PRO E 38 41.63 -11.55 6.85
CA PRO E 38 42.09 -11.12 5.54
C PRO E 38 42.00 -9.64 5.32
N HIS E 39 42.93 -9.00 4.61
CA HIS E 39 42.91 -7.57 4.41
C HIS E 39 43.16 -7.08 3.01
N HIS E 40 43.61 -7.92 2.09
CA HIS E 40 43.91 -7.51 0.72
C HIS E 40 43.11 -8.43 -0.19
N PHE E 41 42.05 -7.85 -0.80
CA PHE E 41 41.05 -8.54 -1.59
C PHE E 41 41.08 -8.00 -3.02
N ILE E 42 40.74 -8.88 -3.94
CA ILE E 42 40.68 -8.55 -5.35
C ILE E 42 39.33 -9.03 -5.86
N VAL E 43 38.69 -8.24 -6.68
CA VAL E 43 37.49 -8.69 -7.33
C VAL E 43 37.99 -8.81 -8.73
N GLY E 44 37.77 -9.96 -9.33
CA GLY E 44 38.27 -10.20 -10.65
C GLY E 44 37.31 -10.97 -11.49
N LYS E 45 37.44 -10.87 -12.80
CA LYS E 45 36.51 -11.52 -13.70
C LYS E 45 36.55 -12.99 -13.60
N ALA E 46 35.39 -13.60 -13.66
CA ALA E 46 35.29 -15.03 -13.55
C ALA E 46 35.91 -15.80 -14.66
N ASP E 47 35.82 -15.27 -15.87
CA ASP E 47 36.33 -15.98 -17.03
C ASP E 47 37.81 -15.85 -17.14
N CYS E 48 38.54 -16.69 -16.42
CA CYS E 48 39.99 -16.67 -16.45
C CYS E 48 40.50 -18.03 -16.16
N GLU E 49 41.77 -18.31 -16.49
CA GLU E 49 42.34 -19.58 -16.10
C GLU E 49 42.45 -19.54 -14.59
N ASP E 50 42.38 -20.68 -13.94
CA ASP E 50 42.56 -20.72 -12.50
C ASP E 50 43.88 -20.07 -12.23
N GLU E 51 44.84 -20.28 -13.11
CA GLU E 51 46.16 -19.74 -12.93
C GLU E 51 46.22 -18.25 -12.82
N TYR E 52 45.30 -17.55 -13.47
CA TYR E 52 45.36 -16.11 -13.49
C TYR E 52 44.13 -15.41 -12.96
N ILE E 53 44.27 -14.14 -12.57
CA ILE E 53 43.15 -13.35 -12.08
C ILE E 53 43.09 -12.13 -12.94
N GLU E 54 41.92 -11.73 -13.42
CA GLU E 54 41.87 -10.48 -14.14
C GLU E 54 41.28 -9.45 -13.27
N PRO E 55 42.12 -8.53 -12.83
CA PRO E 55 41.61 -7.59 -11.85
C PRO E 55 40.62 -6.58 -12.31
N ILE E 56 39.58 -6.39 -11.51
CA ILE E 56 38.61 -5.38 -11.82
C ILE E 56 38.80 -4.40 -10.73
N GLU E 57 38.96 -4.91 -9.51
CA GLU E 57 39.01 -3.95 -8.41
C GLU E 57 39.84 -4.48 -7.24
N TYR E 58 40.58 -3.59 -6.59
CA TYR E 58 41.35 -3.94 -5.42
C TYR E 58 40.70 -3.29 -4.21
N VAL E 59 40.53 -4.05 -3.12
CA VAL E 59 39.99 -3.52 -1.88
C VAL E 59 40.97 -3.89 -0.77
N ASN E 60 41.45 -2.90 -0.03
CA ASN E 60 42.40 -3.11 1.05
C ASN E 60 41.83 -2.55 2.34
N PHE E 61 41.90 -3.36 3.40
CA PHE E 61 41.31 -2.98 4.68
C PHE E 61 42.42 -2.56 5.63
N GLN E 62 42.05 -1.72 6.57
CA GLN E 62 42.99 -1.31 7.60
C GLN E 62 43.56 -2.54 8.28
N GLU E 63 44.89 -2.63 8.33
CA GLU E 63 45.51 -3.68 9.10
C GLU E 63 46.46 -3.03 10.08
N GLY E 64 46.51 -3.55 11.29
CA GLY E 64 47.26 -2.93 12.34
C GLY E 64 46.48 -1.77 12.91
N PRO E 65 46.64 -1.51 14.21
CA PRO E 65 45.86 -0.43 14.84
C PRO E 65 46.22 0.92 14.25
N ILE E 66 45.22 1.80 14.25
CA ILE E 66 45.27 3.03 13.47
C ILE E 66 46.34 3.94 14.03
N LYS E 67 46.48 3.95 15.36
CA LYS E 67 47.38 4.83 16.09
C LYS E 67 48.83 4.35 16.06
N GLU E 68 49.08 3.10 15.67
CA GLU E 68 50.44 2.63 15.45
C GLU E 68 50.86 2.66 13.98
N TYR E 69 49.98 2.31 13.05
CA TYR E 69 50.36 2.14 11.64
C TYR E 69 49.76 3.18 10.70
N GLY E 70 48.98 4.15 11.20
CA GLY E 70 48.33 5.10 10.32
C GLY E 70 47.09 4.50 9.64
N ILE E 71 46.45 5.33 8.83
CA ILE E 71 45.21 4.95 8.17
C ILE E 71 45.56 4.36 6.80
N ASN E 72 45.63 3.03 6.73
CA ASN E 72 46.15 2.30 5.58
C ASN E 72 45.11 1.38 4.93
N GLY E 73 43.84 1.76 4.98
CA GLY E 73 42.79 0.94 4.40
C GLY E 73 41.44 1.22 5.02
N VAL E 74 40.41 0.63 4.42
CA VAL E 74 39.05 0.88 4.82
C VAL E 74 38.53 0.08 5.96
N ASN E 75 37.32 0.41 6.38
CA ASN E 75 36.74 -0.28 7.49
C ASN E 75 35.54 -0.93 6.93
N ASN E 76 35.06 -1.96 7.59
CA ASN E 76 33.94 -2.71 7.11
C ASN E 76 32.72 -1.84 7.01
N GLU E 77 32.56 -0.93 7.94
CA GLU E 77 31.42 -0.07 7.98
C GLU E 77 31.29 0.72 6.74
N ASP E 78 32.39 1.15 6.19
CA ASP E 78 32.38 1.99 5.02
C ASP E 78 31.80 1.33 3.82
N LEU E 79 32.14 0.10 3.59
CA LEU E 79 31.63 -0.61 2.47
C LEU E 79 30.16 -0.83 2.59
N ILE E 80 29.68 -1.12 3.78
CA ILE E 80 28.27 -1.34 4.01
C ILE E 80 27.51 -0.09 3.71
N LEU E 81 28.07 1.04 4.03
CA LEU E 81 27.43 2.30 3.74
C LEU E 81 27.22 2.47 2.28
N MET E 82 28.18 2.04 1.50
CA MET E 82 28.05 2.17 0.08
C MET E 82 26.91 1.36 -0.43
N VAL E 83 26.79 0.16 0.05
CA VAL E 83 25.71 -0.69 -0.38
C VAL E 83 24.40 -0.09 0.00
N ILE E 84 24.30 0.46 1.19
CA ILE E 84 23.07 1.06 1.64
C ILE E 84 22.72 2.23 0.79
N THR E 85 23.70 3.05 0.47
CA THR E 85 23.45 4.26 -0.28
C THR E 85 22.93 3.89 -1.61
N ARG E 86 23.51 2.88 -2.18
CA ARG E 86 23.10 2.47 -3.48
C ARG E 86 21.80 1.75 -3.44
N LEU E 87 21.60 0.93 -2.44
CA LEU E 87 20.29 0.28 -2.34
C LEU E 87 19.18 1.28 -2.09
N GLN E 88 19.47 2.35 -1.35
CA GLN E 88 18.47 3.39 -1.16
C GLN E 88 18.23 4.17 -2.46
N ALA E 89 19.28 4.38 -3.25
CA ALA E 89 19.07 4.95 -4.58
C ALA E 89 18.22 4.04 -5.45
N PHE E 90 18.46 2.74 -5.38
CA PHE E 90 17.59 1.82 -6.12
C PHE E 90 16.16 1.88 -5.62
N GLN E 91 15.95 2.09 -4.31
CA GLN E 91 14.57 2.16 -3.83
C GLN E 91 13.89 3.41 -4.36
N ASP E 92 14.66 4.50 -4.52
CA ASP E 92 14.13 5.73 -5.09
C ASP E 92 14.35 5.79 -6.61
N SER E 93 13.79 4.81 -7.31
CA SER E 93 13.84 4.58 -8.75
C SER E 93 12.64 3.76 -9.18
N PRO E 94 12.52 3.36 -10.47
CA PRO E 94 11.51 2.36 -10.83
C PRO E 94 11.86 0.97 -10.34
N TYR E 95 13.04 0.81 -9.79
CA TYR E 95 13.51 -0.50 -9.38
C TYR E 95 13.15 -0.83 -7.96
N LYS E 96 12.48 0.07 -7.24
CA LYS E 96 11.98 -0.18 -5.89
C LYS E 96 11.34 -1.57 -5.78
N CYS E 97 11.76 -2.33 -4.77
CA CYS E 97 11.16 -3.62 -4.46
C CYS E 97 11.30 -3.91 -2.98
N ARG E 98 10.52 -4.89 -2.53
CA ARG E 98 10.55 -5.27 -1.12
C ARG E 98 11.91 -5.84 -0.73
N GLU E 99 12.44 -6.76 -1.54
CA GLU E 99 13.71 -7.42 -1.25
C GLU E 99 14.81 -6.41 -0.93
N ASN E 100 14.82 -5.26 -1.61
CA ASN E 100 15.79 -4.21 -1.28
C ASN E 100 15.53 -3.59 0.10
N ALA E 101 14.28 -3.30 0.45
CA ALA E 101 14.06 -2.70 1.77
C ALA E 101 14.42 -3.69 2.85
N MET E 102 14.13 -4.97 2.62
CA MET E 102 14.55 -6.03 3.52
C MET E 102 16.06 -6.01 3.71
N ALA E 103 16.80 -5.94 2.59
CA ALA E 103 18.27 -5.94 2.63
C ALA E 103 18.82 -4.68 3.30
N ILE E 104 18.27 -3.51 2.98
CA ILE E 104 18.68 -2.27 3.64
C ILE E 104 18.49 -2.37 5.14
N THR E 105 17.40 -2.98 5.56
CA THR E 105 17.12 -3.12 6.98
C THR E 105 18.12 -4.05 7.64
N LYS E 106 18.37 -5.20 7.02
CA LYS E 106 19.40 -6.10 7.53
C LYS E 106 20.73 -5.36 7.68
N LEU E 107 21.10 -4.55 6.68
CA LEU E 107 22.42 -3.92 6.71
C LEU E 107 22.51 -2.86 7.79
N GLN E 108 21.45 -2.09 7.97
CA GLN E 108 21.47 -1.15 9.07
C GLN E 108 21.57 -1.86 10.40
N GLU E 109 20.93 -3.03 10.52
CA GLU E 109 21.02 -3.74 11.80
C GLU E 109 22.41 -4.32 12.00
N CYS E 110 23.07 -4.71 10.91
CA CYS E 110 24.50 -5.03 10.93
C CYS E 110 25.33 -3.89 11.50
N LEU E 111 25.23 -2.71 10.86
CA LEU E 111 25.90 -1.52 11.39
C LEU E 111 25.62 -1.34 12.87
N MET E 112 24.37 -1.50 13.27
CA MET E 112 24.03 -1.29 14.67
C MET E 112 24.77 -2.28 15.56
N TRP E 113 24.74 -3.57 15.23
CA TRP E 113 25.40 -4.59 16.06
C TRP E 113 26.89 -4.32 16.20
N LEU E 114 27.54 -4.00 15.09
CA LEU E 114 28.96 -3.69 15.14
C LEU E 114 29.22 -2.49 16.05
N GLY E 115 28.43 -1.43 15.89
CA GLY E 115 28.62 -0.26 16.72
C GLY E 115 28.34 -0.54 18.17
N LYS E 116 27.46 -1.50 18.45
CA LYS E 116 27.26 -1.91 19.84
C LYS E 116 28.57 -2.41 20.41
N ARG E 117 29.26 -3.28 19.66
CA ARG E 117 30.59 -3.70 20.10
C ARG E 117 31.48 -2.50 20.41
N THR E 118 31.48 -1.48 19.54
CA THR E 118 32.26 -0.27 19.83
C THR E 118 31.83 0.38 21.15
N LEU E 119 30.54 0.68 21.30
CA LEU E 119 30.02 1.40 22.47
C LEU E 119 30.25 0.63 23.75
N ASP E 120 30.26 -0.71 23.68
CA ASP E 120 30.51 -1.53 24.84
C ASP E 120 32.00 -1.56 25.19
N ARG E 121 32.87 -1.66 24.19
CA ARG E 121 34.30 -1.49 24.47
C ARG E 121 34.62 -0.06 24.88
N GLU E 122 33.70 0.88 24.70
CA GLU E 122 33.93 2.21 25.23
C GLU E 122 33.36 2.41 26.64
N VAL E 123 32.36 1.64 27.05
CA VAL E 123 31.89 1.80 28.42
C VAL E 123 32.93 1.26 29.40
N LYS E 124 33.61 0.16 29.02
CA LYS E 124 34.73 -0.42 29.78
C LYS E 124 35.99 0.45 29.75
N GLY E 125 36.02 1.50 28.91
CA GLY E 125 37.16 2.39 28.76
C GLY E 125 38.09 2.05 27.61
N ILE E 126 38.17 0.78 27.24
CA ILE E 126 39.24 0.20 26.42
C ILE E 126 38.85 0.22 24.93
N GLU E 127 39.55 1.00 24.11
CA GLU E 127 39.23 0.94 22.69
C GLU E 127 40.48 0.67 21.86
N GLY E 128 40.34 -0.22 20.87
CA GLY E 128 41.46 -0.68 20.07
C GLY E 128 42.57 -1.23 20.93
N THR E 129 42.23 -2.09 21.88
CA THR E 129 43.17 -2.65 22.85
C THR E 129 43.60 -4.06 22.41
N SER E 130 44.77 -4.48 22.90
CA SER E 130 45.25 -5.84 22.64
C SER E 130 44.39 -6.91 23.31
N GLU E 131 43.53 -6.55 24.28
CA GLU E 131 42.50 -7.45 24.85
C GLU E 131 41.24 -6.69 25.27
N GLY F 3 49.21 14.94 -2.38
CA GLY F 3 48.47 13.70 -2.62
C GLY F 3 46.98 13.84 -2.42
N LEU F 4 46.55 14.99 -1.99
CA LEU F 4 45.14 15.23 -1.83
C LEU F 4 44.55 15.51 -3.21
N VAL F 5 43.27 15.24 -3.38
CA VAL F 5 42.60 15.48 -4.64
C VAL F 5 41.38 16.37 -4.40
N PRO F 6 40.98 17.15 -5.41
CA PRO F 6 39.83 18.01 -5.24
C PRO F 6 38.50 17.30 -5.07
N ARG F 7 37.68 17.76 -4.14
CA ARG F 7 36.40 17.14 -3.96
C ARG F 7 35.49 17.30 -5.11
N GLY F 8 35.35 18.53 -5.56
CA GLY F 8 34.49 18.79 -6.69
C GLY F 8 33.09 18.29 -6.54
N SER F 9 32.64 17.53 -7.53
CA SER F 9 31.29 16.99 -7.52
C SER F 9 31.03 16.02 -6.41
N HIS F 10 32.06 15.37 -5.91
CA HIS F 10 31.87 14.32 -4.93
C HIS F 10 31.14 14.70 -3.72
N MET F 11 30.24 13.81 -3.28
CA MET F 11 29.41 14.10 -2.13
C MET F 11 29.74 13.21 -0.98
N GLU F 12 29.85 13.79 0.19
CA GLU F 12 30.15 13.01 1.36
C GLU F 12 28.95 12.21 1.70
N ILE F 13 29.16 10.93 1.95
CA ILE F 13 28.08 10.09 2.32
C ILE F 13 28.23 10.02 3.79
N LYS F 14 27.29 10.58 4.50
CA LYS F 14 27.35 10.61 5.92
C LYS F 14 26.22 9.78 6.37
N ASN F 15 26.45 8.93 7.34
CA ASN F 15 25.37 8.11 7.90
C ASN F 15 25.48 8.08 9.41
N GLY F 16 24.38 8.45 10.07
CA GLY F 16 24.37 8.48 11.54
C GLY F 16 24.83 7.18 12.17
N LEU F 17 24.60 6.06 11.50
CA LEU F 17 24.96 4.74 11.99
C LEU F 17 26.44 4.43 11.84
N CYS F 18 27.19 5.28 11.14
CA CYS F 18 28.60 5.05 10.87
C CYS F 18 29.47 5.86 11.81
N THR F 19 30.43 5.19 12.45
CA THR F 19 31.33 5.84 13.41
C THR F 19 32.04 7.05 12.79
N GLN F 20 32.61 6.87 11.59
CA GLN F 20 33.21 7.94 10.80
C GLN F 20 34.32 8.67 11.59
N LYS F 21 35.08 7.89 12.36
CA LYS F 21 36.09 8.52 13.20
C LYS F 21 37.29 8.94 12.35
N TYR F 22 37.91 7.98 11.66
CA TYR F 22 39.15 8.23 10.93
C TYR F 22 39.00 8.26 9.42
N THR F 23 37.87 7.80 8.87
CA THR F 23 37.66 7.81 7.43
C THR F 23 36.34 8.50 7.10
N LYS F 24 36.22 8.90 5.82
CA LYS F 24 34.99 9.40 5.25
C LYS F 24 34.77 8.72 3.91
N VAL F 25 33.51 8.62 3.50
CA VAL F 25 33.14 8.02 2.22
C VAL F 25 32.55 9.11 1.34
N TYR F 26 32.88 9.07 0.03
CA TYR F 26 32.38 10.00 -0.97
C TYR F 26 31.92 9.22 -2.20
N ALA F 27 31.04 9.85 -2.98
CA ALA F 27 30.68 9.32 -4.29
C ALA F 27 30.41 10.47 -5.25
N GLU F 28 30.28 10.12 -6.53
CA GLU F 28 29.96 11.10 -7.55
C GLU F 28 28.71 11.89 -7.19
N ASP F 29 28.63 13.12 -7.68
CA ASP F 29 27.45 13.93 -7.45
C ASP F 29 26.19 13.21 -7.90
N LYS F 30 25.08 13.51 -7.24
CA LYS F 30 23.83 12.83 -7.54
C LYS F 30 23.42 13.12 -8.98
N GLU F 31 23.64 14.36 -9.44
CA GLU F 31 23.35 14.73 -10.82
C GLU F 31 24.09 13.86 -11.81
N LYS F 32 25.30 13.41 -11.45
CA LYS F 32 26.14 12.59 -12.32
C LYS F 32 25.80 11.10 -12.30
N TRP F 33 24.90 10.64 -11.42
CA TRP F 33 24.64 9.21 -11.33
C TRP F 33 24.07 8.70 -12.64
N LYS F 34 24.61 7.60 -13.12
CA LYS F 34 24.00 6.86 -14.20
C LYS F 34 23.24 5.70 -13.59
N PHE F 35 22.22 5.23 -14.30
CA PHE F 35 21.46 4.04 -13.89
C PHE F 35 20.92 4.15 -12.47
N ASN F 36 20.51 5.37 -12.09
CA ASN F 36 19.81 5.73 -10.88
C ASN F 36 20.72 5.73 -9.63
N ALA F 37 21.91 5.14 -9.69
CA ALA F 37 22.75 4.88 -8.53
C ALA F 37 24.16 5.41 -8.68
N PRO F 38 24.80 5.78 -7.58
CA PRO F 38 26.22 6.11 -7.63
C PRO F 38 27.01 4.85 -7.86
N HIS F 39 28.10 4.98 -8.60
CA HIS F 39 28.92 3.83 -8.88
C HIS F 39 30.39 4.04 -8.51
N HIS F 40 30.81 5.27 -8.21
CA HIS F 40 32.22 5.61 -8.02
C HIS F 40 32.40 6.24 -6.63
N PHE F 41 32.86 5.42 -5.68
CA PHE F 41 33.03 5.79 -4.29
C PHE F 41 34.52 5.88 -3.94
N ILE F 42 34.83 6.79 -3.04
CA ILE F 42 36.19 6.97 -2.62
C ILE F 42 36.15 7.11 -1.13
N VAL F 43 37.00 6.38 -0.43
CA VAL F 43 37.07 6.49 1.01
C VAL F 43 38.32 7.27 1.27
N GLY F 44 38.22 8.26 2.14
CA GLY F 44 39.34 9.10 2.39
C GLY F 44 39.53 9.54 3.82
N LYS F 45 40.70 10.03 4.14
CA LYS F 45 40.99 10.42 5.49
C LYS F 45 40.12 11.54 5.98
N ALA F 46 39.66 11.43 7.21
CA ALA F 46 38.78 12.43 7.77
C ALA F 46 39.38 13.77 7.97
N ASP F 47 40.58 13.80 8.50
CA ASP F 47 41.16 15.08 8.79
C ASP F 47 41.75 15.51 7.49
N CYS F 48 41.07 16.44 6.83
CA CYS F 48 41.50 16.84 5.51
C CYS F 48 40.91 18.19 5.25
N GLU F 49 41.26 18.81 4.12
CA GLU F 49 40.63 20.07 3.77
C GLU F 49 39.23 19.72 3.37
N ASP F 50 38.25 20.52 3.75
CA ASP F 50 36.91 20.24 3.29
C ASP F 50 36.91 20.33 1.77
N GLU F 51 37.80 21.14 1.19
CA GLU F 51 37.93 21.26 -0.27
C GLU F 51 38.52 20.02 -0.87
N TYR F 52 39.44 19.41 -0.16
CA TYR F 52 40.09 18.23 -0.70
C TYR F 52 39.63 16.87 -0.17
N ILE F 53 40.01 15.80 -0.84
CA ILE F 53 39.68 14.47 -0.39
C ILE F 53 41.02 13.78 -0.33
N GLU F 54 41.36 13.08 0.75
CA GLU F 54 42.61 12.33 0.77
C GLU F 54 42.34 10.89 0.52
N PRO F 55 42.52 10.45 -0.70
CA PRO F 55 42.11 9.09 -1.01
C PRO F 55 42.80 7.96 -0.35
N ILE F 56 42.05 6.95 0.07
CA ILE F 56 42.66 5.75 0.62
C ILE F 56 42.31 4.60 -0.29
N GLU F 57 41.06 4.52 -0.70
CA GLU F 57 40.68 3.46 -1.62
C GLU F 57 39.63 3.96 -2.53
N TYR F 58 39.58 3.40 -3.73
CA TYR F 58 38.59 3.77 -4.68
C TYR F 58 37.82 2.54 -4.97
N VAL F 59 36.51 2.59 -4.79
CA VAL F 59 35.70 1.45 -5.09
C VAL F 59 34.75 1.87 -6.16
N ASN F 60 34.75 1.13 -7.26
CA ASN F 60 33.90 1.44 -8.37
C ASN F 60 32.96 0.29 -8.70
N PHE F 61 31.70 0.59 -8.93
CA PHE F 61 30.68 -0.42 -9.15
C PHE F 61 30.21 -0.51 -10.58
N GLN F 62 29.63 -1.64 -10.96
CA GLN F 62 29.24 -1.86 -12.34
C GLN F 62 28.19 -0.96 -12.81
N GLU F 63 28.44 -0.28 -13.91
CA GLU F 63 27.47 0.61 -14.48
C GLU F 63 26.98 -0.05 -15.70
N GLY F 64 25.69 -0.21 -15.82
CA GLY F 64 25.14 -0.72 -17.04
C GLY F 64 24.99 -2.18 -17.10
N PRO F 65 24.16 -2.63 -18.04
CA PRO F 65 24.04 -4.05 -18.23
C PRO F 65 25.35 -4.57 -18.71
N ILE F 66 25.74 -5.72 -18.20
CA ILE F 66 27.02 -6.29 -18.57
C ILE F 66 27.01 -6.61 -20.03
N LYS F 67 25.83 -6.86 -20.59
CA LYS F 67 25.76 -7.24 -22.00
C LYS F 67 26.37 -6.19 -22.86
N GLU F 68 25.92 -4.97 -22.69
CA GLU F 68 26.41 -3.91 -23.53
C GLU F 68 27.49 -3.06 -22.92
N TYR F 69 27.85 -3.28 -21.68
CA TYR F 69 28.81 -2.39 -21.09
C TYR F 69 29.99 -3.13 -20.53
N GLY F 70 29.91 -4.44 -20.48
CA GLY F 70 31.03 -5.24 -20.01
C GLY F 70 31.10 -5.39 -18.50
N ILE F 71 32.15 -6.01 -17.98
CA ILE F 71 32.27 -6.06 -16.55
C ILE F 71 33.13 -4.90 -16.23
N ASN F 72 32.53 -3.82 -15.80
CA ASN F 72 33.27 -2.64 -15.51
C ASN F 72 33.28 -2.26 -14.05
N GLY F 73 32.75 -3.12 -13.20
CA GLY F 73 32.66 -2.82 -11.79
C GLY F 73 32.29 -3.88 -10.79
N VAL F 74 32.41 -3.57 -9.51
CA VAL F 74 32.02 -4.50 -8.47
C VAL F 74 30.55 -4.54 -8.13
N ASN F 75 30.14 -5.58 -7.45
CA ASN F 75 28.78 -5.67 -7.04
C ASN F 75 28.66 -5.58 -5.55
N ASN F 76 27.55 -5.09 -5.04
CA ASN F 76 27.28 -5.08 -3.61
C ASN F 76 27.61 -6.43 -2.98
N GLU F 77 27.15 -7.53 -3.62
CA GLU F 77 27.43 -8.89 -3.14
C GLU F 77 28.91 -9.12 -2.87
N ASP F 78 29.80 -8.45 -3.63
CA ASP F 78 31.23 -8.71 -3.48
C ASP F 78 31.80 -7.99 -2.26
N LEU F 79 31.41 -6.74 -2.04
CA LEU F 79 31.79 -6.06 -0.81
C LEU F 79 31.28 -6.83 0.41
N ILE F 80 30.05 -7.32 0.34
CA ILE F 80 29.50 -8.01 1.49
C ILE F 80 30.18 -9.35 1.70
N LEU F 81 30.53 -10.05 0.62
CA LEU F 81 31.33 -11.26 0.79
C LEU F 81 32.61 -10.95 1.55
N MET F 82 33.27 -9.85 1.20
CA MET F 82 34.47 -9.45 1.91
C MET F 82 34.20 -9.31 3.40
N VAL F 83 33.16 -8.56 3.76
CA VAL F 83 32.95 -8.26 5.17
C VAL F 83 32.53 -9.49 5.95
N ILE F 84 31.67 -10.33 5.36
CA ILE F 84 31.33 -11.61 5.96
C ILE F 84 32.58 -12.43 6.24
N THR F 85 33.50 -12.48 5.25
CA THR F 85 34.72 -13.28 5.41
C THR F 85 35.59 -12.74 6.53
N ARG F 86 35.73 -11.42 6.60
CA ARG F 86 36.56 -10.84 7.64
C ARG F 86 35.96 -11.11 9.02
N LEU F 87 34.66 -10.95 9.17
CA LEU F 87 34.03 -11.22 10.45
C LEU F 87 34.11 -12.70 10.81
N GLN F 88 33.99 -13.58 9.84
CA GLN F 88 34.10 -14.99 10.14
C GLN F 88 35.50 -15.30 10.64
N ALA F 89 36.49 -14.64 10.05
CA ALA F 89 37.87 -14.74 10.52
C ALA F 89 37.99 -14.27 11.98
N PHE F 90 37.52 -13.05 12.26
CA PHE F 90 37.44 -12.55 13.64
C PHE F 90 36.79 -13.54 14.60
N GLN F 91 35.82 -14.33 14.13
CA GLN F 91 35.23 -15.34 15.00
C GLN F 91 36.17 -16.50 15.26
N ASP F 92 37.16 -16.77 14.38
CA ASP F 92 38.35 -17.55 14.76
C ASP F 92 39.42 -16.65 15.37
N SER F 93 39.19 -16.24 16.58
CA SER F 93 40.27 -15.47 17.15
C SER F 93 40.00 -15.32 18.63
N PRO F 94 40.93 -14.75 19.36
CA PRO F 94 40.62 -14.28 20.71
C PRO F 94 39.42 -13.35 20.76
N TYR F 95 39.10 -12.68 19.66
CA TYR F 95 38.18 -11.57 19.71
C TYR F 95 36.80 -11.95 19.20
N LYS F 96 36.51 -13.25 19.15
CA LYS F 96 35.17 -13.74 18.90
C LYS F 96 34.20 -12.99 19.79
N CYS F 97 33.03 -12.66 19.28
CA CYS F 97 32.05 -12.07 20.17
C CYS F 97 30.66 -12.26 19.57
N ARG F 98 29.66 -12.03 20.42
CA ARG F 98 28.28 -12.14 19.97
C ARG F 98 27.97 -11.12 18.87
N GLU F 99 28.40 -9.87 19.05
CA GLU F 99 28.06 -8.83 18.09
C GLU F 99 28.48 -9.19 16.68
N ASN F 100 29.72 -9.65 16.51
CA ASN F 100 30.13 -10.14 15.20
C ASN F 100 29.21 -11.25 14.71
N ALA F 101 28.89 -12.21 15.58
CA ALA F 101 28.00 -13.30 15.19
C ALA F 101 26.69 -12.75 14.64
N MET F 102 26.13 -11.76 15.34
CA MET F 102 24.89 -11.13 14.91
C MET F 102 25.07 -10.44 13.58
N ALA F 103 26.19 -9.75 13.41
CA ALA F 103 26.43 -9.02 12.17
C ALA F 103 26.55 -9.96 10.97
N ILE F 104 27.25 -11.08 11.15
CA ILE F 104 27.38 -12.09 10.10
C ILE F 104 26.02 -12.65 9.75
N THR F 105 25.18 -12.85 10.75
CA THR F 105 23.84 -13.35 10.46
C THR F 105 23.03 -12.29 9.72
N LYS F 106 23.15 -11.02 10.12
CA LYS F 106 22.45 -9.97 9.39
C LYS F 106 22.90 -9.93 7.94
N LEU F 107 24.22 -9.87 7.71
CA LEU F 107 24.74 -9.76 6.35
C LEU F 107 24.36 -10.96 5.49
N GLN F 108 24.45 -12.16 6.05
CA GLN F 108 23.97 -13.31 5.32
C GLN F 108 22.50 -13.16 4.94
N GLU F 109 21.68 -12.64 5.84
CA GLU F 109 20.28 -12.45 5.47
C GLU F 109 20.13 -11.36 4.39
N CYS F 110 21.01 -10.36 4.40
CA CYS F 110 21.03 -9.36 3.33
C CYS F 110 21.37 -9.99 1.98
N LEU F 111 22.36 -10.86 1.93
CA LEU F 111 22.60 -11.59 0.69
C LEU F 111 21.38 -12.39 0.27
N MET F 112 20.75 -13.09 1.21
CA MET F 112 19.60 -13.91 0.84
C MET F 112 18.49 -13.10 0.18
N TRP F 113 18.24 -11.88 0.68
CA TRP F 113 17.17 -11.08 0.10
C TRP F 113 17.55 -10.63 -1.30
N LEU F 114 18.82 -10.25 -1.49
CA LEU F 114 19.24 -9.83 -2.82
C LEU F 114 19.10 -10.97 -3.83
N GLY F 115 19.59 -12.14 -3.44
CA GLY F 115 19.49 -13.32 -4.29
C GLY F 115 18.09 -13.78 -4.54
N LYS F 116 17.15 -13.46 -3.65
CA LYS F 116 15.74 -13.72 -3.94
C LYS F 116 15.26 -12.83 -5.06
N ARG F 117 15.62 -11.55 -4.99
CA ARG F 117 15.37 -10.68 -6.14
C ARG F 117 15.86 -11.35 -7.44
N THR F 118 17.11 -11.80 -7.42
CA THR F 118 17.72 -12.39 -8.62
C THR F 118 17.03 -13.70 -9.06
N LEU F 119 16.70 -14.59 -8.11
CA LEU F 119 16.04 -15.85 -8.46
C LEU F 119 14.66 -15.61 -9.01
N ASP F 120 14.01 -14.51 -8.60
CA ASP F 120 12.73 -14.16 -9.18
C ASP F 120 12.90 -13.60 -10.59
N ARG F 121 13.96 -12.80 -10.81
CA ARG F 121 14.30 -12.38 -12.19
C ARG F 121 14.77 -13.54 -13.05
N GLU F 122 15.17 -14.66 -12.44
CA GLU F 122 15.62 -15.84 -13.18
C GLU F 122 14.51 -16.88 -13.35
N VAL F 123 13.38 -16.72 -12.65
CA VAL F 123 12.15 -17.36 -13.12
C VAL F 123 11.68 -16.72 -14.42
N LYS F 124 11.99 -15.43 -14.64
CA LYS F 124 11.60 -14.70 -15.84
C LYS F 124 12.75 -14.51 -16.84
N GLY F 125 13.91 -15.13 -16.60
CA GLY F 125 15.06 -15.07 -17.50
C GLY F 125 15.66 -13.70 -17.80
N ILE F 126 15.28 -12.67 -17.04
CA ILE F 126 15.68 -11.29 -17.32
C ILE F 126 16.78 -10.82 -16.38
N GLU F 127 17.63 -11.74 -15.92
CA GLU F 127 18.75 -11.39 -15.04
C GLU F 127 19.89 -10.75 -15.84
N GLY F 128 20.70 -9.92 -15.15
CA GLY F 128 21.82 -9.25 -15.76
C GLY F 128 21.46 -8.22 -16.82
N THR F 129 20.17 -8.09 -17.14
CA THR F 129 19.58 -7.17 -18.12
C THR F 129 18.83 -6.04 -17.38
N SER F 130 18.31 -5.08 -18.16
CA SER F 130 17.79 -3.82 -17.64
C SER F 130 16.25 -3.75 -17.59
N GLU F 131 15.57 -4.86 -17.85
CA GLU F 131 14.12 -4.90 -18.14
C GLU F 131 13.26 -4.60 -16.92
N SER G 2 1.27 -10.18 -43.35
CA SER G 2 1.82 -8.90 -43.79
C SER G 2 2.05 -8.94 -45.32
N GLY G 3 2.38 -7.79 -45.90
CA GLY G 3 2.26 -7.56 -47.32
C GLY G 3 1.58 -6.22 -47.47
N LEU G 4 1.46 -5.68 -48.67
CA LEU G 4 0.83 -4.38 -48.76
C LEU G 4 -0.59 -4.52 -49.31
N VAL G 5 -1.33 -3.41 -49.20
CA VAL G 5 -2.60 -3.18 -49.88
C VAL G 5 -2.61 -1.71 -50.29
N PRO G 6 -3.21 -1.36 -51.41
CA PRO G 6 -3.36 0.05 -51.78
C PRO G 6 -3.91 0.87 -50.62
N ARG G 7 -3.46 2.13 -50.53
CA ARG G 7 -4.11 3.11 -49.65
C ARG G 7 -5.50 3.47 -50.13
N GLY G 8 -5.61 4.06 -51.31
CA GLY G 8 -6.91 4.19 -51.94
C GLY G 8 -7.84 5.08 -51.13
N SER G 9 -9.11 4.64 -51.01
CA SER G 9 -10.15 5.40 -50.33
C SER G 9 -10.05 5.32 -48.80
N HIS G 10 -9.22 4.40 -48.29
CA HIS G 10 -9.07 4.25 -46.86
C HIS G 10 -8.67 5.56 -46.20
N MET G 11 -9.35 5.88 -45.10
CA MET G 11 -9.07 7.08 -44.31
C MET G 11 -8.27 6.72 -43.07
N GLU G 12 -7.17 7.43 -42.86
CA GLU G 12 -6.41 7.32 -41.63
C GLU G 12 -7.22 7.91 -40.50
N ILE G 13 -7.04 7.35 -39.30
CA ILE G 13 -7.69 7.88 -38.10
C ILE G 13 -6.62 8.50 -37.22
N LYS G 14 -6.32 9.79 -37.43
CA LYS G 14 -5.38 10.52 -36.59
C LYS G 14 -6.16 11.08 -35.41
N ASN G 15 -5.86 10.60 -34.19
CA ASN G 15 -6.35 11.23 -32.98
C ASN G 15 -5.14 11.63 -32.14
N GLY G 16 -5.19 12.85 -31.59
CA GLY G 16 -4.05 13.42 -30.88
C GLY G 16 -3.61 12.63 -29.67
N LEU G 17 -4.55 11.99 -28.97
CA LEU G 17 -4.15 11.23 -27.79
C LEU G 17 -3.45 9.94 -28.13
N CYS G 18 -3.51 9.51 -29.39
CA CYS G 18 -3.01 8.21 -29.81
C CYS G 18 -1.65 8.42 -30.47
N THR G 19 -0.63 7.68 -29.98
CA THR G 19 0.78 7.99 -30.26
C THR G 19 1.17 7.77 -31.74
N GLN G 20 0.54 6.79 -32.44
CA GLN G 20 0.90 6.34 -33.80
C GLN G 20 2.39 6.06 -33.97
N LYS G 21 3.08 5.63 -32.92
CA LYS G 21 4.51 5.46 -33.07
C LYS G 21 4.82 4.37 -34.09
N TYR G 22 4.33 3.16 -33.84
CA TYR G 22 4.55 2.04 -34.76
C TYR G 22 3.38 1.73 -35.66
N THR G 23 2.15 1.87 -35.17
CA THR G 23 0.98 1.44 -35.91
C THR G 23 0.09 2.63 -36.20
N LYS G 24 -0.55 2.61 -37.37
CA LYS G 24 -1.67 3.47 -37.69
C LYS G 24 -2.96 2.66 -37.70
N VAL G 25 -4.09 3.37 -37.58
CA VAL G 25 -5.42 2.79 -37.74
C VAL G 25 -6.12 3.48 -38.89
N TYR G 26 -6.68 2.69 -39.81
CA TYR G 26 -7.37 3.15 -41.01
C TYR G 26 -8.80 2.60 -41.06
N ALA G 27 -9.67 3.25 -41.82
CA ALA G 27 -11.03 2.78 -42.01
C ALA G 27 -11.51 3.08 -43.42
N GLU G 28 -12.60 2.43 -43.82
CA GLU G 28 -13.22 2.74 -45.11
C GLU G 28 -13.48 4.24 -45.25
N ASP G 29 -13.57 4.68 -46.49
CA ASP G 29 -13.89 6.08 -46.77
C ASP G 29 -15.25 6.45 -46.19
N LYS G 30 -15.41 7.75 -45.85
CA LYS G 30 -16.63 8.18 -45.20
C LYS G 30 -17.87 8.10 -46.12
N GLU G 31 -17.74 8.36 -47.43
CA GLU G 31 -18.88 8.09 -48.31
C GLU G 31 -19.26 6.62 -48.34
N LYS G 32 -18.36 5.73 -47.95
CA LYS G 32 -18.74 4.33 -47.95
C LYS G 32 -19.34 3.88 -46.62
N TRP G 33 -19.56 4.80 -45.69
CA TRP G 33 -20.08 4.47 -44.36
C TRP G 33 -21.54 4.03 -44.42
N LYS G 34 -21.78 2.75 -44.17
CA LYS G 34 -23.15 2.28 -43.96
C LYS G 34 -23.56 2.49 -42.52
N PHE G 35 -24.79 2.96 -42.33
CA PHE G 35 -25.40 3.00 -41.00
C PHE G 35 -24.69 4.00 -40.10
N ASN G 36 -24.38 5.17 -40.64
CA ASN G 36 -23.91 6.32 -39.88
C ASN G 36 -22.50 6.13 -39.32
N ALA G 37 -21.78 5.10 -39.70
CA ALA G 37 -20.60 4.77 -38.91
C ALA G 37 -19.61 3.97 -39.75
N PRO G 38 -18.32 4.04 -39.41
CA PRO G 38 -17.36 3.13 -40.05
C PRO G 38 -17.49 1.75 -39.44
N HIS G 39 -17.31 0.73 -40.27
CA HIS G 39 -17.37 -0.65 -39.79
C HIS G 39 -16.16 -1.51 -40.10
N HIS G 40 -15.27 -1.10 -41.01
CA HIS G 40 -14.16 -1.93 -41.47
C HIS G 40 -12.86 -1.19 -41.18
N PHE G 41 -12.10 -1.69 -40.21
CA PHE G 41 -10.91 -1.02 -39.71
C PHE G 41 -9.69 -1.91 -39.98
N ILE G 42 -8.56 -1.26 -40.21
CA ILE G 42 -7.28 -1.93 -40.40
C ILE G 42 -6.27 -1.28 -39.47
N VAL G 43 -5.46 -2.09 -38.80
CA VAL G 43 -4.28 -1.62 -38.10
C VAL G 43 -3.09 -2.02 -38.92
N GLY G 44 -2.39 -1.01 -39.44
CA GLY G 44 -1.23 -1.22 -40.28
C GLY G 44 0.03 -0.69 -39.63
N LYS G 45 1.19 -1.18 -40.07
CA LYS G 45 2.45 -0.60 -39.67
C LYS G 45 2.54 0.82 -40.23
N ALA G 46 2.89 1.78 -39.37
CA ALA G 46 3.04 3.16 -39.82
C ALA G 46 4.30 3.37 -40.66
N ASP G 47 5.19 2.38 -40.66
CA ASP G 47 6.44 2.42 -41.41
C ASP G 47 6.29 1.70 -42.75
N CYS G 48 5.61 2.36 -43.70
CA CYS G 48 5.46 1.86 -45.06
C CYS G 48 5.19 3.01 -45.99
N GLU G 49 5.39 2.77 -47.29
CA GLU G 49 5.29 3.83 -48.28
C GLU G 49 3.93 4.52 -48.23
N ASP G 50 3.93 5.84 -48.46
CA ASP G 50 2.75 6.68 -48.22
C ASP G 50 1.55 6.25 -49.03
N GLU G 51 1.76 5.45 -50.07
CA GLU G 51 0.68 4.99 -50.92
C GLU G 51 0.20 3.62 -50.51
N TYR G 52 0.80 3.02 -49.49
CA TYR G 52 0.45 1.67 -49.09
C TYR G 52 0.06 1.64 -47.62
N ILE G 53 -0.74 0.64 -47.29
CA ILE G 53 -1.12 0.29 -45.92
C ILE G 53 -0.53 -1.10 -45.68
N GLU G 54 0.05 -1.33 -44.51
CA GLU G 54 0.70 -2.61 -44.26
C GLU G 54 0.01 -3.35 -43.10
N PRO G 55 -1.05 -4.09 -43.38
CA PRO G 55 -1.85 -4.71 -42.31
C PRO G 55 -1.09 -5.54 -41.29
N ILE G 56 -1.38 -5.26 -40.01
CA ILE G 56 -1.19 -6.20 -38.90
C ILE G 56 -2.50 -6.90 -38.53
N GLU G 57 -3.61 -6.14 -38.56
CA GLU G 57 -4.90 -6.73 -38.20
C GLU G 57 -6.05 -6.03 -38.91
N TYR G 58 -7.06 -6.80 -39.25
CA TYR G 58 -8.33 -6.33 -39.76
C TYR G 58 -9.35 -6.55 -38.66
N VAL G 59 -10.34 -5.64 -38.60
CA VAL G 59 -11.44 -5.69 -37.65
C VAL G 59 -12.71 -5.24 -38.34
N ASN G 60 -13.72 -6.07 -38.29
CA ASN G 60 -14.96 -5.77 -38.95
C ASN G 60 -16.10 -5.82 -37.99
N PHE G 61 -16.68 -4.68 -37.74
CA PHE G 61 -17.77 -4.58 -36.82
C PHE G 61 -19.08 -4.90 -37.45
N GLN G 62 -20.08 -5.14 -36.63
CA GLN G 62 -21.37 -5.53 -37.15
C GLN G 62 -21.90 -4.48 -38.01
N GLU G 63 -22.35 -4.89 -39.19
CA GLU G 63 -22.94 -3.96 -40.09
C GLU G 63 -24.31 -4.45 -40.23
N GLY G 64 -25.25 -3.60 -39.96
CA GLY G 64 -26.60 -4.00 -40.14
C GLY G 64 -27.41 -4.05 -38.90
N PRO G 65 -28.72 -4.13 -39.07
CA PRO G 65 -29.59 -4.21 -37.91
C PRO G 65 -29.26 -5.50 -37.25
N ILE G 66 -29.07 -5.46 -35.96
CA ILE G 66 -28.69 -6.66 -35.28
C ILE G 66 -29.83 -7.60 -35.44
N LYS G 67 -31.02 -7.08 -35.24
CA LYS G 67 -32.18 -7.91 -35.43
C LYS G 67 -32.38 -8.40 -36.88
N GLU G 68 -32.26 -7.53 -37.86
CA GLU G 68 -32.38 -7.98 -39.24
C GLU G 68 -31.28 -8.82 -39.89
N TYR G 69 -30.02 -8.44 -39.74
CA TYR G 69 -28.98 -9.15 -40.47
C TYR G 69 -28.29 -10.16 -39.62
N GLY G 70 -28.69 -10.22 -38.36
CA GLY G 70 -28.10 -11.20 -37.46
C GLY G 70 -26.70 -10.88 -37.03
N ILE G 71 -25.74 -11.74 -37.36
CA ILE G 71 -24.36 -11.51 -36.97
C ILE G 71 -23.43 -11.30 -38.13
N ASN G 72 -22.79 -10.14 -38.22
CA ASN G 72 -21.94 -9.81 -39.33
C ASN G 72 -20.57 -9.44 -38.86
N GLY G 73 -20.42 -9.19 -37.58
CA GLY G 73 -19.15 -8.74 -37.05
C GLY G 73 -19.17 -8.44 -35.59
N VAL G 74 -18.11 -7.85 -35.06
CA VAL G 74 -18.01 -7.64 -33.61
C VAL G 74 -18.73 -6.37 -33.19
N ASN G 75 -18.78 -6.14 -31.88
CA ASN G 75 -19.43 -5.00 -31.25
C ASN G 75 -18.37 -4.27 -30.42
N ASN G 76 -18.58 -2.96 -30.18
CA ASN G 76 -17.59 -2.20 -29.44
C ASN G 76 -17.29 -2.84 -28.09
N GLU G 77 -18.34 -3.42 -27.48
CA GLU G 77 -18.22 -4.09 -26.20
C GLU G 77 -17.23 -5.25 -26.22
N ASP G 78 -17.12 -5.97 -27.34
CA ASP G 78 -16.18 -7.09 -27.40
C ASP G 78 -14.74 -6.60 -27.33
N LEU G 79 -14.39 -5.58 -28.11
CA LEU G 79 -13.04 -5.04 -28.01
C LEU G 79 -12.76 -4.51 -26.62
N ILE G 80 -13.71 -3.77 -26.04
CA ILE G 80 -13.42 -3.22 -24.73
C ILE G 80 -13.24 -4.35 -23.73
N LEU G 81 -14.00 -5.43 -23.88
CA LEU G 81 -13.81 -6.60 -23.00
C LEU G 81 -12.42 -7.21 -23.13
N MET G 82 -11.92 -7.35 -24.37
CA MET G 82 -10.55 -7.83 -24.56
C MET G 82 -9.54 -6.95 -23.84
N VAL G 83 -9.65 -5.63 -24.04
CA VAL G 83 -8.64 -4.72 -23.48
C VAL G 83 -8.66 -4.74 -21.97
N ILE G 84 -9.87 -4.77 -21.38
CA ILE G 84 -9.99 -4.91 -19.93
C ILE G 84 -9.30 -6.18 -19.47
N THR G 85 -9.54 -7.29 -20.18
CA THR G 85 -8.97 -8.58 -19.78
C THR G 85 -7.45 -8.52 -19.75
N ARG G 86 -6.88 -7.98 -20.83
CA ARG G 86 -5.43 -7.82 -20.93
C ARG G 86 -4.87 -6.91 -19.82
N LEU G 87 -5.55 -5.79 -19.53
CA LEU G 87 -5.03 -4.89 -18.48
C LEU G 87 -5.10 -5.53 -17.10
N GLN G 88 -6.14 -6.33 -16.84
CA GLN G 88 -6.23 -7.09 -15.58
C GLN G 88 -5.10 -8.10 -15.48
N ALA G 89 -4.87 -8.83 -16.57
CA ALA G 89 -3.70 -9.70 -16.66
C ALA G 89 -2.44 -8.94 -16.27
N PHE G 90 -2.21 -7.78 -16.91
CA PHE G 90 -1.02 -7.00 -16.58
C PHE G 90 -0.97 -6.64 -15.11
N GLN G 91 -2.14 -6.36 -14.50
CA GLN G 91 -2.19 -6.04 -13.07
C GLN G 91 -1.82 -7.23 -12.20
N ASP G 92 -2.01 -8.45 -12.71
CA ASP G 92 -1.54 -9.67 -12.03
C ASP G 92 -0.19 -10.11 -12.59
N SER G 93 0.84 -9.29 -12.31
CA SER G 93 2.17 -9.49 -12.89
C SER G 93 3.13 -8.44 -12.36
N PRO G 94 4.41 -8.47 -12.75
CA PRO G 94 5.30 -7.35 -12.43
C PRO G 94 4.84 -6.05 -13.01
N TYR G 95 3.97 -6.11 -13.99
CA TYR G 95 3.62 -4.93 -14.76
C TYR G 95 2.50 -4.11 -14.11
N LYS G 96 2.01 -4.55 -12.94
CA LYS G 96 1.07 -3.76 -12.13
C LYS G 96 1.53 -2.33 -11.95
N CYS G 97 0.64 -1.38 -12.26
CA CYS G 97 0.86 0.04 -11.99
C CYS G 97 -0.48 0.76 -11.85
N ARG G 98 -0.40 2.02 -11.41
CA ARG G 98 -1.60 2.82 -11.14
C ARG G 98 -2.34 3.15 -12.42
N GLU G 99 -1.61 3.57 -13.45
CA GLU G 99 -2.20 3.91 -14.75
C GLU G 99 -3.07 2.78 -15.28
N ASN G 100 -2.62 1.53 -15.16
CA ASN G 100 -3.45 0.43 -15.60
C ASN G 100 -4.74 0.36 -14.80
N ALA G 101 -4.65 0.53 -13.47
CA ALA G 101 -5.86 0.46 -12.66
C ALA G 101 -6.87 1.52 -13.10
N MET G 102 -6.37 2.73 -13.37
CA MET G 102 -7.21 3.83 -13.83
C MET G 102 -7.88 3.52 -15.16
N ALA G 103 -7.12 2.98 -16.12
CA ALA G 103 -7.73 2.67 -17.40
C ALA G 103 -8.71 1.51 -17.29
N ILE G 104 -8.45 0.53 -16.41
CA ILE G 104 -9.44 -0.53 -16.24
C ILE G 104 -10.73 0.07 -15.73
N THR G 105 -10.63 0.95 -14.73
CA THR G 105 -11.81 1.63 -14.21
C THR G 105 -12.54 2.40 -15.30
N LYS G 106 -11.81 3.26 -16.04
CA LYS G 106 -12.44 3.98 -17.13
C LYS G 106 -13.20 3.05 -18.07
N LEU G 107 -12.59 1.92 -18.45
CA LEU G 107 -13.21 1.02 -19.42
C LEU G 107 -14.47 0.35 -18.85
N GLN G 108 -14.40 -0.11 -17.62
CA GLN G 108 -15.59 -0.64 -16.98
C GLN G 108 -16.70 0.40 -16.94
N GLU G 109 -16.34 1.68 -16.72
CA GLU G 109 -17.39 2.69 -16.68
C GLU G 109 -17.92 3.00 -18.07
N CYS G 110 -17.06 2.93 -19.07
CA CYS G 110 -17.53 3.02 -20.44
C CYS G 110 -18.54 1.94 -20.75
N LEU G 111 -18.26 0.69 -20.32
CA LEU G 111 -19.19 -0.41 -20.56
C LEU G 111 -20.49 -0.18 -19.82
N MET G 112 -20.41 0.41 -18.63
CA MET G 112 -21.62 0.68 -17.85
C MET G 112 -22.47 1.77 -18.47
N TRP G 113 -21.85 2.80 -19.06
CA TRP G 113 -22.64 3.79 -19.79
C TRP G 113 -23.29 3.18 -21.04
N LEU G 114 -22.51 2.44 -21.83
CA LEU G 114 -23.05 1.76 -22.99
C LEU G 114 -24.20 0.84 -22.61
N GLY G 115 -24.00 0.05 -21.55
CA GLY G 115 -25.03 -0.83 -21.07
C GLY G 115 -26.25 -0.10 -20.56
N LYS G 116 -26.07 1.08 -19.96
CA LYS G 116 -27.24 1.88 -19.58
C LYS G 116 -28.12 2.14 -20.79
N ARG G 117 -27.51 2.63 -21.87
CA ARG G 117 -28.23 2.79 -23.13
C ARG G 117 -28.99 1.52 -23.52
N THR G 118 -28.31 0.38 -23.49
CA THR G 118 -29.00 -0.89 -23.76
C THR G 118 -30.23 -1.07 -22.86
N LEU G 119 -30.03 -1.01 -21.54
CA LEU G 119 -31.10 -1.33 -20.59
C LEU G 119 -32.28 -0.40 -20.78
N ASP G 120 -32.03 0.82 -21.23
CA ASP G 120 -33.13 1.76 -21.44
C ASP G 120 -33.89 1.42 -22.72
N ARG G 121 -33.17 1.09 -23.81
CA ARG G 121 -33.86 0.60 -25.00
C ARG G 121 -34.45 -0.79 -24.80
N GLU G 122 -34.27 -1.40 -23.62
CA GLU G 122 -34.95 -2.64 -23.26
C GLU G 122 -36.11 -2.42 -22.30
N VAL G 123 -36.12 -1.27 -21.60
CA VAL G 123 -37.32 -0.81 -20.87
C VAL G 123 -38.38 -0.33 -21.85
N LYS G 124 -37.97 0.01 -23.08
CA LYS G 124 -38.81 0.50 -24.17
C LYS G 124 -38.95 -0.52 -25.29
N GLY G 125 -38.36 -1.72 -25.12
CA GLY G 125 -38.52 -2.83 -26.04
C GLY G 125 -37.83 -2.75 -27.40
N ILE G 126 -36.92 -1.80 -27.62
CA ILE G 126 -36.45 -1.53 -28.99
C ILE G 126 -34.96 -1.83 -29.23
N GLU G 127 -34.40 -2.83 -28.54
CA GLU G 127 -32.96 -3.07 -28.64
C GLU G 127 -32.59 -3.75 -29.96
N GLY G 128 -31.44 -3.34 -30.52
CA GLY G 128 -30.93 -3.92 -31.73
C GLY G 128 -31.70 -3.51 -32.97
N THR G 129 -32.72 -2.67 -32.81
CA THR G 129 -33.60 -2.27 -33.89
C THR G 129 -33.24 -0.87 -34.37
N SER G 130 -33.77 -0.51 -35.54
CA SER G 130 -33.51 0.76 -36.16
C SER G 130 -34.23 1.92 -35.47
N GLU G 131 -35.06 1.65 -34.47
CA GLU G 131 -35.89 2.71 -33.88
C GLU G 131 -35.03 3.60 -32.99
N ILE G 132 -35.27 4.92 -33.08
CA ILE G 132 -34.50 5.90 -32.31
C ILE G 132 -34.86 5.82 -30.82
N GLY H 3 -18.44 -22.66 -40.03
CA GLY H 3 -17.02 -22.54 -39.75
C GLY H 3 -16.84 -22.71 -38.28
N LEU H 4 -16.53 -23.92 -37.85
CA LEU H 4 -16.42 -24.15 -36.45
C LEU H 4 -15.07 -24.67 -36.09
N VAL H 5 -14.44 -24.08 -35.08
CA VAL H 5 -13.18 -24.61 -34.63
C VAL H 5 -13.49 -25.00 -33.21
N PRO H 6 -12.92 -26.08 -32.74
CA PRO H 6 -13.32 -26.48 -31.39
C PRO H 6 -12.77 -25.57 -30.34
N ARG H 7 -13.41 -25.54 -29.18
CA ARG H 7 -12.97 -24.63 -28.15
C ARG H 7 -11.58 -24.97 -27.75
N GLY H 8 -11.31 -26.23 -27.52
CA GLY H 8 -9.97 -26.63 -27.22
C GLY H 8 -9.38 -25.91 -26.06
N SER H 9 -8.19 -25.37 -26.25
CA SER H 9 -7.51 -24.62 -25.19
C SER H 9 -8.19 -23.34 -24.81
N HIS H 10 -8.89 -22.74 -25.75
CA HIS H 10 -9.46 -21.46 -25.50
C HIS H 10 -10.40 -21.32 -24.36
N MET H 11 -10.37 -20.17 -23.72
CA MET H 11 -11.17 -19.92 -22.55
C MET H 11 -12.19 -18.93 -22.94
N GLU H 12 -13.30 -18.88 -22.22
CA GLU H 12 -14.35 -17.94 -22.53
C GLU H 12 -14.27 -16.82 -21.56
N ILE H 13 -14.25 -15.60 -22.07
CA ILE H 13 -14.13 -14.45 -21.23
C ILE H 13 -15.50 -13.94 -20.90
N LYS H 14 -15.86 -13.99 -19.63
CA LYS H 14 -17.17 -13.58 -19.23
C LYS H 14 -17.10 -12.53 -18.17
N ASN H 15 -17.79 -11.40 -18.37
CA ASN H 15 -17.85 -10.35 -17.36
C ASN H 15 -19.29 -10.04 -17.18
N GLY H 16 -19.68 -9.65 -15.99
CA GLY H 16 -21.04 -9.29 -15.74
C GLY H 16 -21.37 -8.14 -16.62
N LEU H 17 -20.42 -7.25 -16.83
CA LEU H 17 -20.63 -6.07 -17.62
C LEU H 17 -20.96 -6.35 -19.05
N CYS H 18 -20.34 -7.36 -19.63
CA CYS H 18 -20.68 -7.74 -21.01
C CYS H 18 -21.89 -8.67 -21.08
N THR H 19 -22.82 -8.37 -21.97
CA THR H 19 -24.06 -9.16 -22.05
C THR H 19 -23.98 -10.62 -22.48
N GLN H 20 -23.16 -10.95 -23.47
CA GLN H 20 -22.98 -12.33 -23.99
C GLN H 20 -24.13 -12.84 -24.79
N LYS H 21 -25.07 -11.96 -25.11
CA LYS H 21 -26.25 -12.39 -25.84
C LYS H 21 -25.99 -12.86 -27.25
N TYR H 22 -25.18 -12.14 -28.00
CA TYR H 22 -24.99 -12.51 -29.38
C TYR H 22 -23.58 -12.93 -29.67
N THR H 23 -22.63 -12.44 -28.89
CA THR H 23 -21.25 -12.72 -29.18
C THR H 23 -20.59 -13.27 -27.96
N LYS H 24 -19.55 -14.06 -28.15
CA LYS H 24 -18.81 -14.57 -27.04
C LYS H 24 -17.37 -14.30 -27.32
N VAL H 25 -16.61 -13.95 -26.30
CA VAL H 25 -15.20 -13.63 -26.48
C VAL H 25 -14.40 -14.71 -25.88
N TYR H 26 -13.46 -15.21 -26.64
CA TYR H 26 -12.68 -16.31 -26.20
C TYR H 26 -11.27 -15.91 -26.31
N ALA H 27 -10.42 -16.50 -25.51
CA ALA H 27 -9.03 -16.20 -25.60
C ALA H 27 -8.24 -17.43 -25.29
N GLU H 28 -6.94 -17.38 -25.48
CA GLU H 28 -6.10 -18.52 -25.23
C GLU H 28 -6.04 -18.88 -23.79
N ASP H 29 -5.66 -20.10 -23.50
CA ASP H 29 -5.63 -20.57 -22.14
C ASP H 29 -4.59 -19.88 -21.35
N LYS H 30 -4.78 -19.84 -20.04
CA LYS H 30 -3.88 -19.12 -19.19
C LYS H 30 -2.50 -19.64 -19.32
N GLU H 31 -2.37 -20.92 -19.52
CA GLU H 31 -1.05 -21.53 -19.58
C GLU H 31 -0.22 -21.05 -20.72
N LYS H 32 -0.86 -20.76 -21.83
CA LYS H 32 -0.12 -20.36 -23.02
C LYS H 32 0.20 -18.92 -23.01
N TRP H 33 -0.24 -18.22 -21.98
CA TRP H 33 -0.04 -16.82 -21.97
C TRP H 33 1.38 -16.50 -21.94
N LYS H 34 1.76 -15.58 -22.79
CA LYS H 34 3.13 -15.20 -22.89
C LYS H 34 3.15 -13.78 -22.51
N PHE H 35 4.23 -13.37 -21.86
CA PHE H 35 4.37 -12.00 -21.43
C PHE H 35 3.26 -11.64 -20.49
N ASN H 36 2.83 -12.60 -19.70
CA ASN H 36 1.83 -12.37 -18.68
C ASN H 36 0.45 -11.97 -19.09
N ALA H 37 0.05 -12.18 -20.33
CA ALA H 37 -1.23 -11.69 -20.79
C ALA H 37 -1.81 -12.41 -21.96
N PRO H 38 -3.11 -12.28 -22.15
CA PRO H 38 -3.67 -12.88 -23.33
C PRO H 38 -3.31 -12.09 -24.55
N HIS H 39 -3.08 -12.75 -25.67
CA HIS H 39 -2.78 -12.06 -26.87
C HIS H 39 -3.56 -12.50 -28.05
N HIS H 40 -4.20 -13.65 -28.00
CA HIS H 40 -4.96 -14.16 -29.13
C HIS H 40 -6.39 -14.43 -28.72
N PHE H 41 -7.28 -13.62 -29.29
CA PHE H 41 -8.69 -13.56 -28.98
C PHE H 41 -9.49 -13.94 -30.21
N ILE H 42 -10.67 -14.50 -29.96
CA ILE H 42 -11.64 -14.86 -30.98
C ILE H 42 -13.02 -14.40 -30.53
N VAL H 43 -13.76 -13.76 -31.41
CA VAL H 43 -15.11 -13.42 -31.08
C VAL H 43 -15.89 -14.44 -31.83
N GLY H 44 -16.88 -15.01 -31.19
CA GLY H 44 -17.64 -16.07 -31.79
C GLY H 44 -19.11 -16.02 -31.49
N LYS H 45 -19.91 -16.75 -32.27
CA LYS H 45 -21.34 -16.74 -32.05
C LYS H 45 -21.78 -17.34 -30.74
N ALA H 46 -22.74 -16.70 -30.10
CA ALA H 46 -23.18 -17.15 -28.80
C ALA H 46 -23.84 -18.50 -28.71
N ASP H 47 -24.62 -18.86 -29.70
CA ASP H 47 -25.39 -20.09 -29.61
C ASP H 47 -24.59 -21.28 -30.02
N CYS H 48 -23.36 -21.07 -30.39
CA CYS H 48 -22.51 -22.17 -30.73
C CYS H 48 -22.29 -23.02 -29.52
N GLU H 49 -22.01 -24.28 -29.73
CA GLU H 49 -21.82 -25.20 -28.63
C GLU H 49 -20.63 -24.84 -27.81
N ASP H 50 -20.63 -25.22 -26.54
CA ASP H 50 -19.47 -24.99 -25.70
C ASP H 50 -18.33 -25.75 -26.28
N GLU H 51 -18.62 -26.87 -26.92
CA GLU H 51 -17.60 -27.67 -27.55
C GLU H 51 -16.87 -26.93 -28.64
N TYR H 52 -17.55 -26.06 -29.37
CA TYR H 52 -16.91 -25.39 -30.49
C TYR H 52 -16.99 -23.88 -30.45
N ILE H 53 -16.29 -23.22 -31.34
CA ILE H 53 -16.30 -21.78 -31.42
C ILE H 53 -16.63 -21.48 -32.85
N GLU H 54 -17.54 -20.55 -33.09
CA GLU H 54 -17.79 -20.17 -34.45
C GLU H 54 -17.21 -18.82 -34.62
N PRO H 55 -16.09 -18.72 -35.29
CA PRO H 55 -15.46 -17.42 -35.35
C PRO H 55 -16.16 -16.35 -36.13
N ILE H 56 -16.16 -15.12 -35.63
CA ILE H 56 -16.68 -14.03 -36.39
C ILE H 56 -15.52 -13.11 -36.69
N GLU H 57 -14.55 -13.04 -35.77
CA GLU H 57 -13.36 -12.23 -35.97
C GLU H 57 -12.24 -12.74 -35.10
N TYR H 58 -11.01 -12.43 -35.49
CA TYR H 58 -9.87 -12.82 -34.70
C TYR H 58 -9.10 -11.58 -34.45
N VAL H 59 -8.58 -11.45 -33.25
CA VAL H 59 -7.80 -10.28 -32.82
C VAL H 59 -6.52 -10.76 -32.18
N ASN H 60 -5.39 -10.28 -32.67
CA ASN H 60 -4.09 -10.69 -32.17
C ASN H 60 -3.34 -9.48 -31.67
N PHE H 61 -3.04 -9.49 -30.38
CA PHE H 61 -2.32 -8.38 -29.76
C PHE H 61 -0.83 -8.64 -29.82
N GLN H 62 -0.09 -7.56 -30.02
CA GLN H 62 1.37 -7.54 -30.01
C GLN H 62 1.94 -8.41 -28.89
N GLU H 63 2.68 -9.47 -29.24
CA GLU H 63 3.44 -10.21 -28.23
C GLU H 63 4.88 -9.74 -28.24
N GLY H 64 5.49 -9.72 -27.06
CA GLY H 64 6.89 -9.37 -26.93
C GLY H 64 7.23 -7.92 -27.27
N PRO H 65 8.42 -7.49 -26.86
CA PRO H 65 8.82 -6.09 -27.05
C PRO H 65 8.82 -5.72 -28.53
N ILE H 66 8.16 -4.60 -28.84
CA ILE H 66 7.94 -4.22 -30.23
C ILE H 66 9.26 -4.10 -30.98
N LYS H 67 10.34 -3.69 -30.29
CA LYS H 67 11.65 -3.46 -30.90
C LYS H 67 12.55 -4.71 -30.92
N GLU H 68 12.16 -5.80 -30.27
CA GLU H 68 12.91 -7.05 -30.35
C GLU H 68 12.22 -8.13 -31.15
N TYR H 69 10.89 -8.15 -31.22
CA TYR H 69 10.16 -9.22 -31.87
C TYR H 69 9.33 -8.73 -33.06
N GLY H 70 9.54 -7.49 -33.50
CA GLY H 70 8.78 -6.95 -34.61
C GLY H 70 7.36 -6.60 -34.21
N ILE H 71 6.66 -5.96 -35.15
CA ILE H 71 5.29 -5.51 -34.95
C ILE H 71 4.37 -6.65 -35.33
N ASN H 72 3.81 -7.36 -34.35
CA ASN H 72 3.09 -8.60 -34.69
C ASN H 72 1.72 -8.72 -34.02
N GLY H 73 1.08 -7.59 -33.76
CA GLY H 73 -0.25 -7.58 -33.17
C GLY H 73 -0.69 -6.15 -33.01
N VAL H 74 -1.93 -5.98 -32.53
CA VAL H 74 -2.48 -4.64 -32.29
C VAL H 74 -2.29 -4.23 -30.83
N ASN H 75 -2.41 -2.92 -30.59
CA ASN H 75 -2.41 -2.37 -29.26
C ASN H 75 -3.84 -2.11 -28.78
N ASN H 76 -4.03 -2.17 -27.46
CA ASN H 76 -5.24 -1.66 -26.83
C ASN H 76 -5.61 -0.29 -27.42
N GLU H 77 -4.67 0.66 -27.42
CA GLU H 77 -4.87 1.99 -28.00
C GLU H 77 -5.60 1.96 -29.33
N ASP H 78 -5.28 0.99 -30.18
CA ASP H 78 -5.85 0.92 -31.51
C ASP H 78 -7.33 0.52 -31.47
N LEU H 79 -7.66 -0.46 -30.63
CA LEU H 79 -9.06 -0.86 -30.47
C LEU H 79 -9.89 0.27 -29.86
N ILE H 80 -9.36 0.89 -28.80
CA ILE H 80 -10.09 1.97 -28.15
C ILE H 80 -10.32 3.12 -29.12
N LEU H 81 -9.35 3.37 -30.01
CA LEU H 81 -9.55 4.38 -31.03
C LEU H 81 -10.66 3.99 -32.00
N MET H 82 -10.74 2.70 -32.38
CA MET H 82 -11.85 2.29 -33.24
C MET H 82 -13.19 2.56 -32.58
N VAL H 83 -13.31 2.19 -31.30
CA VAL H 83 -14.59 2.36 -30.60
C VAL H 83 -14.94 3.83 -30.47
N ILE H 84 -13.97 4.66 -30.06
CA ILE H 84 -14.22 6.09 -29.94
C ILE H 84 -14.70 6.62 -31.28
N THR H 85 -14.12 6.08 -32.36
CA THR H 85 -14.39 6.60 -33.69
C THR H 85 -15.81 6.27 -34.11
N ARG H 86 -16.24 5.02 -33.89
CA ARG H 86 -17.63 4.64 -34.14
C ARG H 86 -18.60 5.42 -33.25
N LEU H 87 -18.28 5.55 -31.96
CA LEU H 87 -19.21 6.23 -31.06
C LEU H 87 -19.39 7.68 -31.48
N GLN H 88 -18.28 8.35 -31.82
CA GLN H 88 -18.36 9.69 -32.36
C GLN H 88 -19.13 9.76 -33.67
N ALA H 89 -19.04 8.72 -34.50
CA ALA H 89 -19.94 8.66 -35.65
C ALA H 89 -21.39 8.66 -35.21
N PHE H 90 -21.72 7.79 -34.25
CA PHE H 90 -23.09 7.67 -33.75
C PHE H 90 -23.58 9.00 -33.21
N GLN H 91 -22.72 9.73 -32.51
CA GLN H 91 -23.10 11.02 -31.95
C GLN H 91 -23.38 12.03 -33.05
N ASP H 92 -22.84 11.81 -34.25
CA ASP H 92 -23.18 12.59 -35.44
C ASP H 92 -24.22 11.85 -36.27
N SER H 93 -25.34 11.55 -35.64
CA SER H 93 -26.39 10.81 -36.30
C SER H 93 -27.64 11.02 -35.47
N PRO H 94 -28.80 10.52 -35.89
CA PRO H 94 -29.99 10.65 -35.05
C PRO H 94 -29.91 9.84 -33.76
N TYR H 95 -28.94 8.93 -33.63
CA TYR H 95 -28.79 8.08 -32.45
C TYR H 95 -27.91 8.73 -31.38
N LYS H 96 -27.60 10.03 -31.56
CA LYS H 96 -26.95 10.84 -30.55
C LYS H 96 -27.71 10.73 -29.26
N CYS H 97 -26.98 10.39 -28.19
CA CYS H 97 -27.55 10.26 -26.85
C CYS H 97 -26.45 10.54 -25.84
N ARG H 98 -26.88 10.83 -24.62
CA ARG H 98 -25.94 11.20 -23.58
C ARG H 98 -25.05 10.04 -23.19
N GLU H 99 -25.56 8.80 -23.27
CA GLU H 99 -24.78 7.66 -22.82
C GLU H 99 -23.56 7.43 -23.71
N ASN H 100 -23.72 7.64 -25.02
CA ASN H 100 -22.56 7.54 -25.91
C ASN H 100 -21.55 8.61 -25.59
N ALA H 101 -22.02 9.81 -25.26
CA ALA H 101 -21.08 10.89 -24.98
C ALA H 101 -20.29 10.60 -23.69
N MET H 102 -20.98 10.10 -22.67
CA MET H 102 -20.30 9.63 -21.48
C MET H 102 -19.24 8.60 -21.84
N ALA H 103 -19.62 7.61 -22.66
CA ALA H 103 -18.68 6.54 -23.01
C ALA H 103 -17.48 7.09 -23.74
N ILE H 104 -17.69 8.03 -24.66
CA ILE H 104 -16.58 8.67 -25.35
C ILE H 104 -15.63 9.32 -24.35
N THR H 105 -16.18 9.97 -23.32
CA THR H 105 -15.32 10.61 -22.34
C THR H 105 -14.54 9.56 -21.54
N LYS H 106 -15.20 8.46 -21.17
CA LYS H 106 -14.49 7.41 -20.45
C LYS H 106 -13.39 6.83 -21.29
N LEU H 107 -13.63 6.64 -22.59
CA LEU H 107 -12.61 6.03 -23.41
C LEU H 107 -11.44 6.98 -23.64
N GLN H 108 -11.71 8.28 -23.82
CA GLN H 108 -10.60 9.22 -23.94
C GLN H 108 -9.76 9.28 -22.66
N GLU H 109 -10.39 9.31 -21.48
CA GLU H 109 -9.56 9.33 -20.27
C GLU H 109 -8.76 8.05 -20.12
N CYS H 110 -9.34 6.93 -20.57
CA CYS H 110 -8.61 5.69 -20.70
C CYS H 110 -7.34 5.86 -21.53
N LEU H 111 -7.50 6.44 -22.71
CA LEU H 111 -6.35 6.65 -23.57
C LEU H 111 -5.33 7.52 -22.87
N MET H 112 -5.81 8.52 -22.10
CA MET H 112 -4.89 9.44 -21.44
C MET H 112 -4.05 8.74 -20.35
N TRP H 113 -4.66 7.79 -19.63
CA TRP H 113 -3.94 7.10 -18.58
C TRP H 113 -2.94 6.10 -19.15
N LEU H 114 -3.30 5.42 -20.24
CA LEU H 114 -2.32 4.54 -20.88
C LEU H 114 -1.15 5.35 -21.45
N GLY H 115 -1.46 6.46 -22.14
CA GLY H 115 -0.41 7.32 -22.63
C GLY H 115 0.45 7.91 -21.54
N LYS H 116 -0.13 8.10 -20.36
CA LYS H 116 0.70 8.53 -19.24
C LYS H 116 1.67 7.45 -18.87
N ARG H 117 1.24 6.18 -18.89
CA ARG H 117 2.22 5.12 -18.62
C ARG H 117 3.40 5.26 -19.57
N THR H 118 3.10 5.52 -20.86
CA THR H 118 4.13 5.64 -21.89
C THR H 118 5.06 6.82 -21.65
N LEU H 119 4.50 8.03 -21.54
CA LEU H 119 5.30 9.22 -21.30
C LEU H 119 6.06 9.14 -19.99
N ASP H 120 5.57 8.33 -19.05
CA ASP H 120 6.27 8.15 -17.78
C ASP H 120 7.39 7.16 -17.92
N ARG H 121 7.29 6.25 -18.90
CA ARG H 121 8.47 5.50 -19.32
C ARG H 121 9.47 6.38 -20.07
N GLU H 122 8.99 7.37 -20.81
CA GLU H 122 9.91 8.22 -21.58
C GLU H 122 10.74 9.10 -20.65
N VAL H 123 10.08 9.79 -19.72
CA VAL H 123 10.81 10.56 -18.72
C VAL H 123 11.77 9.65 -17.94
N LYS H 124 11.26 8.49 -17.48
CA LYS H 124 12.05 7.53 -16.72
C LYS H 124 12.98 6.67 -17.60
N GLY H 125 12.89 6.81 -18.93
CA GLY H 125 13.85 6.23 -19.87
C GLY H 125 13.78 4.73 -20.10
N ILE H 126 12.69 4.07 -19.73
CA ILE H 126 12.63 2.61 -19.63
C ILE H 126 11.65 2.03 -20.64
N GLU H 127 11.45 2.74 -21.77
CA GLU H 127 10.24 2.61 -22.57
C GLU H 127 10.27 1.41 -23.53
N GLY H 128 9.18 0.64 -23.53
CA GLY H 128 8.97 -0.43 -24.50
C GLY H 128 9.66 -1.75 -24.21
N THR H 129 10.36 -1.86 -23.07
CA THR H 129 11.22 -3.01 -22.80
C THR H 129 10.46 -4.27 -22.42
N SER I 1 23.44 37.50 -19.92
CA SER I 1 22.96 38.24 -18.76
C SER I 1 21.50 38.57 -18.95
N SER I 2 20.68 37.53 -19.06
CA SER I 2 19.26 37.73 -19.22
C SER I 2 18.60 37.17 -18.00
N GLY I 3 19.26 37.24 -16.86
CA GLY I 3 18.61 36.81 -15.65
C GLY I 3 18.92 35.41 -15.23
N LEU I 4 19.92 34.83 -15.85
CA LEU I 4 20.32 33.49 -15.51
C LEU I 4 20.74 33.39 -14.08
N VAL I 5 20.23 32.40 -13.38
CA VAL I 5 20.57 32.21 -11.98
C VAL I 5 21.01 30.77 -11.87
N PRO I 6 22.12 30.51 -11.20
CA PRO I 6 22.60 29.15 -10.97
C PRO I 6 21.57 28.16 -10.52
N ARG I 7 21.60 26.92 -10.99
CA ARG I 7 20.64 25.97 -10.49
C ARG I 7 20.90 25.51 -9.09
N GLY I 8 22.11 25.11 -8.84
CA GLY I 8 22.44 24.62 -7.54
C GLY I 8 21.71 23.43 -7.07
N SER I 9 21.18 23.50 -5.86
CA SER I 9 20.48 22.38 -5.28
C SER I 9 19.15 22.14 -5.91
N HIS I 10 18.67 23.09 -6.67
CA HIS I 10 17.35 22.98 -7.18
C HIS I 10 17.12 21.79 -8.01
N MET I 11 15.93 21.23 -7.89
CA MET I 11 15.61 20.04 -8.59
C MET I 11 14.62 20.28 -9.64
N GLU I 12 14.91 19.77 -10.81
CA GLU I 12 14.00 19.93 -11.88
C GLU I 12 12.88 18.99 -11.72
N ILE I 13 11.69 19.54 -11.62
CA ILE I 13 10.49 18.71 -11.57
C ILE I 13 10.28 18.17 -12.97
N LYS I 14 10.63 16.91 -13.20
CA LYS I 14 10.60 16.34 -14.53
C LYS I 14 9.47 15.32 -14.54
N ASN I 15 8.30 15.76 -15.00
CA ASN I 15 7.08 14.97 -14.91
C ASN I 15 6.59 14.64 -16.31
N GLY I 16 6.26 13.36 -16.52
CA GLY I 16 5.85 12.86 -17.83
C GLY I 16 4.64 13.56 -18.41
N LEU I 17 3.89 14.29 -17.58
CA LEU I 17 2.69 14.98 -18.03
C LEU I 17 2.95 16.42 -18.46
N CYS I 18 4.16 16.93 -18.28
CA CYS I 18 4.50 18.30 -18.68
C CYS I 18 5.54 18.29 -19.79
N THR I 19 5.16 18.93 -20.92
CA THR I 19 5.92 18.85 -22.16
C THR I 19 7.35 19.35 -21.98
N GLN I 20 7.54 20.41 -21.17
CA GLN I 20 8.81 21.16 -21.06
C GLN I 20 9.14 21.91 -22.35
N LYS I 21 8.14 22.25 -23.15
CA LYS I 21 8.42 22.91 -24.41
C LYS I 21 8.87 24.35 -24.18
N TYR I 22 8.15 25.07 -23.35
CA TYR I 22 8.47 26.46 -23.09
C TYR I 22 9.04 26.69 -21.70
N THR I 23 8.54 26.00 -20.69
CA THR I 23 8.96 26.28 -19.32
C THR I 23 9.38 24.99 -18.62
N LYS I 24 10.28 25.15 -17.66
CA LYS I 24 10.64 24.09 -16.72
C LYS I 24 10.27 24.55 -15.31
N VAL I 25 10.01 23.60 -14.41
CA VAL I 25 9.69 23.90 -13.03
C VAL I 25 10.75 23.26 -12.15
N TYR I 26 11.24 24.01 -11.16
CA TYR I 26 12.25 23.56 -10.22
C TYR I 26 11.76 23.81 -8.80
N ALA I 27 12.04 22.87 -7.90
CA ALA I 27 11.86 23.10 -6.46
C ALA I 27 13.21 23.04 -5.77
N GLU I 28 13.23 23.33 -4.48
CA GLU I 28 14.46 23.16 -3.70
C GLU I 28 14.80 21.69 -3.55
N ASP I 29 16.06 21.40 -3.24
CA ASP I 29 16.48 20.00 -3.21
C ASP I 29 15.70 19.23 -2.15
N LYS I 30 15.36 17.96 -2.48
CA LYS I 30 14.71 17.09 -1.50
C LYS I 30 15.38 17.19 -0.16
N GLU I 31 16.71 17.13 -0.14
CA GLU I 31 17.49 17.21 1.09
C GLU I 31 17.07 18.41 1.93
N LYS I 32 16.52 19.46 1.29
CA LYS I 32 16.17 20.68 1.99
C LYS I 32 14.70 20.77 2.40
N TRP I 33 13.85 19.84 1.98
CA TRP I 33 12.42 19.99 2.18
C TRP I 33 12.09 20.06 3.65
N LYS I 34 11.30 21.06 4.03
CA LYS I 34 10.77 21.14 5.38
C LYS I 34 9.29 20.74 5.37
N PHE I 35 8.81 20.29 6.53
CA PHE I 35 7.41 19.90 6.70
C PHE I 35 6.96 18.82 5.70
N ASN I 36 7.90 18.04 5.21
CA ASN I 36 7.68 16.93 4.27
C ASN I 36 7.39 17.38 2.85
N ALA I 37 7.53 18.65 2.52
CA ALA I 37 7.15 19.04 1.17
C ALA I 37 8.13 20.03 0.57
N PRO I 38 8.19 20.12 -0.77
CA PRO I 38 8.81 21.27 -1.40
C PRO I 38 7.92 22.50 -1.24
N HIS I 39 8.55 23.63 -0.97
CA HIS I 39 7.82 24.84 -0.70
C HIS I 39 8.27 26.02 -1.52
N HIS I 40 9.45 25.95 -2.15
CA HIS I 40 10.04 27.09 -2.84
C HIS I 40 10.19 26.68 -4.29
N PHE I 41 9.31 27.17 -5.15
CA PHE I 41 9.28 26.78 -6.54
C PHE I 41 9.77 27.92 -7.43
N ILE I 42 10.38 27.55 -8.56
CA ILE I 42 10.75 28.46 -9.64
C ILE I 42 10.22 27.91 -10.94
N VAL I 43 9.59 28.77 -11.74
CA VAL I 43 9.31 28.50 -13.14
C VAL I 43 10.35 29.23 -13.98
N GLY I 44 11.12 28.48 -14.77
CA GLY I 44 12.17 29.01 -15.62
C GLY I 44 11.93 28.79 -17.10
N LYS I 45 12.56 29.62 -17.94
CA LYS I 45 12.45 29.44 -19.38
C LYS I 45 13.15 28.14 -19.73
N ALA I 46 12.51 27.33 -20.58
CA ALA I 46 12.99 25.97 -20.78
C ALA I 46 14.28 25.92 -21.58
N ASP I 47 14.43 26.83 -22.53
CA ASP I 47 15.54 26.74 -23.48
C ASP I 47 16.76 27.42 -22.88
N CYS I 48 17.36 26.72 -21.93
CA CYS I 48 18.41 27.24 -21.07
C CYS I 48 19.36 26.09 -20.74
N GLU I 49 20.55 26.42 -20.22
CA GLU I 49 21.53 25.37 -19.94
C GLU I 49 21.42 24.85 -18.51
N ASP I 50 21.40 23.51 -18.40
CA ASP I 50 20.86 22.75 -17.27
C ASP I 50 21.52 23.06 -15.94
N GLU I 51 22.61 23.82 -15.92
CA GLU I 51 23.23 24.33 -14.70
C GLU I 51 22.72 25.71 -14.31
N TYR I 52 21.81 26.29 -15.11
CA TYR I 52 21.23 27.58 -14.83
C TYR I 52 19.71 27.50 -14.91
N ILE I 53 19.07 28.52 -14.35
CA ILE I 53 17.64 28.74 -14.45
C ILE I 53 17.44 30.13 -15.02
N GLU I 54 16.49 30.28 -15.96
CA GLU I 54 16.20 31.66 -16.35
C GLU I 54 14.86 32.07 -15.76
N PRO I 55 14.81 32.49 -14.50
CA PRO I 55 13.52 32.54 -13.78
C PRO I 55 12.48 33.45 -14.41
N ILE I 56 11.29 32.88 -14.64
CA ILE I 56 10.09 33.63 -15.01
C ILE I 56 9.26 33.95 -13.78
N GLU I 57 9.24 33.05 -12.79
CA GLU I 57 8.40 33.32 -11.64
C GLU I 57 8.86 32.50 -10.43
N TYR I 58 8.61 33.03 -9.25
CA TYR I 58 8.88 32.36 -8.00
C TYR I 58 7.56 32.19 -7.25
N VAL I 59 7.34 31.03 -6.66
CA VAL I 59 6.10 30.73 -5.96
C VAL I 59 6.45 30.10 -4.63
N ASN I 60 6.02 30.72 -3.55
CA ASN I 60 6.37 30.26 -2.22
C ASN I 60 5.11 29.78 -1.53
N PHE I 61 5.17 28.55 -1.04
CA PHE I 61 4.04 27.93 -0.39
C PHE I 61 4.19 28.10 1.10
N GLN I 62 3.06 28.01 1.78
CA GLN I 62 2.95 28.01 3.23
C GLN I 62 3.92 26.99 3.81
N GLU I 63 4.96 27.42 4.52
CA GLU I 63 5.79 26.50 5.29
C GLU I 63 5.29 26.46 6.73
N GLY I 64 4.81 25.32 7.16
CA GLY I 64 4.39 25.17 8.54
C GLY I 64 2.91 25.41 8.69
N PRO I 65 2.27 24.60 9.52
CA PRO I 65 0.82 24.77 9.72
C PRO I 65 0.51 26.17 10.26
N ILE I 66 -0.55 26.74 9.70
CA ILE I 66 -0.80 28.19 9.82
C ILE I 66 -0.97 28.60 11.29
N LYS I 67 -1.79 27.85 12.04
CA LYS I 67 -2.05 28.14 13.45
C LYS I 67 -0.79 28.10 14.30
N GLU I 68 0.30 27.53 13.79
CA GLU I 68 1.54 27.53 14.54
C GLU I 68 2.58 28.49 13.98
N TYR I 69 2.69 28.63 12.66
CA TYR I 69 3.71 29.47 12.06
C TYR I 69 3.16 30.73 11.41
N GLY I 70 1.84 30.94 11.40
CA GLY I 70 1.29 32.11 10.75
C GLY I 70 1.24 31.94 9.24
N ILE I 71 0.84 33.03 8.59
CA ILE I 71 0.53 33.02 7.17
C ILE I 71 1.79 33.45 6.42
N ASN I 72 2.47 32.51 5.74
CA ASN I 72 3.78 32.81 5.18
C ASN I 72 3.98 32.21 3.79
N GLY I 73 2.90 32.02 3.03
CA GLY I 73 3.02 31.51 1.68
C GLY I 73 1.65 31.11 1.17
N VAL I 74 1.59 30.86 -0.15
CA VAL I 74 0.31 30.53 -0.80
C VAL I 74 -0.08 29.10 -0.46
N ASN I 75 -1.33 28.76 -0.75
CA ASN I 75 -1.81 27.40 -0.58
C ASN I 75 -2.11 26.79 -1.93
N ASN I 76 -2.28 25.48 -1.96
CA ASN I 76 -2.64 24.82 -3.20
C ASN I 76 -3.93 25.38 -3.77
N GLU I 77 -4.96 25.50 -2.92
CA GLU I 77 -6.28 25.88 -3.41
C GLU I 77 -6.23 27.24 -4.09
N ASP I 78 -5.30 28.10 -3.65
CA ASP I 78 -5.08 29.40 -4.30
C ASP I 78 -4.69 29.25 -5.76
N LEU I 79 -3.62 28.50 -6.01
CA LEU I 79 -3.22 28.28 -7.39
C LEU I 79 -4.33 27.63 -8.19
N ILE I 80 -5.00 26.62 -7.63
CA ILE I 80 -6.11 26.00 -8.34
C ILE I 80 -7.13 27.06 -8.72
N LEU I 81 -7.48 27.95 -7.77
CA LEU I 81 -8.46 28.99 -8.03
C LEU I 81 -8.03 29.89 -9.19
N MET I 82 -6.76 30.28 -9.22
CA MET I 82 -6.29 31.07 -10.35
C MET I 82 -6.53 30.34 -11.65
N VAL I 83 -6.19 29.05 -11.70
CA VAL I 83 -6.30 28.36 -12.98
C VAL I 83 -7.76 28.24 -13.38
N ILE I 84 -8.64 27.92 -12.43
CA ILE I 84 -10.06 27.83 -12.72
C ILE I 84 -10.57 29.16 -13.27
N THR I 85 -10.23 30.26 -12.62
CA THR I 85 -10.65 31.57 -13.09
C THR I 85 -10.22 31.84 -14.53
N ARG I 86 -8.94 31.57 -14.84
CA ARG I 86 -8.47 31.80 -16.20
C ARG I 86 -9.14 30.87 -17.20
N LEU I 87 -9.46 29.64 -16.82
CA LEU I 87 -10.08 28.75 -17.78
C LEU I 87 -11.53 29.12 -18.02
N GLN I 88 -12.19 29.64 -16.99
CA GLN I 88 -13.55 30.11 -17.19
C GLN I 88 -13.57 31.37 -18.05
N ALA I 89 -12.57 32.23 -17.88
CA ALA I 89 -12.34 33.30 -18.85
C ALA I 89 -12.24 32.73 -20.27
N PHE I 90 -11.34 31.77 -20.48
CA PHE I 90 -11.15 31.17 -21.80
C PHE I 90 -12.44 30.57 -22.33
N GLN I 91 -13.34 30.15 -21.45
CA GLN I 91 -14.60 29.55 -21.90
C GLN I 91 -15.57 30.60 -22.41
N ASP I 92 -15.58 31.78 -21.77
CA ASP I 92 -16.28 32.98 -22.24
C ASP I 92 -15.37 33.78 -23.17
N SER I 93 -15.14 33.24 -24.36
CA SER I 93 -14.34 33.87 -25.41
C SER I 93 -14.25 32.92 -26.61
N PRO I 94 -13.75 33.38 -27.78
CA PRO I 94 -13.69 32.50 -28.95
C PRO I 94 -13.02 31.14 -28.76
N TYR I 95 -12.32 30.92 -27.65
CA TYR I 95 -11.45 29.75 -27.49
C TYR I 95 -12.06 28.70 -26.58
N LYS I 96 -13.36 28.79 -26.31
CA LYS I 96 -14.13 27.77 -25.63
C LYS I 96 -13.86 26.37 -26.24
N CYS I 97 -13.94 25.31 -25.42
CA CYS I 97 -13.81 23.92 -25.90
C CYS I 97 -14.18 22.93 -24.79
N ARG I 98 -14.51 21.68 -25.19
CA ARG I 98 -14.69 20.61 -24.20
C ARG I 98 -13.48 20.43 -23.32
N GLU I 99 -12.29 20.54 -23.89
CA GLU I 99 -11.13 20.20 -23.08
C GLU I 99 -11.03 21.13 -21.87
N ASN I 100 -11.22 22.43 -22.09
CA ASN I 100 -11.27 23.39 -21.00
C ASN I 100 -12.41 23.08 -20.04
N ALA I 101 -13.59 22.78 -20.56
CA ALA I 101 -14.70 22.39 -19.70
C ALA I 101 -14.31 21.25 -18.77
N MET I 102 -13.79 20.17 -19.36
CA MET I 102 -13.35 19.01 -18.61
C MET I 102 -12.35 19.40 -17.55
N ALA I 103 -11.36 20.19 -17.94
CA ALA I 103 -10.29 20.51 -17.01
C ALA I 103 -10.83 21.34 -15.85
N ILE I 104 -11.77 22.25 -16.12
CA ILE I 104 -12.39 23.03 -15.05
C ILE I 104 -13.12 22.11 -14.08
N THR I 105 -13.87 21.15 -14.61
CA THR I 105 -14.57 20.18 -13.77
C THR I 105 -13.57 19.40 -12.91
N LYS I 106 -12.46 18.97 -13.53
CA LYS I 106 -11.44 18.26 -12.76
C LYS I 106 -10.96 19.12 -11.60
N LEU I 107 -10.66 20.39 -11.87
CA LEU I 107 -10.08 21.22 -10.82
C LEU I 107 -11.11 21.57 -9.72
N GLN I 108 -12.37 21.77 -10.11
CA GLN I 108 -13.39 21.95 -9.08
C GLN I 108 -13.51 20.71 -8.18
N GLU I 109 -13.48 19.50 -8.77
CA GLU I 109 -13.52 18.30 -7.93
C GLU I 109 -12.26 18.18 -7.07
N CYS I 110 -11.12 18.63 -7.58
CA CYS I 110 -9.93 18.69 -6.75
C CYS I 110 -10.14 19.56 -5.51
N LEU I 111 -10.68 20.78 -5.73
CA LEU I 111 -10.91 21.67 -4.60
C LEU I 111 -11.90 21.03 -3.63
N MET I 112 -12.92 20.33 -4.15
CA MET I 112 -13.89 19.69 -3.28
C MET I 112 -13.24 18.62 -2.40
N TRP I 113 -12.40 17.75 -2.99
CA TRP I 113 -11.72 16.71 -2.19
C TRP I 113 -10.78 17.31 -1.16
N LEU I 114 -10.04 18.33 -1.50
CA LEU I 114 -9.18 18.94 -0.52
C LEU I 114 -10.02 19.57 0.53
N GLY I 115 -11.21 19.99 0.16
CA GLY I 115 -12.13 20.60 1.09
C GLY I 115 -12.66 19.70 2.11
N LYS I 116 -12.89 18.46 1.74
CA LYS I 116 -13.42 17.50 2.65
C LYS I 116 -12.48 17.38 3.74
N ARG I 117 -11.22 17.34 3.43
CA ARG I 117 -10.22 17.16 4.44
C ARG I 117 -10.25 18.32 5.38
N THR I 118 -10.33 19.51 4.87
CA THR I 118 -10.34 20.67 5.71
C THR I 118 -11.56 20.66 6.59
N LEU I 119 -12.70 20.35 6.05
CA LEU I 119 -13.91 20.26 6.84
C LEU I 119 -13.89 19.18 7.86
N ASP I 120 -13.39 18.02 7.50
CA ASP I 120 -13.34 16.91 8.41
C ASP I 120 -12.45 17.25 9.54
N ARG I 121 -11.35 17.92 9.27
CA ARG I 121 -10.42 18.27 10.29
C ARG I 121 -10.93 19.42 11.08
N GLU I 122 -11.78 20.23 10.49
CA GLU I 122 -12.43 21.29 11.26
C GLU I 122 -13.46 20.73 12.24
N VAL I 123 -14.21 19.71 11.81
CA VAL I 123 -15.08 19.00 12.73
C VAL I 123 -14.28 18.38 13.86
N LYS I 124 -13.11 17.80 13.55
CA LYS I 124 -12.17 17.30 14.55
C LYS I 124 -11.47 18.43 15.32
N GLY I 125 -11.70 19.69 14.97
CA GLY I 125 -10.97 20.79 15.58
C GLY I 125 -9.47 20.66 15.52
N ILE I 126 -8.92 20.24 14.37
CA ILE I 126 -7.47 20.14 14.17
C ILE I 126 -7.02 20.81 12.88
N GLU I 127 -7.92 21.43 12.15
CA GLU I 127 -7.52 22.15 10.94
C GLU I 127 -6.51 23.24 11.31
N GLY I 128 -5.53 23.47 10.44
CA GLY I 128 -4.53 24.50 10.65
C GLY I 128 -3.37 24.09 11.53
N THR I 129 -3.43 22.93 12.18
CA THR I 129 -2.41 22.48 13.11
C THR I 129 -1.59 21.37 12.46
N SER I 130 -0.61 20.87 13.20
CA SER I 130 0.18 19.77 12.67
C SER I 130 -0.32 18.38 13.12
N GLU I 131 -1.52 18.32 13.71
CA GLU I 131 -2.11 17.02 14.03
C GLU I 131 -2.46 16.22 12.78
N ILE I 132 -2.22 14.92 12.84
CA ILE I 132 -2.58 14.03 11.73
C ILE I 132 -4.09 13.81 11.69
N SER J 2 2.22 45.95 7.94
CA SER J 2 3.25 46.28 6.96
C SER J 2 3.46 45.18 5.91
N GLY J 3 4.06 45.59 4.78
CA GLY J 3 4.02 44.87 3.52
C GLY J 3 2.68 45.04 2.82
N LEU J 4 2.18 46.27 2.70
CA LEU J 4 0.86 46.49 2.11
C LEU J 4 0.92 47.21 0.76
N VAL J 5 -0.13 46.98 -0.03
CA VAL J 5 -0.33 47.70 -1.28
C VAL J 5 -1.77 48.12 -1.39
N PRO J 6 -2.06 49.26 -2.02
CA PRO J 6 -3.43 49.72 -2.16
C PRO J 6 -4.23 48.73 -2.96
N ARG J 7 -5.49 48.52 -2.57
CA ARG J 7 -6.27 47.54 -3.31
C ARG J 7 -6.48 48.00 -4.75
N GLY J 8 -6.65 49.31 -4.96
CA GLY J 8 -6.72 49.82 -6.32
C GLY J 8 -7.82 49.17 -7.12
N SER J 9 -7.54 48.91 -8.41
CA SER J 9 -8.50 48.37 -9.37
C SER J 9 -8.63 46.84 -9.32
N HIS J 10 -7.80 46.17 -8.51
CA HIS J 10 -7.80 44.72 -8.41
C HIS J 10 -9.17 44.20 -8.03
N MET J 11 -9.62 43.16 -8.73
CA MET J 11 -10.82 42.46 -8.34
C MET J 11 -10.46 41.28 -7.46
N GLU J 12 -11.39 40.86 -6.62
CA GLU J 12 -11.18 39.74 -5.75
C GLU J 12 -11.88 38.61 -6.34
N ILE J 13 -11.28 37.46 -6.22
CA ILE J 13 -11.84 36.29 -6.80
C ILE J 13 -12.46 35.52 -5.69
N LYS J 14 -13.76 35.31 -5.77
CA LYS J 14 -14.45 34.53 -4.78
C LYS J 14 -15.23 33.42 -5.41
N ASN J 15 -15.00 32.20 -4.98
CA ASN J 15 -15.77 31.09 -5.46
C ASN J 15 -16.11 30.43 -4.19
N GLY J 16 -17.27 29.82 -4.11
CA GLY J 16 -17.70 29.16 -2.91
C GLY J 16 -16.81 28.02 -2.57
N LEU J 17 -16.21 27.43 -3.56
CA LEU J 17 -15.32 26.32 -3.35
C LEU J 17 -14.13 26.75 -2.55
N CYS J 18 -13.89 28.05 -2.51
CA CYS J 18 -12.78 28.58 -1.74
C CYS J 18 -13.17 29.29 -0.46
N THR J 19 -12.64 28.83 0.66
CA THR J 19 -12.98 29.39 1.97
C THR J 19 -12.60 30.81 2.33
N GLN J 20 -11.44 31.27 1.92
CA GLN J 20 -10.96 32.60 2.26
C GLN J 20 -10.75 32.81 3.71
N LYS J 21 -10.45 31.75 4.44
CA LYS J 21 -10.18 31.91 5.83
C LYS J 21 -8.91 32.61 6.10
N TYR J 22 -7.88 32.25 5.37
CA TYR J 22 -6.58 32.81 5.64
C TYR J 22 -6.03 33.64 4.51
N THR J 23 -6.38 33.29 3.28
CA THR J 23 -5.84 33.98 2.15
C THR J 23 -6.88 34.36 1.16
N LYS J 24 -6.66 35.46 0.45
CA LYS J 24 -7.59 35.95 -0.54
C LYS J 24 -6.86 36.12 -1.86
N VAL J 25 -7.53 35.85 -2.98
CA VAL J 25 -6.90 35.92 -4.29
C VAL J 25 -7.45 37.05 -5.11
N TYR J 26 -6.60 37.84 -5.74
CA TYR J 26 -7.01 38.98 -6.50
C TYR J 26 -6.37 39.04 -7.86
N ALA J 27 -7.02 39.61 -8.86
CA ALA J 27 -6.47 39.82 -10.19
C ALA J 27 -6.83 41.23 -10.65
N GLU J 28 -6.26 41.63 -11.79
CA GLU J 28 -6.56 42.95 -12.35
C GLU J 28 -8.02 43.08 -12.75
N ASP J 29 -8.49 44.32 -12.71
CA ASP J 29 -9.87 44.60 -13.07
C ASP J 29 -10.19 44.04 -14.45
N LYS J 30 -11.41 43.49 -14.61
CA LYS J 30 -11.79 42.83 -15.85
C LYS J 30 -11.68 43.75 -17.06
N GLU J 31 -11.94 45.04 -16.89
CA GLU J 31 -11.72 45.99 -17.98
C GLU J 31 -10.30 45.91 -18.49
N LYS J 32 -9.35 45.74 -17.58
CA LYS J 32 -7.96 45.77 -17.96
C LYS J 32 -7.46 44.43 -18.48
N TRP J 33 -8.33 43.42 -18.63
CA TRP J 33 -7.85 42.08 -19.03
C TRP J 33 -7.41 42.11 -20.48
N LYS J 34 -6.24 41.55 -20.74
CA LYS J 34 -5.75 41.41 -22.10
C LYS J 34 -5.85 39.94 -22.51
N PHE J 35 -6.24 39.71 -23.77
CA PHE J 35 -6.30 38.36 -24.36
C PHE J 35 -7.38 37.50 -23.72
N ASN J 36 -8.48 38.11 -23.26
CA ASN J 36 -9.67 37.41 -22.78
C ASN J 36 -9.47 36.81 -21.40
N ALA J 37 -8.42 37.17 -20.68
CA ALA J 37 -8.12 36.44 -19.45
C ALA J 37 -7.40 37.35 -18.48
N PRO J 38 -7.61 37.16 -17.18
CA PRO J 38 -6.75 37.81 -16.19
C PRO J 38 -5.37 37.20 -16.25
N HIS J 39 -4.35 38.04 -16.09
CA HIS J 39 -2.99 37.53 -16.13
C HIS J 39 -2.16 37.84 -14.90
N HIS J 40 -2.57 38.78 -14.05
CA HIS J 40 -1.73 39.24 -12.94
C HIS J 40 -2.49 38.99 -11.66
N PHE J 41 -2.04 38.01 -10.88
CA PHE J 41 -2.76 37.61 -9.68
C PHE J 41 -1.89 37.89 -8.47
N ILE J 42 -2.56 38.22 -7.38
CA ILE J 42 -1.95 38.36 -6.06
C ILE J 42 -2.65 37.43 -5.09
N VAL J 43 -1.89 36.85 -4.17
CA VAL J 43 -2.44 36.23 -2.98
C VAL J 43 -2.06 37.13 -1.81
N GLY J 44 -3.07 37.54 -1.04
CA GLY J 44 -2.84 38.37 0.12
C GLY J 44 -3.48 37.78 1.37
N LYS J 45 -2.95 38.22 2.52
CA LYS J 45 -3.50 37.89 3.84
C LYS J 45 -4.92 38.40 3.94
N ALA J 46 -5.84 37.58 4.44
CA ALA J 46 -7.26 37.91 4.35
C ALA J 46 -7.68 38.89 5.43
N ASP J 47 -7.01 38.82 6.59
CA ASP J 47 -7.23 39.72 7.71
C ASP J 47 -6.34 40.95 7.50
N CYS J 48 -6.87 41.90 6.72
CA CYS J 48 -6.10 43.04 6.27
C CYS J 48 -6.98 44.29 6.33
N GLU J 49 -6.35 45.46 6.46
CA GLU J 49 -7.11 46.71 6.46
C GLU J 49 -7.88 46.87 5.16
N ASP J 50 -8.94 47.66 5.24
CA ASP J 50 -9.99 47.57 4.24
C ASP J 50 -9.54 48.14 2.89
N GLU J 51 -8.65 49.13 2.91
CA GLU J 51 -8.15 49.75 1.68
C GLU J 51 -7.13 48.89 0.94
N TYR J 52 -6.57 47.87 1.56
CA TYR J 52 -5.28 47.34 1.12
C TYR J 52 -5.38 45.88 0.66
N ILE J 53 -4.27 45.44 0.11
CA ILE J 53 -3.97 44.03 -0.11
C ILE J 53 -2.63 43.79 0.58
N GLU J 54 -2.50 42.65 1.26
CA GLU J 54 -1.20 42.35 1.88
C GLU J 54 -0.53 41.22 1.12
N PRO J 55 0.29 41.51 0.11
CA PRO J 55 0.65 40.50 -0.90
C PRO J 55 1.62 39.47 -0.32
N ILE J 56 1.13 38.24 -0.20
CA ILE J 56 1.99 37.09 0.12
C ILE J 56 2.74 36.65 -1.11
N GLU J 57 2.06 36.61 -2.25
CA GLU J 57 2.77 36.14 -3.44
C GLU J 57 2.15 36.72 -4.69
N TYR J 58 2.99 36.97 -5.69
CA TYR J 58 2.52 37.46 -6.96
C TYR J 58 2.78 36.45 -8.01
N VAL J 59 1.76 36.08 -8.77
CA VAL J 59 1.93 35.15 -9.87
C VAL J 59 1.39 35.78 -11.13
N ASN J 60 2.20 35.83 -12.18
CA ASN J 60 1.80 36.44 -13.42
C ASN J 60 1.87 35.44 -14.54
N PHE J 61 0.82 35.37 -15.33
CA PHE J 61 0.71 34.41 -16.38
C PHE J 61 1.05 34.95 -17.73
N GLN J 62 1.28 34.06 -18.68
CA GLN J 62 1.69 34.45 -20.00
C GLN J 62 0.74 35.29 -20.68
N GLU J 63 1.21 36.45 -21.09
CA GLU J 63 0.39 37.35 -21.82
C GLU J 63 0.81 37.18 -23.22
N GLY J 64 -0.10 36.72 -24.03
CA GLY J 64 0.21 36.63 -25.42
C GLY J 64 0.53 35.27 -25.97
N PRO J 65 0.36 35.03 -27.31
CA PRO J 65 0.84 33.76 -27.77
C PRO J 65 2.35 33.80 -27.69
N ILE J 66 2.98 32.72 -27.28
CA ILE J 66 4.42 32.74 -27.05
C ILE J 66 5.17 33.06 -28.27
N LYS J 67 4.74 32.47 -29.36
CA LYS J 67 5.51 32.65 -30.56
C LYS J 67 5.55 34.10 -30.95
N GLU J 68 4.43 34.79 -30.88
CA GLU J 68 4.47 36.21 -31.14
C GLU J 68 5.17 37.08 -30.10
N TYR J 69 4.90 36.86 -28.82
CA TYR J 69 5.43 37.74 -27.78
C TYR J 69 6.53 37.22 -26.87
N GLY J 70 6.84 35.94 -26.94
CA GLY J 70 7.85 35.38 -26.06
C GLY J 70 7.36 34.72 -24.80
N ILE J 71 8.22 34.50 -23.84
CA ILE J 71 7.74 33.96 -22.59
C ILE J 71 7.59 35.09 -21.64
N ASN J 72 6.37 35.44 -21.32
CA ASN J 72 6.12 36.56 -20.47
C ASN J 72 5.80 36.03 -19.13
N GLY J 73 5.51 34.75 -19.04
CA GLY J 73 5.06 34.22 -17.79
C GLY J 73 4.75 32.76 -17.70
N VAL J 74 4.08 32.39 -16.63
CA VAL J 74 3.73 31.01 -16.39
C VAL J 74 2.50 30.54 -17.07
N ASN J 75 2.29 29.24 -17.02
CA ASN J 75 1.11 28.68 -17.61
C ASN J 75 0.37 27.88 -16.57
N ASN J 76 -0.92 27.66 -16.79
CA ASN J 76 -1.75 26.90 -15.87
C ASN J 76 -1.09 25.59 -15.50
N GLU J 77 -0.43 24.96 -16.49
CA GLU J 77 0.18 23.65 -16.32
C GLU J 77 1.27 23.70 -15.28
N ASP J 78 2.04 24.80 -15.24
CA ASP J 78 3.14 24.90 -14.29
C ASP J 78 2.64 24.93 -12.85
N LEU J 79 1.54 25.64 -12.59
CA LEU J 79 0.99 25.65 -11.25
C LEU J 79 0.40 24.30 -10.87
N ILE J 80 -0.36 23.69 -11.79
CA ILE J 80 -0.96 22.41 -11.44
C ILE J 80 0.13 21.38 -11.16
N LEU J 81 1.23 21.43 -11.93
CA LEU J 81 2.37 20.57 -11.65
C LEU J 81 2.88 20.79 -10.24
N MET J 82 3.17 22.04 -9.87
CA MET J 82 3.61 22.35 -8.51
C MET J 82 2.73 21.68 -7.48
N VAL J 83 1.41 21.86 -7.63
CA VAL J 83 0.47 21.35 -6.64
C VAL J 83 0.52 19.83 -6.59
N ILE J 84 0.65 19.18 -7.75
CA ILE J 84 0.73 17.71 -7.77
C ILE J 84 1.99 17.24 -7.08
N THR J 85 3.11 17.94 -7.32
CA THR J 85 4.35 17.62 -6.64
C THR J 85 4.16 17.70 -5.13
N ARG J 86 3.63 18.82 -4.62
CA ARG J 86 3.44 18.95 -3.18
C ARG J 86 2.48 17.89 -2.62
N LEU J 87 1.40 17.57 -3.28
CA LEU J 87 0.47 16.65 -2.67
C LEU J 87 1.02 15.29 -2.61
N GLN J 88 1.80 14.93 -3.58
CA GLN J 88 2.43 13.63 -3.59
C GLN J 88 3.41 13.48 -2.49
N ALA J 89 4.08 14.54 -2.16
CA ALA J 89 4.99 14.55 -1.05
C ALA J 89 4.33 14.33 0.24
N PHE J 90 3.16 14.92 0.44
CA PHE J 90 2.39 14.75 1.64
C PHE J 90 1.95 13.33 1.75
N GLN J 91 1.71 12.71 0.64
CA GLN J 91 1.39 11.33 0.69
C GLN J 91 2.54 10.51 1.21
N ASP J 92 3.78 10.85 0.89
CA ASP J 92 4.94 10.19 1.49
C ASP J 92 5.20 10.92 2.78
N SER J 93 4.27 10.88 3.71
CA SER J 93 4.39 11.59 4.94
C SER J 93 3.40 11.00 5.86
N PRO J 94 3.45 11.37 7.11
CA PRO J 94 2.46 10.89 8.04
C PRO J 94 1.08 11.33 7.71
N TYR J 95 0.91 12.30 6.86
CA TYR J 95 -0.36 12.91 6.59
C TYR J 95 -1.12 12.37 5.41
N LYS J 96 -0.73 11.23 4.92
CA LYS J 96 -1.37 10.62 3.79
C LYS J 96 -2.81 10.43 4.00
N CYS J 97 -3.63 10.83 3.03
CA CYS J 97 -5.06 10.69 3.12
C CYS J 97 -5.63 10.31 1.81
N ARG J 98 -6.82 9.76 1.80
CA ARG J 98 -7.50 9.45 0.58
C ARG J 98 -7.82 10.67 -0.17
N GLU J 99 -8.14 11.72 0.53
CA GLU J 99 -8.53 12.93 -0.10
C GLU J 99 -7.47 13.54 -0.94
N ASN J 100 -6.24 13.52 -0.48
CA ASN J 100 -5.14 14.01 -1.27
C ASN J 100 -4.96 13.18 -2.48
N ALA J 101 -5.14 11.89 -2.35
CA ALA J 101 -5.00 11.00 -3.46
C ALA J 101 -5.97 11.28 -4.51
N MET J 102 -7.20 11.51 -4.12
CA MET J 102 -8.21 11.80 -5.06
C MET J 102 -7.93 13.07 -5.76
N ALA J 103 -7.40 14.04 -5.05
CA ALA J 103 -7.02 15.28 -5.66
C ALA J 103 -5.94 15.14 -6.64
N ILE J 104 -4.93 14.35 -6.35
CA ILE J 104 -3.81 14.23 -7.25
C ILE J 104 -4.35 13.58 -8.47
N THR J 105 -5.25 12.63 -8.30
CA THR J 105 -5.84 12.05 -9.49
C THR J 105 -6.60 13.09 -10.30
N LYS J 106 -7.34 13.97 -9.62
CA LYS J 106 -8.12 14.96 -10.37
C LYS J 106 -7.19 15.94 -11.05
N LEU J 107 -6.11 16.34 -10.38
CA LEU J 107 -5.18 17.27 -10.99
C LEU J 107 -4.48 16.63 -12.17
N GLN J 108 -4.08 15.36 -12.06
CA GLN J 108 -3.45 14.72 -13.20
C GLN J 108 -4.42 14.64 -14.36
N GLU J 109 -5.71 14.36 -14.10
CA GLU J 109 -6.68 14.33 -15.18
C GLU J 109 -6.93 15.72 -15.78
N CYS J 110 -6.91 16.77 -14.96
CA CYS J 110 -6.91 18.12 -15.51
C CYS J 110 -5.77 18.30 -16.50
N LEU J 111 -4.55 17.96 -16.07
CA LEU J 111 -3.38 18.06 -16.93
C LEU J 111 -3.56 17.29 -18.24
N MET J 112 -4.10 16.07 -18.16
CA MET J 112 -4.30 15.29 -19.37
C MET J 112 -5.26 15.99 -20.33
N TRP J 113 -6.31 16.64 -19.80
CA TRP J 113 -7.31 17.27 -20.67
C TRP J 113 -6.72 18.49 -21.36
N LEU J 114 -6.02 19.31 -20.64
CA LEU J 114 -5.47 20.49 -21.23
C LEU J 114 -4.47 20.00 -22.22
N GLY J 115 -3.94 18.83 -21.98
CA GLY J 115 -2.99 18.24 -22.91
C GLY J 115 -3.52 17.86 -24.23
N LYS J 116 -4.73 17.35 -24.25
CA LYS J 116 -5.35 16.93 -25.48
C LYS J 116 -5.46 18.11 -26.35
N ARG J 117 -5.78 19.26 -25.79
CA ARG J 117 -5.96 20.43 -26.61
C ARG J 117 -4.67 20.76 -27.29
N THR J 118 -3.57 20.70 -26.58
CA THR J 118 -2.31 21.03 -27.17
C THR J 118 -1.94 20.09 -28.28
N LEU J 119 -2.11 18.80 -28.05
CA LEU J 119 -1.78 17.80 -29.05
C LEU J 119 -2.65 17.89 -30.23
N ASP J 120 -3.93 18.13 -30.02
CA ASP J 120 -4.84 18.28 -31.12
C ASP J 120 -4.49 19.50 -31.93
N ARG J 121 -4.19 20.60 -31.28
CA ARG J 121 -3.79 21.81 -31.96
C ARG J 121 -2.48 21.68 -32.68
N GLU J 122 -1.55 20.94 -32.12
CA GLU J 122 -0.29 20.70 -32.78
C GLU J 122 -0.43 19.92 -34.06
N VAL J 123 -1.36 18.98 -34.12
CA VAL J 123 -1.59 18.28 -35.36
C VAL J 123 -2.02 19.33 -36.37
N LYS J 124 -2.83 20.26 -35.93
CA LYS J 124 -3.32 21.31 -36.81
C LYS J 124 -2.35 22.45 -36.94
N GLY J 125 -1.23 22.40 -36.25
CA GLY J 125 -0.21 23.42 -36.43
C GLY J 125 -0.55 24.78 -35.91
N ILE J 126 -1.51 24.84 -35.02
CA ILE J 126 -1.88 26.11 -34.44
C ILE J 126 -1.47 26.33 -32.99
N GLU J 127 -0.66 25.48 -32.41
CA GLU J 127 -0.27 25.73 -31.04
C GLU J 127 0.64 26.92 -31.02
N GLY J 128 0.46 27.79 -30.03
CA GLY J 128 1.25 28.98 -29.94
C GLY J 128 0.68 30.09 -30.77
N THR J 129 -0.51 29.87 -31.33
CA THR J 129 -1.12 30.85 -32.20
C THR J 129 -2.40 31.39 -31.69
N SER J 130 -2.84 32.51 -32.25
CA SER J 130 -4.07 33.14 -31.82
C SER J 130 -5.22 32.57 -32.60
N GLU J 131 -4.95 31.63 -33.46
CA GLU J 131 -5.99 31.02 -34.24
C GLU J 131 -6.87 30.10 -33.47
N ILE J 132 -8.14 30.04 -33.85
CA ILE J 132 -9.07 29.14 -33.20
C ILE J 132 -9.12 27.92 -34.07
N GLY K 3 -43.22 16.95 20.34
CA GLY K 3 -42.85 15.55 20.40
C GLY K 3 -41.39 15.20 20.12
N LEU K 4 -40.65 14.75 21.14
CA LEU K 4 -39.27 14.31 21.00
C LEU K 4 -39.13 12.87 21.48
N VAL K 5 -37.97 12.27 21.25
CA VAL K 5 -37.71 10.92 21.73
C VAL K 5 -36.35 10.97 22.37
N PRO K 6 -36.06 10.07 23.29
CA PRO K 6 -34.72 10.03 23.86
C PRO K 6 -33.68 9.56 22.86
N ARG K 7 -32.54 10.21 22.78
CA ARG K 7 -31.53 9.73 21.88
C ARG K 7 -31.03 8.39 22.29
N GLY K 8 -30.67 8.27 23.55
CA GLY K 8 -30.23 6.99 24.02
C GLY K 8 -29.09 6.42 23.25
N SER K 9 -29.25 5.20 22.79
CA SER K 9 -28.22 4.53 22.02
C SER K 9 -27.93 5.13 20.69
N HIS K 10 -28.89 5.83 20.13
CA HIS K 10 -28.72 6.32 18.80
C HIS K 10 -27.53 7.15 18.58
N MET K 11 -26.87 6.93 17.46
CA MET K 11 -25.64 7.61 17.17
C MET K 11 -25.86 8.68 16.14
N GLU K 12 -25.37 9.86 16.41
CA GLU K 12 -25.49 10.87 15.41
C GLU K 12 -24.54 10.55 14.33
N ILE K 13 -24.99 10.70 13.09
CA ILE K 13 -24.15 10.44 11.97
C ILE K 13 -23.77 11.81 11.52
N LYS K 14 -22.51 12.14 11.68
CA LYS K 14 -22.04 13.44 11.31
C LYS K 14 -20.94 13.29 10.31
N ASN K 15 -20.98 14.06 9.24
CA ASN K 15 -19.92 14.04 8.26
C ASN K 15 -19.51 15.45 8.00
N GLY K 16 -18.30 15.64 7.56
CA GLY K 16 -17.89 16.95 7.17
C GLY K 16 -18.72 17.40 6.02
N LEU K 17 -19.02 16.49 5.13
CA LEU K 17 -19.78 16.84 3.96
C LEU K 17 -21.22 17.15 4.19
N CYS K 18 -21.72 16.92 5.41
CA CYS K 18 -23.09 17.26 5.73
C CYS K 18 -23.12 18.55 6.55
N THR K 19 -23.87 19.55 6.08
CA THR K 19 -23.86 20.86 6.72
C THR K 19 -24.51 20.83 8.10
N GLN K 20 -25.41 19.86 8.36
CA GLN K 20 -26.22 19.77 9.58
C GLN K 20 -26.98 21.07 9.89
N LYS K 21 -27.22 21.89 8.87
CA LYS K 21 -27.81 23.20 9.08
C LYS K 21 -29.23 23.06 9.61
N TYR K 22 -30.05 22.24 8.96
CA TYR K 22 -31.43 22.04 9.40
C TYR K 22 -31.73 20.65 9.95
N THR K 23 -31.15 19.59 9.37
CA THR K 23 -31.47 18.23 9.77
C THR K 23 -30.27 17.54 10.39
N LYS K 24 -30.55 16.46 11.13
CA LYS K 24 -29.54 15.55 11.67
C LYS K 24 -29.95 14.11 11.36
N VAL K 25 -28.95 13.24 11.18
CA VAL K 25 -29.19 11.84 10.85
C VAL K 25 -28.71 10.98 12.02
N TYR K 26 -29.52 10.00 12.41
CA TYR K 26 -29.20 9.12 13.52
C TYR K 26 -29.39 7.69 13.07
N ALA K 27 -28.67 6.77 13.68
CA ALA K 27 -28.90 5.35 13.49
C ALA K 27 -28.62 4.64 14.81
N GLU K 28 -28.91 3.33 14.84
CA GLU K 28 -28.75 2.58 16.08
C GLU K 28 -27.28 2.54 16.52
N ASP K 29 -27.07 2.26 17.81
CA ASP K 29 -25.72 2.14 18.35
C ASP K 29 -24.92 1.09 17.57
N LYS K 30 -23.67 1.40 17.21
CA LYS K 30 -22.84 0.40 16.54
C LYS K 30 -22.83 -0.91 17.31
N GLU K 31 -22.89 -0.82 18.64
CA GLU K 31 -23.10 -1.96 19.52
C GLU K 31 -24.15 -2.91 18.95
N LYS K 32 -25.27 -2.36 18.49
CA LYS K 32 -26.50 -3.08 18.13
C LYS K 32 -26.59 -3.42 16.65
N TRP K 33 -25.60 -3.06 15.85
CA TRP K 33 -25.69 -3.30 14.42
C TRP K 33 -25.83 -4.79 14.17
N LYS K 34 -26.84 -5.18 13.42
CA LYS K 34 -26.92 -6.56 12.97
C LYS K 34 -26.46 -6.60 11.52
N PHE K 35 -25.68 -7.64 11.18
CA PHE K 35 -25.17 -7.85 9.82
C PHE K 35 -24.19 -6.75 9.40
N ASN K 36 -23.36 -6.31 10.34
CA ASN K 36 -22.24 -5.43 10.05
C ASN K 36 -22.67 -4.05 9.55
N ALA K 37 -23.91 -3.64 9.74
CA ALA K 37 -24.30 -2.33 9.23
C ALA K 37 -25.42 -1.71 10.07
N PRO K 38 -25.49 -0.38 10.11
CA PRO K 38 -26.71 0.25 10.63
C PRO K 38 -27.88 -0.03 9.70
N HIS K 39 -29.05 -0.27 10.28
CA HIS K 39 -30.23 -0.50 9.48
C HIS K 39 -31.44 0.32 9.85
N HIS K 40 -31.38 1.11 10.91
CA HIS K 40 -32.53 1.85 11.43
C HIS K 40 -32.13 3.31 11.59
N PHE K 41 -32.45 4.12 10.60
CA PHE K 41 -32.03 5.51 10.56
C PHE K 41 -33.23 6.42 10.85
N ILE K 42 -32.91 7.60 11.38
CA ILE K 42 -33.91 8.58 11.80
C ILE K 42 -33.39 9.97 11.43
N VAL K 43 -34.13 10.66 10.57
CA VAL K 43 -33.82 12.04 10.23
C VAL K 43 -34.63 12.91 11.17
N GLY K 44 -33.94 13.65 12.04
CA GLY K 44 -34.56 14.59 12.95
C GLY K 44 -34.13 16.02 12.68
N LYS K 45 -34.68 16.94 13.48
CA LYS K 45 -34.34 18.36 13.31
C LYS K 45 -33.09 18.73 14.09
N ALA K 46 -32.28 19.60 13.47
CA ALA K 46 -31.00 20.00 14.05
C ALA K 46 -31.16 20.71 15.38
N ASP K 47 -32.30 21.36 15.59
CA ASP K 47 -32.45 22.35 16.66
C ASP K 47 -33.06 21.66 17.87
N CYS K 48 -32.20 20.93 18.58
CA CYS K 48 -32.65 20.06 19.63
C CYS K 48 -31.45 19.69 20.51
N GLU K 49 -31.75 19.37 21.77
CA GLU K 49 -30.66 19.10 22.69
C GLU K 49 -30.08 17.72 22.45
N ASP K 50 -28.84 17.55 22.92
CA ASP K 50 -28.13 16.30 22.69
C ASP K 50 -28.91 15.10 23.21
N GLU K 51 -29.73 15.29 24.26
CA GLU K 51 -30.50 14.20 24.85
C GLU K 51 -31.69 13.76 23.99
N TYR K 52 -32.29 14.69 23.26
CA TYR K 52 -33.55 14.43 22.56
C TYR K 52 -33.37 14.48 21.04
N ILE K 53 -34.24 13.77 20.34
CA ILE K 53 -34.29 13.76 18.87
C ILE K 53 -35.68 14.23 18.45
N GLU K 54 -35.76 14.97 17.34
CA GLU K 54 -37.06 15.38 16.80
C GLU K 54 -37.35 14.68 15.49
N PRO K 55 -37.90 13.46 15.51
CA PRO K 55 -37.97 12.63 14.29
C PRO K 55 -38.86 13.19 13.20
N ILE K 56 -38.23 13.52 12.06
CA ILE K 56 -38.91 13.87 10.80
C ILE K 56 -39.22 12.63 9.99
N GLU K 57 -38.32 11.64 10.01
CA GLU K 57 -38.55 10.47 9.18
C GLU K 57 -37.76 9.27 9.70
N TYR K 58 -38.36 8.09 9.63
CA TYR K 58 -37.70 6.84 9.91
C TYR K 58 -37.43 6.17 8.58
N VAL K 59 -36.28 5.50 8.46
CA VAL K 59 -35.89 4.79 7.25
C VAL K 59 -35.29 3.46 7.66
N ASN K 60 -35.94 2.37 7.28
CA ASN K 60 -35.52 1.03 7.64
C ASN K 60 -34.96 0.33 6.41
N PHE K 61 -33.75 -0.20 6.56
CA PHE K 61 -33.07 -0.91 5.49
C PHE K 61 -33.23 -2.41 5.71
N GLN K 62 -33.16 -3.14 4.61
CA GLN K 62 -33.18 -4.59 4.63
C GLN K 62 -32.15 -5.17 5.58
N GLU K 63 -32.62 -5.91 6.59
CA GLU K 63 -31.73 -6.60 7.53
C GLU K 63 -31.67 -8.08 7.20
N GLY K 64 -30.48 -8.53 6.79
CA GLY K 64 -30.25 -9.92 6.47
C GLY K 64 -30.59 -10.20 5.02
N PRO K 65 -29.92 -11.17 4.42
CA PRO K 65 -30.14 -11.44 3.00
C PRO K 65 -31.60 -11.79 2.75
N ILE K 66 -32.13 -11.31 1.63
CA ILE K 66 -33.58 -11.39 1.40
C ILE K 66 -34.03 -12.85 1.33
N LYS K 67 -33.23 -13.69 0.65
CA LYS K 67 -33.55 -15.11 0.46
C LYS K 67 -33.54 -15.89 1.77
N GLU K 68 -33.01 -15.31 2.86
CA GLU K 68 -32.91 -16.01 4.14
C GLU K 68 -33.76 -15.39 5.25
N TYR K 69 -34.04 -14.07 5.22
CA TYR K 69 -34.87 -13.44 6.23
C TYR K 69 -36.09 -12.74 5.65
N GLY K 70 -36.27 -12.77 4.33
CA GLY K 70 -37.39 -12.08 3.71
C GLY K 70 -37.16 -10.59 3.52
N ILE K 71 -38.15 -9.95 2.91
CA ILE K 71 -38.09 -8.54 2.60
C ILE K 71 -38.48 -7.77 3.85
N ASN K 72 -37.58 -6.93 4.37
CA ASN K 72 -37.90 -6.25 5.62
C ASN K 72 -37.46 -4.79 5.68
N GLY K 73 -37.08 -4.18 4.56
CA GLY K 73 -36.61 -2.81 4.59
C GLY K 73 -36.18 -2.38 3.21
N VAL K 74 -35.82 -1.10 3.10
CA VAL K 74 -35.39 -0.59 1.80
C VAL K 74 -34.00 -1.09 1.46
N ASN K 75 -33.57 -0.74 0.26
CA ASN K 75 -32.25 -1.06 -0.25
C ASN K 75 -31.60 0.27 -0.63
N ASN K 76 -30.26 0.33 -0.55
CA ASN K 76 -29.56 1.57 -0.89
C ASN K 76 -30.06 2.16 -2.22
N GLU K 77 -30.27 1.27 -3.20
CA GLU K 77 -30.67 1.62 -4.57
C GLU K 77 -32.01 2.35 -4.63
N ASP K 78 -32.93 2.02 -3.73
CA ASP K 78 -34.25 2.67 -3.73
C ASP K 78 -34.12 4.15 -3.39
N LEU K 79 -33.38 4.44 -2.31
CA LEU K 79 -33.11 5.80 -1.91
C LEU K 79 -32.38 6.56 -3.01
N ILE K 80 -31.31 5.96 -3.54
CA ILE K 80 -30.57 6.62 -4.60
C ILE K 80 -31.50 6.99 -5.75
N LEU K 81 -32.38 6.06 -6.13
CA LEU K 81 -33.37 6.32 -7.17
C LEU K 81 -34.25 7.53 -6.83
N MET K 82 -34.73 7.62 -5.57
CA MET K 82 -35.54 8.78 -5.21
C MET K 82 -34.78 10.08 -5.45
N VAL K 83 -33.53 10.11 -5.02
CA VAL K 83 -32.75 11.33 -5.16
C VAL K 83 -32.52 11.66 -6.63
N ILE K 84 -32.29 10.63 -7.45
CA ILE K 84 -32.07 10.87 -8.88
C ILE K 84 -33.32 11.48 -9.48
N THR K 85 -34.47 10.92 -9.11
CA THR K 85 -35.75 11.34 -9.65
C THR K 85 -36.03 12.79 -9.33
N ARG K 86 -35.88 13.15 -8.06
CA ARG K 86 -36.09 14.53 -7.67
C ARG K 86 -35.12 15.46 -8.39
N LEU K 87 -33.85 15.15 -8.46
CA LEU K 87 -32.93 16.10 -9.05
C LEU K 87 -33.18 16.26 -10.51
N GLN K 88 -33.67 15.23 -11.16
CA GLN K 88 -34.00 15.32 -12.58
C GLN K 88 -35.13 16.24 -12.81
N ALA K 89 -36.08 16.23 -11.91
CA ALA K 89 -37.20 17.11 -12.00
C ALA K 89 -36.81 18.52 -11.84
N PHE K 90 -35.88 18.77 -10.96
CA PHE K 90 -35.38 20.10 -10.75
C PHE K 90 -34.73 20.58 -11.99
N GLN K 91 -34.13 19.72 -12.76
CA GLN K 91 -33.58 20.13 -14.03
C GLN K 91 -34.65 20.57 -14.99
N ASP K 92 -35.82 19.96 -14.99
CA ASP K 92 -36.95 20.45 -15.77
C ASP K 92 -37.65 21.45 -14.93
N SER K 93 -36.98 22.53 -14.62
CA SER K 93 -37.54 23.54 -13.78
C SER K 93 -36.64 24.70 -14.04
N PRO K 94 -37.01 25.87 -13.55
CA PRO K 94 -36.16 27.03 -13.70
C PRO K 94 -34.88 26.95 -12.91
N TYR K 95 -34.74 25.99 -12.03
CA TYR K 95 -33.58 25.88 -11.16
C TYR K 95 -32.55 24.93 -11.69
N LYS K 96 -32.61 24.64 -12.97
CA LYS K 96 -31.66 23.77 -13.59
C LYS K 96 -30.32 24.32 -13.40
N CYS K 97 -29.39 23.49 -12.96
CA CYS K 97 -28.03 23.90 -12.75
C CYS K 97 -27.08 22.80 -13.13
N ARG K 98 -25.84 23.13 -13.37
CA ARG K 98 -24.84 22.15 -13.70
C ARG K 98 -24.61 21.26 -12.57
N GLU K 99 -24.69 21.80 -11.38
CA GLU K 99 -24.37 21.04 -10.22
C GLU K 99 -25.25 19.88 -10.01
N ASN K 100 -26.52 20.07 -10.24
CA ASN K 100 -27.47 18.99 -10.13
C ASN K 100 -27.22 17.95 -11.17
N ALA K 101 -26.86 18.39 -12.36
CA ALA K 101 -26.58 17.45 -13.40
C ALA K 101 -25.41 16.59 -13.16
N MET K 102 -24.37 17.18 -12.65
CA MET K 102 -23.22 16.43 -12.34
C MET K 102 -23.56 15.47 -11.26
N ALA K 103 -24.39 15.86 -10.33
CA ALA K 103 -24.81 14.97 -9.30
C ALA K 103 -25.57 13.80 -9.80
N ILE K 104 -26.42 13.97 -10.77
CA ILE K 104 -27.12 12.85 -11.36
C ILE K 104 -26.14 11.91 -12.00
N THR K 105 -25.15 12.41 -12.67
CA THR K 105 -24.14 11.55 -13.20
C THR K 105 -23.49 10.85 -12.05
N LYS K 106 -23.08 11.54 -11.00
CA LYS K 106 -22.44 10.79 -9.92
C LYS K 106 -23.37 9.72 -9.38
N LEU K 107 -24.66 10.04 -9.17
CA LEU K 107 -25.59 9.09 -8.60
C LEU K 107 -25.86 7.92 -9.54
N GLN K 108 -26.03 8.19 -10.85
CA GLN K 108 -26.23 7.11 -11.80
C GLN K 108 -25.03 6.17 -11.81
N GLU K 109 -23.80 6.73 -11.86
CA GLU K 109 -22.59 5.91 -11.87
C GLU K 109 -22.48 5.05 -10.62
N CYS K 110 -22.88 5.62 -9.48
CA CYS K 110 -22.98 4.85 -8.24
C CYS K 110 -23.88 3.64 -8.43
N LEU K 111 -25.08 3.88 -8.96
CA LEU K 111 -25.97 2.75 -9.19
C LEU K 111 -25.28 1.71 -10.07
N MET K 112 -24.52 2.15 -11.07
CA MET K 112 -23.92 1.22 -12.02
C MET K 112 -22.88 0.34 -11.32
N TRP K 113 -22.07 0.91 -10.43
CA TRP K 113 -21.12 0.10 -9.67
C TRP K 113 -21.83 -0.91 -8.76
N LEU K 114 -22.86 -0.45 -8.05
CA LEU K 114 -23.58 -1.37 -7.19
C LEU K 114 -24.21 -2.48 -8.01
N GLY K 115 -24.66 -2.14 -9.22
CA GLY K 115 -25.24 -3.14 -10.08
C GLY K 115 -24.21 -4.08 -10.63
N LYS K 116 -22.95 -3.74 -10.64
CA LYS K 116 -21.93 -4.68 -11.07
C LYS K 116 -21.82 -5.77 -10.10
N ARG K 117 -21.82 -5.42 -8.83
CA ARG K 117 -21.64 -6.41 -7.84
C ARG K 117 -22.79 -7.36 -7.88
N THR K 118 -23.98 -6.86 -8.07
CA THR K 118 -25.15 -7.70 -8.10
C THR K 118 -25.10 -8.67 -9.26
N LEU K 119 -24.70 -8.20 -10.42
CA LEU K 119 -24.61 -9.05 -11.58
C LEU K 119 -23.59 -10.09 -11.42
N ASP K 120 -22.44 -9.73 -10.90
CA ASP K 120 -21.39 -10.68 -10.71
C ASP K 120 -21.85 -11.71 -9.73
N ARG K 121 -22.51 -11.30 -8.69
CA ARG K 121 -23.05 -12.23 -7.72
C ARG K 121 -24.07 -13.14 -8.33
N GLU K 122 -24.86 -12.66 -9.28
CA GLU K 122 -25.81 -13.51 -9.99
C GLU K 122 -25.18 -14.58 -10.82
N VAL K 123 -24.08 -14.26 -11.45
CA VAL K 123 -23.35 -15.25 -12.19
C VAL K 123 -22.90 -16.29 -11.19
N LYS K 124 -22.42 -15.85 -10.04
CA LYS K 124 -21.98 -16.75 -8.99
C LYS K 124 -23.11 -17.46 -8.28
N GLY K 125 -24.32 -16.98 -8.45
CA GLY K 125 -25.47 -17.66 -7.90
C GLY K 125 -25.62 -17.35 -6.45
N ILE K 126 -25.02 -16.25 -6.03
CA ILE K 126 -25.03 -15.94 -4.61
C ILE K 126 -25.84 -14.68 -4.30
N GLU K 127 -26.66 -14.22 -5.25
CA GLU K 127 -27.33 -12.93 -5.10
C GLU K 127 -28.30 -12.99 -3.94
N GLY K 128 -28.29 -11.97 -3.09
CA GLY K 128 -29.21 -11.89 -1.97
C GLY K 128 -29.05 -13.00 -0.93
N THR K 129 -27.95 -13.75 -1.03
CA THR K 129 -27.50 -14.73 -0.05
C THR K 129 -26.38 -14.11 0.76
N SER K 130 -26.06 -14.73 1.89
CA SER K 130 -24.99 -14.20 2.74
C SER K 130 -23.60 -14.73 2.37
N GLU K 131 -23.47 -15.55 1.34
CA GLU K 131 -22.15 -16.02 0.94
C GLU K 131 -21.34 -14.88 0.31
N ILE K 132 -20.02 -14.93 0.53
CA ILE K 132 -19.10 -13.88 0.09
C ILE K 132 -18.67 -13.99 -1.41
N SER L 1 -54.83 -9.99 1.61
CA SER L 1 -53.67 -10.22 2.49
C SER L 1 -53.36 -8.99 3.38
N SER L 2 -52.14 -8.89 3.97
CA SER L 2 -51.85 -7.92 5.03
C SER L 2 -50.89 -6.82 4.58
N GLY L 3 -51.12 -5.60 5.11
CA GLY L 3 -50.31 -4.41 4.87
C GLY L 3 -50.35 -3.75 3.50
N LEU L 4 -51.52 -3.72 2.84
CA LEU L 4 -51.67 -3.23 1.49
C LEU L 4 -52.26 -1.82 1.44
N VAL L 5 -51.88 -1.05 0.43
CA VAL L 5 -52.61 0.18 0.06
C VAL L 5 -52.95 0.13 -1.42
N PRO L 6 -53.99 0.86 -1.84
CA PRO L 6 -54.32 0.92 -3.28
C PRO L 6 -53.27 1.66 -4.10
N ARG L 7 -53.03 1.14 -5.32
CA ARG L 7 -52.07 1.78 -6.25
C ARG L 7 -52.44 3.23 -6.52
N GLY L 8 -53.73 3.54 -6.57
CA GLY L 8 -54.13 4.93 -6.64
C GLY L 8 -53.50 5.62 -7.82
N SER L 9 -53.40 6.95 -7.71
CA SER L 9 -52.77 7.78 -8.73
C SER L 9 -51.25 7.76 -8.65
N HIS L 10 -50.67 7.01 -7.71
CA HIS L 10 -49.23 6.91 -7.59
C HIS L 10 -48.62 6.43 -8.91
N MET L 11 -47.56 7.12 -9.33
CA MET L 11 -46.74 6.68 -10.46
C MET L 11 -45.62 5.79 -9.96
N GLU L 12 -45.36 4.73 -10.70
CA GLU L 12 -44.19 3.88 -10.48
C GLU L 12 -42.95 4.56 -11.02
N ILE L 13 -41.85 4.47 -10.28
CA ILE L 13 -40.58 4.99 -10.75
C ILE L 13 -39.86 3.82 -11.41
N LYS L 14 -39.86 3.79 -12.73
CA LYS L 14 -39.24 2.69 -13.46
C LYS L 14 -37.99 3.26 -14.11
N ASN L 15 -36.81 2.83 -13.63
CA ASN L 15 -35.54 3.36 -14.11
C ASN L 15 -34.65 2.18 -14.49
N GLY L 16 -34.16 2.20 -15.72
CA GLY L 16 -33.49 1.05 -16.30
C GLY L 16 -32.23 0.62 -15.59
N LEU L 17 -31.72 1.45 -14.68
CA LEU L 17 -30.60 1.08 -13.83
C LEU L 17 -31.04 0.33 -12.58
N CYS L 18 -32.35 0.27 -12.32
CA CYS L 18 -32.89 -0.35 -11.12
C CYS L 18 -33.63 -1.64 -11.46
N THR L 19 -33.16 -2.75 -10.89
CA THR L 19 -33.57 -4.05 -11.37
C THR L 19 -35.02 -4.40 -11.00
N GLN L 20 -35.66 -3.67 -10.06
CA GLN L 20 -36.99 -4.03 -9.53
C GLN L 20 -37.11 -5.51 -9.13
N LYS L 21 -36.01 -6.15 -8.69
CA LYS L 21 -36.10 -7.58 -8.41
C LYS L 21 -36.97 -7.86 -7.19
N TYR L 22 -36.80 -7.10 -6.10
CA TYR L 22 -37.59 -7.33 -4.90
C TYR L 22 -38.52 -6.19 -4.51
N THR L 23 -38.12 -4.95 -4.77
CA THR L 23 -38.85 -3.76 -4.33
C THR L 23 -39.15 -2.89 -5.55
N LYS L 24 -40.23 -2.12 -5.47
CA LYS L 24 -40.50 -1.03 -6.39
C LYS L 24 -40.57 0.30 -5.63
N VAL L 25 -40.34 1.37 -6.38
CA VAL L 25 -40.37 2.75 -5.88
C VAL L 25 -41.50 3.49 -6.59
N TYR L 26 -42.38 4.11 -5.81
CA TYR L 26 -43.46 4.91 -6.36
C TYR L 26 -43.39 6.31 -5.79
N ALA L 27 -43.97 7.26 -6.52
CA ALA L 27 -44.12 8.64 -6.07
C ALA L 27 -45.55 9.09 -6.35
N GLU L 28 -45.89 10.27 -5.84
CA GLU L 28 -47.19 10.88 -6.13
C GLU L 28 -47.31 11.21 -7.61
N ASP L 29 -48.56 11.31 -8.07
CA ASP L 29 -48.80 11.51 -9.49
C ASP L 29 -48.19 12.82 -9.96
N LYS L 30 -47.67 12.81 -11.20
CA LYS L 30 -46.98 13.98 -11.71
C LYS L 30 -47.81 15.24 -11.57
N GLU L 31 -49.13 15.12 -11.70
CA GLU L 31 -50.00 16.30 -11.64
C GLU L 31 -50.18 16.81 -10.22
N LYS L 32 -49.89 16.00 -9.21
CA LYS L 32 -49.97 16.41 -7.82
C LYS L 32 -48.64 16.93 -7.31
N TRP L 33 -47.70 17.26 -8.19
CA TRP L 33 -46.37 17.68 -7.75
C TRP L 33 -46.37 19.13 -7.33
N LYS L 34 -46.20 19.38 -6.04
CA LYS L 34 -45.93 20.73 -5.58
C LYS L 34 -44.45 21.07 -5.78
N PHE L 35 -44.18 22.31 -6.19
CA PHE L 35 -42.82 22.89 -6.22
C PHE L 35 -41.89 22.21 -7.22
N ASN L 36 -42.42 21.66 -8.31
CA ASN L 36 -41.63 21.16 -9.46
C ASN L 36 -41.01 19.78 -9.24
N ALA L 37 -41.41 19.03 -8.20
CA ALA L 37 -40.72 17.79 -7.88
C ALA L 37 -41.64 16.87 -7.11
N PRO L 38 -41.44 15.54 -7.20
CA PRO L 38 -42.20 14.63 -6.35
C PRO L 38 -41.64 14.67 -4.94
N HIS L 39 -42.54 14.59 -3.96
CA HIS L 39 -42.14 14.71 -2.58
C HIS L 39 -42.52 13.53 -1.71
N HIS L 40 -43.38 12.63 -2.19
CA HIS L 40 -44.00 11.58 -1.39
C HIS L 40 -43.72 10.20 -2.00
N PHE L 41 -42.68 9.53 -1.49
CA PHE L 41 -42.19 8.30 -2.07
C PHE L 41 -42.55 7.10 -1.19
N ILE L 42 -42.65 5.95 -1.86
CA ILE L 42 -43.04 4.69 -1.25
C ILE L 42 -42.16 3.59 -1.84
N VAL L 43 -41.48 2.84 -1.00
CA VAL L 43 -40.90 1.57 -1.37
C VAL L 43 -41.89 0.48 -0.97
N GLY L 44 -42.37 -0.25 -1.97
CA GLY L 44 -43.25 -1.36 -1.71
C GLY L 44 -42.71 -2.65 -2.29
N LYS L 45 -43.06 -3.77 -1.64
CA LYS L 45 -42.71 -5.08 -2.17
C LYS L 45 -43.16 -5.18 -3.62
N ALA L 46 -42.30 -5.80 -4.47
CA ALA L 46 -42.57 -5.84 -5.90
C ALA L 46 -43.59 -6.90 -6.27
N ASP L 47 -43.76 -7.90 -5.40
CA ASP L 47 -44.71 -8.99 -5.58
C ASP L 47 -46.00 -8.78 -4.77
N CYS L 48 -46.79 -7.80 -5.19
CA CYS L 48 -48.13 -7.62 -4.63
C CYS L 48 -49.12 -7.70 -5.78
N GLU L 49 -50.40 -7.74 -5.43
CA GLU L 49 -51.43 -7.77 -6.45
C GLU L 49 -51.33 -6.53 -7.33
N ASP L 50 -52.10 -6.52 -8.41
CA ASP L 50 -51.78 -5.56 -9.46
C ASP L 50 -52.22 -4.15 -9.09
N GLU L 51 -53.38 -4.03 -8.46
CA GLU L 51 -53.98 -2.75 -8.15
C GLU L 51 -53.46 -2.18 -6.83
N TYR L 52 -52.45 -2.81 -6.25
CA TYR L 52 -52.05 -2.54 -4.89
C TYR L 52 -50.58 -2.15 -4.85
N ILE L 53 -50.24 -1.52 -3.74
CA ILE L 53 -48.88 -1.27 -3.30
C ILE L 53 -48.73 -1.96 -1.95
N GLU L 54 -47.61 -2.62 -1.72
CA GLU L 54 -47.36 -3.25 -0.43
C GLU L 54 -46.20 -2.56 0.24
N PRO L 55 -46.44 -1.48 1.00
CA PRO L 55 -45.35 -0.58 1.38
C PRO L 55 -44.43 -1.17 2.44
N ILE L 56 -43.13 -0.95 2.23
CA ILE L 56 -42.05 -1.35 3.11
C ILE L 56 -41.58 -0.09 3.82
N GLU L 57 -41.65 1.04 3.12
CA GLU L 57 -41.11 2.28 3.66
C GLU L 57 -41.73 3.49 2.97
N TYR L 58 -42.04 4.52 3.76
CA TYR L 58 -42.49 5.80 3.25
C TYR L 58 -41.43 6.84 3.52
N VAL L 59 -41.20 7.72 2.54
CA VAL L 59 -40.16 8.73 2.63
C VAL L 59 -40.74 10.04 2.10
N ASN L 60 -40.77 11.07 2.95
CA ASN L 60 -41.42 12.33 2.58
C ASN L 60 -40.39 13.44 2.57
N PHE L 61 -40.14 14.00 1.39
CA PHE L 61 -39.14 15.05 1.23
C PHE L 61 -39.74 16.41 1.57
N GLN L 62 -38.90 17.28 2.12
CA GLN L 62 -39.22 18.68 2.42
C GLN L 62 -40.01 19.36 1.30
N GLU L 63 -41.26 19.74 1.56
CA GLU L 63 -42.03 20.55 0.61
C GLU L 63 -41.79 22.02 0.91
N GLY L 64 -41.58 22.79 -0.14
CA GLY L 64 -41.45 24.23 0.00
C GLY L 64 -40.08 24.63 0.47
N PRO L 65 -39.49 25.63 -0.18
CA PRO L 65 -38.17 26.14 0.25
C PRO L 65 -38.10 26.33 1.76
N ILE L 66 -36.89 26.13 2.30
CA ILE L 66 -36.75 25.85 3.71
C ILE L 66 -37.00 27.13 4.51
N LYS L 67 -36.27 28.20 4.13
CA LYS L 67 -36.29 29.44 4.91
C LYS L 67 -37.71 30.02 5.02
N GLU L 68 -38.54 29.84 3.99
CA GLU L 68 -39.89 30.43 3.99
C GLU L 68 -40.95 29.53 4.64
N TYR L 69 -40.82 28.19 4.58
CA TYR L 69 -41.87 27.29 5.03
C TYR L 69 -41.56 26.48 6.27
N GLY L 70 -40.30 26.42 6.68
CA GLY L 70 -39.93 25.62 7.82
C GLY L 70 -39.28 24.28 7.47
N ILE L 71 -39.68 23.23 8.20
CA ILE L 71 -39.11 21.90 8.10
C ILE L 71 -40.21 20.86 8.23
N ASN L 72 -40.52 20.20 7.12
CA ASN L 72 -41.62 19.26 7.05
C ASN L 72 -41.24 17.92 6.45
N GLY L 73 -39.96 17.68 6.19
CA GLY L 73 -39.53 16.46 5.53
C GLY L 73 -38.02 16.40 5.47
N VAL L 74 -37.51 15.48 4.66
CA VAL L 74 -36.08 15.18 4.59
C VAL L 74 -35.51 15.70 3.30
N ASN L 75 -34.19 15.83 3.24
CA ASN L 75 -33.50 16.31 2.04
C ASN L 75 -32.67 15.19 1.42
N ASN L 76 -32.28 15.38 0.16
CA ASN L 76 -31.58 14.33 -0.57
C ASN L 76 -30.27 13.95 0.13
N GLU L 77 -29.54 14.97 0.59
CA GLU L 77 -28.29 14.76 1.31
C GLU L 77 -28.45 13.78 2.47
N ASP L 78 -29.64 13.73 3.08
CA ASP L 78 -29.87 12.85 4.22
C ASP L 78 -29.87 11.38 3.79
N LEU L 79 -30.60 11.07 2.73
CA LEU L 79 -30.56 9.71 2.18
C LEU L 79 -29.16 9.34 1.69
N ILE L 80 -28.52 10.25 0.92
CA ILE L 80 -27.17 9.98 0.45
C ILE L 80 -26.26 9.64 1.62
N LEU L 81 -26.44 10.35 2.74
CA LEU L 81 -25.61 10.11 3.90
C LEU L 81 -25.85 8.72 4.47
N MET L 82 -27.11 8.34 4.62
CA MET L 82 -27.45 6.98 5.06
C MET L 82 -26.74 5.93 4.24
N VAL L 83 -26.83 6.08 2.91
CA VAL L 83 -26.26 5.09 2.02
C VAL L 83 -24.75 5.05 2.20
N ILE L 84 -24.11 6.21 2.28
CA ILE L 84 -22.66 6.21 2.45
C ILE L 84 -22.30 5.50 3.74
N THR L 85 -23.08 5.73 4.80
CA THR L 85 -22.80 5.15 6.11
C THR L 85 -22.88 3.63 6.06
N ARG L 86 -23.93 3.11 5.42
CA ARG L 86 -24.07 1.67 5.29
C ARG L 86 -22.94 1.07 4.45
N LEU L 87 -22.56 1.74 3.35
CA LEU L 87 -21.52 1.19 2.48
C LEU L 87 -20.17 1.19 3.19
N GLN L 88 -19.91 2.20 4.00
CA GLN L 88 -18.72 2.20 4.82
C GLN L 88 -18.75 1.03 5.80
N ALA L 89 -19.86 0.87 6.51
CA ALA L 89 -19.98 -0.25 7.42
C ALA L 89 -19.73 -1.58 6.70
N PHE L 90 -20.15 -1.67 5.43
CA PHE L 90 -19.92 -2.88 4.65
C PHE L 90 -18.46 -3.06 4.29
N GLN L 91 -17.80 -1.98 3.84
CA GLN L 91 -16.36 -2.08 3.59
C GLN L 91 -15.61 -2.51 4.84
N ASP L 92 -16.14 -2.20 6.02
CA ASP L 92 -15.56 -2.65 7.29
C ASP L 92 -16.13 -3.99 7.73
N SER L 93 -16.12 -4.99 6.84
CA SER L 93 -16.78 -6.28 7.07
C SER L 93 -16.27 -7.29 6.05
N PRO L 94 -16.64 -8.57 6.13
CA PRO L 94 -16.08 -9.55 5.18
C PRO L 94 -16.50 -9.29 3.75
N TYR L 95 -17.45 -8.39 3.55
CA TYR L 95 -18.00 -8.10 2.23
C TYR L 95 -17.31 -6.91 1.56
N LYS L 96 -16.19 -6.43 2.13
CA LYS L 96 -15.43 -5.37 1.48
C LYS L 96 -15.20 -5.75 0.02
N CYS L 97 -15.21 -4.74 -0.84
CA CYS L 97 -15.03 -5.00 -2.27
C CYS L 97 -14.89 -3.68 -3.01
N ARG L 98 -14.31 -3.78 -4.21
CA ARG L 98 -14.03 -2.59 -5.00
C ARG L 98 -15.29 -1.86 -5.43
N GLU L 99 -16.38 -2.57 -5.68
CA GLU L 99 -17.55 -1.89 -6.22
C GLU L 99 -18.17 -0.97 -5.18
N ASN L 100 -18.24 -1.42 -3.92
CA ASN L 100 -18.57 -0.52 -2.82
C ASN L 100 -17.64 0.68 -2.78
N ALA L 101 -16.32 0.45 -2.91
CA ALA L 101 -15.37 1.55 -2.77
C ALA L 101 -15.66 2.62 -3.81
N MET L 102 -15.78 2.19 -5.09
CA MET L 102 -16.23 3.07 -6.16
C MET L 102 -17.51 3.80 -5.78
N ALA L 103 -18.54 3.06 -5.35
CA ALA L 103 -19.86 3.65 -5.08
C ALA L 103 -19.77 4.76 -4.05
N ILE L 104 -19.07 4.49 -2.94
CA ILE L 104 -18.87 5.48 -1.90
C ILE L 104 -18.23 6.73 -2.48
N THR L 105 -17.24 6.54 -3.35
CA THR L 105 -16.61 7.72 -3.92
C THR L 105 -17.60 8.50 -4.77
N LYS L 106 -18.42 7.80 -5.55
CA LYS L 106 -19.45 8.50 -6.31
C LYS L 106 -20.39 9.27 -5.39
N LEU L 107 -20.91 8.61 -4.35
CA LEU L 107 -21.87 9.27 -3.47
C LEU L 107 -21.27 10.49 -2.78
N GLN L 108 -20.02 10.38 -2.31
CA GLN L 108 -19.39 11.55 -1.74
C GLN L 108 -19.26 12.67 -2.76
N GLU L 109 -18.84 12.36 -4.00
CA GLU L 109 -18.72 13.43 -4.99
C GLU L 109 -20.07 14.07 -5.30
N CYS L 110 -21.13 13.25 -5.32
CA CYS L 110 -22.49 13.75 -5.45
C CYS L 110 -22.79 14.79 -4.38
N LEU L 111 -22.52 14.43 -3.13
CA LEU L 111 -22.73 15.37 -2.03
C LEU L 111 -21.92 16.64 -2.25
N MET L 112 -20.66 16.50 -2.67
CA MET L 112 -19.82 17.67 -2.87
C MET L 112 -20.41 18.61 -3.92
N TRP L 113 -20.96 18.05 -5.00
CA TRP L 113 -21.50 18.90 -6.07
C TRP L 113 -22.76 19.63 -5.61
N LEU L 114 -23.66 18.90 -4.94
CA LEU L 114 -24.82 19.55 -4.34
C LEU L 114 -24.37 20.63 -3.36
N GLY L 115 -23.28 20.37 -2.64
CA GLY L 115 -22.76 21.38 -1.74
C GLY L 115 -22.26 22.62 -2.45
N LYS L 116 -21.56 22.44 -3.56
CA LYS L 116 -21.13 23.59 -4.35
C LYS L 116 -22.32 24.46 -4.70
N ARG L 117 -23.43 23.83 -5.10
CA ARG L 117 -24.66 24.61 -5.32
C ARG L 117 -25.07 25.39 -4.06
N THR L 118 -25.04 24.74 -2.90
CA THR L 118 -25.43 25.41 -1.66
C THR L 118 -24.50 26.58 -1.30
N LEU L 119 -23.19 26.39 -1.50
CA LEU L 119 -22.22 27.42 -1.19
C LEU L 119 -22.28 28.58 -2.17
N ASP L 120 -22.65 28.31 -3.41
CA ASP L 120 -22.80 29.42 -4.34
C ASP L 120 -24.09 30.19 -4.08
N ARG L 121 -25.19 29.48 -3.73
CA ARG L 121 -26.40 30.17 -3.28
C ARG L 121 -26.17 30.97 -1.99
N GLU L 122 -25.20 30.55 -1.14
CA GLU L 122 -24.87 31.31 0.08
C GLU L 122 -23.91 32.45 -0.18
N VAL L 123 -23.07 32.36 -1.22
CA VAL L 123 -22.30 33.52 -1.66
C VAL L 123 -23.23 34.56 -2.29
N LYS L 124 -24.47 34.19 -2.57
CA LYS L 124 -25.52 35.08 -3.03
C LYS L 124 -26.59 35.35 -1.96
N GLY L 125 -26.48 34.72 -0.78
CA GLY L 125 -27.42 34.90 0.33
C GLY L 125 -28.78 34.26 0.15
N ILE L 126 -29.01 33.57 -0.96
CA ILE L 126 -30.32 33.12 -1.35
C ILE L 126 -30.56 31.66 -1.00
N GLU L 127 -29.76 31.08 -0.11
CA GLU L 127 -29.91 29.65 0.16
C GLU L 127 -31.23 29.40 0.89
N GLY L 128 -31.85 28.24 0.63
CA GLY L 128 -33.10 27.86 1.26
C GLY L 128 -34.29 28.69 0.83
N THR L 129 -34.11 29.57 -0.16
CA THR L 129 -35.14 30.45 -0.69
C THR L 129 -35.44 30.08 -2.14
N SER L 130 -36.49 30.68 -2.68
CA SER L 130 -36.97 30.39 -4.02
C SER L 130 -36.30 31.21 -5.11
N GLU L 131 -35.37 32.09 -4.77
CA GLU L 131 -34.74 32.91 -5.80
C GLU L 131 -33.71 32.09 -6.56
N ILE L 132 -33.76 32.15 -7.88
CA ILE L 132 -32.85 31.40 -8.75
C ILE L 132 -31.36 31.74 -8.52
ZN ZN Q . 14.90 -10.58 12.62
ZN ZN R . -14.97 10.72 -12.88
#